data_2HNE
#
_entry.id   2HNE
#
_cell.length_a   130.633
_cell.length_b   130.633
_cell.length_c   195.829
_cell.angle_alpha   90.00
_cell.angle_beta   90.00
_cell.angle_gamma   120.00
#
_symmetry.space_group_name_H-M   'P 32 2 1'
#
loop_
_entity.id
_entity.type
_entity.pdbx_description
1 polymer 'L-fuconate dehydratase'
2 non-polymer 'MAGNESIUM ION'
3 water water
#
_entity_poly.entity_id   1
_entity_poly.type   'polypeptide(L)'
_entity_poly.pdbx_seq_one_letter_code
;MRTIIALETHDVRFPTSRELDGSDAMNPDPDYSAAYVVLRTDGAEDLAGYGLVFTIGRGNDVQTAAVAALAEHVVGLSVD
KVIADLGAFARRLTNDSQLRWLGPEKGVMHMAIGAVINAAWDLAARAANKPLWRFIAELTPEQLVDTIDFRYLSDALTRD
EALAILRDAQPQRAARTATLIEQGYPAYTTSPGWLGYSDEKLVRLAKEAVADGFRTIKLKVGANVQDDIRRCRLARAAIG
PDIAMAVDANQRWDVGPAIDWMRQLAEFDIAWIEEPTSPDDVLGHAAIRQGITPVPVSTGEHTQNRVVFKQLLQAGAVDL
IQIDAARVGGVNENLAILLLAAKFGVRVFPHAGGVGLCELVQHLAMADFVAITGKMEDRAIEFVDHLHQHFLDPVRIQHG
RYLAPEVPGFSAEMHPASIAEFSYPDGRFWVEDLAA
;
_entity_poly.pdbx_strand_id   A,B,C,D
#
loop_
_chem_comp.id
_chem_comp.type
_chem_comp.name
_chem_comp.formula
MG non-polymer 'MAGNESIUM ION' 'Mg 2'
#
# COMPACT_ATOMS: atom_id res chain seq x y z
N MET A 1 2.31 -54.25 -18.10
CA MET A 1 2.57 -52.91 -18.71
C MET A 1 2.14 -51.81 -17.76
N ARG A 2 3.12 -51.15 -17.14
CA ARG A 2 2.81 -50.06 -16.22
C ARG A 2 2.22 -48.85 -16.96
N THR A 3 1.27 -48.19 -16.33
CA THR A 3 0.63 -47.03 -16.93
C THR A 3 0.43 -45.92 -15.90
N ILE A 4 0.19 -44.71 -16.38
CA ILE A 4 -0.06 -43.59 -15.49
C ILE A 4 -1.51 -43.74 -15.07
N ILE A 5 -1.73 -43.89 -13.77
CA ILE A 5 -3.07 -44.08 -13.24
C ILE A 5 -3.73 -42.82 -12.71
N ALA A 6 -2.94 -41.77 -12.49
CA ALA A 6 -3.51 -40.53 -11.99
C ALA A 6 -2.56 -39.35 -12.03
N LEU A 7 -3.12 -38.17 -12.22
CA LEU A 7 -2.36 -36.93 -12.24
C LEU A 7 -2.93 -36.11 -11.10
N GLU A 8 -2.38 -36.27 -9.90
CA GLU A 8 -2.90 -35.50 -8.78
C GLU A 8 -2.26 -34.12 -8.70
N THR A 9 -3.09 -33.15 -8.34
CA THR A 9 -2.66 -31.76 -8.21
C THR A 9 -2.84 -31.29 -6.78
N HIS A 10 -1.86 -30.55 -6.26
CA HIS A 10 -1.94 -30.03 -4.90
C HIS A 10 -1.71 -28.52 -4.86
N ASP A 11 -2.63 -27.82 -4.22
CA ASP A 11 -2.52 -26.37 -4.07
C ASP A 11 -1.73 -26.19 -2.77
N VAL A 12 -0.43 -25.95 -2.89
CA VAL A 12 0.43 -25.76 -1.73
C VAL A 12 0.85 -24.30 -1.61
N ARG A 13 0.58 -23.68 -0.46
CA ARG A 13 0.95 -22.29 -0.24
C ARG A 13 1.68 -22.07 1.08
N PHE A 14 2.80 -21.35 1.01
CA PHE A 14 3.60 -21.06 2.19
C PHE A 14 3.38 -19.61 2.64
N PRO A 15 3.06 -19.42 3.93
CA PRO A 15 2.82 -18.09 4.49
C PRO A 15 4.10 -17.25 4.57
N THR A 16 4.92 -17.34 3.53
CA THR A 16 6.18 -16.61 3.45
C THR A 16 6.02 -15.10 3.58
N SER A 17 4.77 -14.64 3.52
CA SER A 17 4.50 -13.21 3.63
C SER A 17 4.56 -12.77 5.10
N ARG A 18 4.49 -13.73 6.00
CA ARG A 18 4.53 -13.45 7.44
C ARG A 18 5.96 -13.50 7.97
N GLU A 19 6.91 -13.88 7.11
CA GLU A 19 8.31 -13.96 7.50
C GLU A 19 9.14 -12.85 6.86
N PRO A 28 6.39 -6.96 -3.84
CA PRO A 28 5.32 -6.81 -2.84
C PRO A 28 5.40 -7.86 -1.72
N ASP A 29 4.26 -8.44 -1.36
CA ASP A 29 4.22 -9.44 -0.29
C ASP A 29 3.83 -10.83 -0.82
N PRO A 30 4.71 -11.43 -1.64
CA PRO A 30 4.44 -12.76 -2.21
C PRO A 30 4.38 -13.90 -1.20
N ASP A 31 3.32 -14.69 -1.30
CA ASP A 31 3.16 -15.86 -0.45
C ASP A 31 3.52 -17.01 -1.39
N TYR A 32 4.78 -17.40 -1.38
CA TYR A 32 5.23 -18.48 -2.25
C TYR A 32 4.30 -19.67 -2.22
N SER A 33 3.96 -20.16 -3.41
CA SER A 33 3.06 -21.29 -3.53
C SER A 33 3.52 -22.17 -4.68
N ALA A 34 2.89 -23.33 -4.80
CA ALA A 34 3.24 -24.22 -5.89
C ALA A 34 2.06 -25.08 -6.27
N ALA A 35 1.86 -25.24 -7.57
CA ALA A 35 0.81 -26.13 -8.03
C ALA A 35 1.63 -27.41 -8.15
N TYR A 36 1.49 -28.27 -7.15
CA TYR A 36 2.23 -29.53 -7.05
C TYR A 36 1.58 -30.62 -7.89
N VAL A 37 2.33 -31.16 -8.84
CA VAL A 37 1.82 -32.19 -9.73
C VAL A 37 2.51 -33.52 -9.51
N VAL A 38 1.71 -34.58 -9.46
CA VAL A 38 2.25 -35.92 -9.26
C VAL A 38 1.68 -36.85 -10.31
N LEU A 39 2.58 -37.57 -10.96
CA LEU A 39 2.22 -38.53 -12.00
C LEU A 39 2.33 -39.92 -11.36
N ARG A 40 1.19 -40.49 -11.01
CA ARG A 40 1.15 -41.81 -10.36
C ARG A 40 1.09 -42.96 -11.37
N THR A 41 1.71 -44.08 -11.01
CA THR A 41 1.75 -45.26 -11.85
C THR A 41 1.42 -46.51 -11.03
N ASP A 42 1.24 -47.63 -11.71
CA ASP A 42 0.92 -48.89 -11.06
C ASP A 42 2.14 -49.79 -11.01
N GLY A 43 3.32 -49.20 -11.23
CA GLY A 43 4.55 -49.96 -11.20
C GLY A 43 5.13 -50.05 -9.81
N ALA A 44 6.46 -50.13 -9.71
CA ALA A 44 7.12 -50.20 -8.41
C ALA A 44 6.64 -49.04 -7.57
N GLU A 45 6.27 -49.32 -6.33
CA GLU A 45 5.77 -48.29 -5.41
C GLU A 45 6.51 -46.96 -5.51
N ASP A 46 7.80 -47.01 -5.83
CA ASP A 46 8.62 -45.82 -5.94
C ASP A 46 8.51 -45.06 -7.28
N LEU A 47 7.74 -45.61 -8.22
CA LEU A 47 7.62 -44.96 -9.52
C LEU A 47 6.53 -43.91 -9.63
N ALA A 48 6.96 -42.66 -9.68
CA ALA A 48 6.08 -41.51 -9.80
C ALA A 48 6.90 -40.34 -10.30
N GLY A 49 6.25 -39.44 -11.03
CA GLY A 49 6.93 -38.26 -11.52
C GLY A 49 6.43 -37.07 -10.72
N TYR A 50 7.32 -36.18 -10.35
CA TYR A 50 6.93 -35.00 -9.58
C TYR A 50 7.27 -33.73 -10.30
N GLY A 51 6.38 -32.75 -10.22
CA GLY A 51 6.63 -31.46 -10.87
C GLY A 51 5.88 -30.34 -10.17
N LEU A 52 6.15 -29.10 -10.55
CA LEU A 52 5.45 -27.99 -9.93
C LEU A 52 5.56 -26.69 -10.69
N VAL A 53 4.56 -25.83 -10.53
CA VAL A 53 4.55 -24.51 -11.15
C VAL A 53 4.65 -23.57 -9.96
N PHE A 54 5.58 -22.62 -10.00
CA PHE A 54 5.75 -21.67 -8.93
C PHE A 54 4.83 -20.46 -9.11
N THR A 55 4.00 -20.24 -8.09
CA THR A 55 3.02 -19.16 -8.03
C THR A 55 3.31 -18.35 -6.77
N ILE A 56 2.71 -17.17 -6.63
CA ILE A 56 2.95 -16.35 -5.43
C ILE A 56 1.72 -16.01 -4.63
N GLY A 57 0.84 -16.98 -4.44
CA GLY A 57 -0.37 -16.76 -3.67
C GLY A 57 -1.61 -16.73 -4.55
N ARG A 58 -2.17 -15.53 -4.73
CA ARG A 58 -3.35 -15.36 -5.55
C ARG A 58 -3.12 -16.04 -6.90
N GLY A 59 -4.05 -16.90 -7.30
CA GLY A 59 -3.90 -17.55 -8.59
C GLY A 59 -3.38 -18.98 -8.57
N ASN A 60 -2.91 -19.45 -7.43
CA ASN A 60 -2.40 -20.81 -7.39
C ASN A 60 -3.54 -21.77 -7.65
N ASP A 61 -4.74 -21.36 -7.27
CA ASP A 61 -5.92 -22.17 -7.48
C ASP A 61 -6.26 -22.29 -8.97
N VAL A 62 -6.12 -21.19 -9.71
CA VAL A 62 -6.40 -21.23 -11.14
C VAL A 62 -5.30 -22.05 -11.83
N GLN A 63 -4.07 -21.92 -11.33
CA GLN A 63 -2.95 -22.66 -11.90
C GLN A 63 -3.15 -24.16 -11.67
N THR A 64 -3.74 -24.51 -10.52
CA THR A 64 -3.99 -25.90 -10.20
C THR A 64 -5.08 -26.46 -11.10
N ALA A 65 -6.11 -25.66 -11.35
CA ALA A 65 -7.21 -26.08 -12.21
C ALA A 65 -6.66 -26.37 -13.62
N ALA A 66 -5.75 -25.53 -14.07
CA ALA A 66 -5.13 -25.68 -15.38
C ALA A 66 -4.37 -27.01 -15.46
N VAL A 67 -3.59 -27.31 -14.43
CA VAL A 67 -2.83 -28.56 -14.41
C VAL A 67 -3.78 -29.76 -14.35
N ALA A 68 -4.80 -29.66 -13.51
CA ALA A 68 -5.78 -30.74 -13.39
C ALA A 68 -6.55 -30.98 -14.69
N ALA A 69 -6.64 -29.96 -15.53
CA ALA A 69 -7.35 -30.09 -16.80
C ALA A 69 -6.58 -30.94 -17.83
N LEU A 70 -5.37 -31.35 -17.47
CA LEU A 70 -4.56 -32.15 -18.37
C LEU A 70 -4.65 -33.65 -18.11
N ALA A 71 -5.34 -34.02 -17.04
CA ALA A 71 -5.50 -35.41 -16.66
C ALA A 71 -5.92 -36.32 -17.82
N GLU A 72 -6.96 -35.93 -18.55
CA GLU A 72 -7.44 -36.72 -19.68
C GLU A 72 -6.34 -37.09 -20.68
N HIS A 73 -5.41 -36.16 -20.88
CA HIS A 73 -4.31 -36.39 -21.81
C HIS A 73 -3.29 -37.39 -21.30
N VAL A 74 -3.21 -37.56 -19.99
CA VAL A 74 -2.20 -38.44 -19.43
C VAL A 74 -2.61 -39.74 -18.75
N VAL A 75 -3.76 -39.75 -18.07
CA VAL A 75 -4.20 -40.96 -17.40
C VAL A 75 -4.45 -42.06 -18.43
N GLY A 76 -3.87 -43.24 -18.18
CA GLY A 76 -4.04 -44.35 -19.10
C GLY A 76 -2.85 -44.57 -20.02
N LEU A 77 -1.96 -43.59 -20.10
CA LEU A 77 -0.79 -43.71 -20.96
C LEU A 77 0.23 -44.70 -20.43
N SER A 78 0.81 -45.49 -21.34
CA SER A 78 1.82 -46.46 -20.99
C SER A 78 3.07 -45.71 -20.56
N VAL A 79 3.64 -46.07 -19.42
CA VAL A 79 4.84 -45.41 -18.92
C VAL A 79 6.04 -45.54 -19.86
N ASP A 80 6.25 -46.73 -20.40
CA ASP A 80 7.38 -46.94 -21.30
C ASP A 80 7.23 -46.11 -22.57
N LYS A 81 6.00 -45.98 -23.07
CA LYS A 81 5.77 -45.18 -24.27
C LYS A 81 6.14 -43.73 -23.99
N VAL A 82 5.73 -43.24 -22.82
CA VAL A 82 6.02 -41.86 -22.42
C VAL A 82 7.53 -41.63 -22.29
N ILE A 83 8.16 -42.45 -21.47
CA ILE A 83 9.59 -42.36 -21.23
C ILE A 83 10.44 -42.60 -22.46
N ALA A 84 9.92 -43.38 -23.40
CA ALA A 84 10.63 -43.69 -24.64
C ALA A 84 10.58 -42.53 -25.64
N ASP A 85 9.54 -41.70 -25.57
CA ASP A 85 9.41 -40.57 -26.47
C ASP A 85 8.88 -39.35 -25.75
N LEU A 86 9.74 -38.71 -24.94
CA LEU A 86 9.33 -37.53 -24.19
C LEU A 86 8.91 -36.41 -25.15
N GLY A 87 9.50 -36.39 -26.34
CA GLY A 87 9.15 -35.37 -27.33
C GLY A 87 7.71 -35.50 -27.80
N ALA A 88 7.30 -36.72 -28.10
CA ALA A 88 5.93 -36.97 -28.55
C ALA A 88 4.95 -36.66 -27.40
N PHE A 89 5.36 -36.97 -26.18
CA PHE A 89 4.49 -36.73 -25.01
C PHE A 89 4.26 -35.22 -24.81
N ALA A 90 5.33 -34.43 -24.87
CA ALA A 90 5.18 -32.99 -24.72
C ALA A 90 4.28 -32.45 -25.83
N ARG A 91 4.54 -32.90 -27.06
CA ARG A 91 3.74 -32.43 -28.17
C ARG A 91 2.28 -32.87 -28.14
N ARG A 92 1.94 -33.93 -27.40
CA ARG A 92 0.55 -34.35 -27.30
C ARG A 92 -0.19 -33.25 -26.54
N LEU A 93 0.52 -32.60 -25.64
CA LEU A 93 -0.03 -31.52 -24.83
C LEU A 93 0.03 -30.18 -25.56
N THR A 94 1.20 -29.84 -26.07
CA THR A 94 1.40 -28.58 -26.76
C THR A 94 0.63 -28.47 -28.08
N ASN A 95 0.37 -29.62 -28.72
CA ASN A 95 -0.36 -29.62 -29.99
C ASN A 95 -1.88 -29.67 -29.88
N ASP A 96 -2.42 -29.68 -28.67
CA ASP A 96 -3.88 -29.69 -28.53
C ASP A 96 -4.32 -28.27 -28.91
N SER A 97 -4.88 -28.11 -30.11
CA SER A 97 -5.30 -26.80 -30.61
C SER A 97 -6.24 -26.03 -29.69
N GLN A 98 -7.08 -26.75 -28.97
CA GLN A 98 -8.04 -26.11 -28.08
C GLN A 98 -7.33 -25.51 -26.86
N LEU A 99 -6.35 -26.24 -26.33
CA LEU A 99 -5.57 -25.71 -25.21
C LEU A 99 -4.64 -24.62 -25.75
N ARG A 100 -4.20 -24.74 -27.01
CA ARG A 100 -3.33 -23.73 -27.59
C ARG A 100 -4.03 -22.36 -27.62
N TRP A 101 -5.35 -22.37 -27.81
CA TRP A 101 -6.12 -21.13 -27.86
C TRP A 101 -5.97 -20.29 -26.58
N LEU A 102 -5.83 -20.96 -25.45
CA LEU A 102 -5.65 -20.25 -24.17
C LEU A 102 -4.29 -19.57 -24.09
N GLY A 103 -3.42 -19.85 -25.07
CA GLY A 103 -2.11 -19.23 -25.09
C GLY A 103 -1.96 -18.36 -26.34
N PRO A 104 -1.22 -18.83 -27.35
CA PRO A 104 -0.52 -20.12 -27.41
C PRO A 104 0.89 -20.10 -26.80
N GLU A 105 1.21 -21.18 -26.09
CA GLU A 105 2.53 -21.33 -25.48
C GLU A 105 2.97 -20.14 -24.62
N LYS A 106 2.06 -19.70 -23.77
CA LYS A 106 2.32 -18.60 -22.85
C LYS A 106 1.31 -18.66 -21.71
N GLY A 107 1.62 -17.96 -20.62
CA GLY A 107 0.71 -17.93 -19.49
C GLY A 107 0.41 -19.22 -18.75
N VAL A 108 -0.64 -19.15 -17.93
CA VAL A 108 -1.10 -20.25 -17.09
C VAL A 108 -1.18 -21.62 -17.76
N MET A 109 -1.84 -21.70 -18.90
CA MET A 109 -1.99 -22.98 -19.59
C MET A 109 -0.63 -23.57 -20.00
N HIS A 110 0.28 -22.74 -20.49
CA HIS A 110 1.57 -23.27 -20.90
C HIS A 110 2.39 -23.71 -19.67
N MET A 111 2.31 -22.96 -18.59
CA MET A 111 3.04 -23.33 -17.39
C MET A 111 2.50 -24.64 -16.83
N ALA A 112 1.19 -24.87 -16.98
CA ALA A 112 0.61 -26.10 -16.49
C ALA A 112 1.15 -27.27 -17.31
N ILE A 113 1.20 -27.08 -18.63
CA ILE A 113 1.72 -28.12 -19.50
C ILE A 113 3.19 -28.37 -19.16
N GLY A 114 3.92 -27.30 -18.88
CA GLY A 114 5.32 -27.43 -18.53
C GLY A 114 5.58 -28.28 -17.29
N ALA A 115 4.68 -28.20 -16.30
CA ALA A 115 4.85 -28.96 -15.07
C ALA A 115 4.57 -30.44 -15.25
N VAL A 116 3.63 -30.75 -16.14
CA VAL A 116 3.30 -32.13 -16.42
C VAL A 116 4.43 -32.75 -17.22
N ILE A 117 4.99 -31.95 -18.14
CA ILE A 117 6.11 -32.38 -18.95
C ILE A 117 7.30 -32.63 -18.01
N ASN A 118 7.55 -31.68 -17.12
CA ASN A 118 8.65 -31.83 -16.18
C ASN A 118 8.52 -33.10 -15.33
N ALA A 119 7.29 -33.42 -14.91
CA ALA A 119 7.05 -34.59 -14.09
C ALA A 119 7.35 -35.84 -14.88
N ALA A 120 7.09 -35.77 -16.19
CA ALA A 120 7.35 -36.89 -17.08
C ALA A 120 8.86 -37.12 -17.14
N TRP A 121 9.64 -36.05 -17.27
CA TRP A 121 11.08 -36.19 -17.31
C TRP A 121 11.60 -36.71 -15.98
N ASP A 122 10.95 -36.27 -14.90
CA ASP A 122 11.32 -36.70 -13.57
C ASP A 122 11.14 -38.20 -13.53
N LEU A 123 9.98 -38.64 -13.98
CA LEU A 123 9.63 -40.06 -14.03
C LEU A 123 10.67 -40.85 -14.85
N ALA A 124 11.05 -40.30 -16.00
CA ALA A 124 12.03 -40.95 -16.87
C ALA A 124 13.38 -41.14 -16.20
N ALA A 125 13.85 -40.10 -15.52
CA ALA A 125 15.13 -40.15 -14.82
C ALA A 125 15.05 -41.15 -13.66
N ARG A 126 13.89 -41.19 -13.00
CA ARG A 126 13.70 -42.10 -11.88
C ARG A 126 13.83 -43.53 -12.40
N ALA A 127 13.07 -43.85 -13.44
CA ALA A 127 13.10 -45.19 -14.03
C ALA A 127 14.50 -45.60 -14.48
N ALA A 128 15.30 -44.64 -14.92
CA ALA A 128 16.67 -44.90 -15.38
C ALA A 128 17.65 -44.77 -14.21
N ASN A 129 17.11 -44.53 -13.02
CA ASN A 129 17.89 -44.38 -11.80
C ASN A 129 19.05 -43.40 -11.97
N LYS A 130 18.74 -42.19 -12.44
CA LYS A 130 19.76 -41.16 -12.62
C LYS A 130 19.25 -39.77 -12.28
N PRO A 131 20.15 -38.89 -11.80
CA PRO A 131 19.69 -37.54 -11.47
C PRO A 131 19.38 -36.94 -12.85
N LEU A 132 18.37 -36.09 -12.96
CA LEU A 132 18.01 -35.54 -14.26
C LEU A 132 19.17 -35.02 -15.12
N TRP A 133 20.07 -34.23 -14.53
CA TRP A 133 21.16 -33.71 -15.34
C TRP A 133 21.92 -34.84 -16.03
N ARG A 134 22.07 -35.97 -15.34
CA ARG A 134 22.78 -37.11 -15.93
C ARG A 134 21.92 -37.80 -16.98
N PHE A 135 20.63 -37.96 -16.68
CA PHE A 135 19.72 -38.58 -17.64
C PHE A 135 19.80 -37.81 -18.96
N ILE A 136 19.75 -36.49 -18.86
CA ILE A 136 19.80 -35.61 -20.01
C ILE A 136 21.12 -35.69 -20.77
N ALA A 137 22.21 -35.48 -20.06
CA ALA A 137 23.53 -35.48 -20.66
C ALA A 137 23.95 -36.83 -21.25
N GLU A 138 23.31 -37.90 -20.82
CA GLU A 138 23.67 -39.23 -21.31
C GLU A 138 22.76 -39.77 -22.41
N LEU A 139 21.89 -38.93 -22.92
CA LEU A 139 21.00 -39.33 -24.02
C LEU A 139 21.85 -39.08 -25.27
N THR A 140 21.58 -39.80 -26.36
CA THR A 140 22.35 -39.59 -27.58
C THR A 140 21.90 -38.30 -28.24
N PRO A 141 22.75 -37.70 -29.07
CA PRO A 141 22.40 -36.45 -29.76
C PRO A 141 21.05 -36.58 -30.47
N GLU A 142 20.78 -37.78 -31.00
CA GLU A 142 19.52 -38.03 -31.71
C GLU A 142 18.34 -38.07 -30.76
N GLN A 143 18.53 -38.70 -29.61
CA GLN A 143 17.47 -38.80 -28.62
C GLN A 143 17.15 -37.41 -28.07
N LEU A 144 18.19 -36.62 -27.87
CA LEU A 144 18.04 -35.27 -27.35
C LEU A 144 17.29 -34.39 -28.35
N VAL A 145 17.80 -34.33 -29.58
CA VAL A 145 17.20 -33.51 -30.62
C VAL A 145 15.72 -33.85 -30.88
N ASP A 146 15.35 -35.11 -30.70
CA ASP A 146 13.96 -35.50 -30.92
C ASP A 146 12.97 -35.03 -29.86
N THR A 147 13.47 -34.48 -28.75
CA THR A 147 12.55 -34.01 -27.72
C THR A 147 12.16 -32.56 -27.97
N ILE A 148 12.89 -31.87 -28.84
CA ILE A 148 12.56 -30.46 -29.07
C ILE A 148 11.61 -30.18 -30.24
N ASP A 149 10.82 -29.13 -30.09
CA ASP A 149 9.85 -28.69 -31.10
C ASP A 149 10.54 -27.64 -31.98
N PHE A 150 10.89 -28.03 -33.20
CA PHE A 150 11.59 -27.11 -34.12
C PHE A 150 10.70 -26.14 -34.87
N ARG A 151 9.40 -26.27 -34.68
CA ARG A 151 8.47 -25.36 -35.31
C ARG A 151 8.80 -23.93 -34.86
N TYR A 152 8.81 -23.01 -35.83
CA TYR A 152 9.10 -21.59 -35.61
C TYR A 152 10.57 -21.30 -35.33
N LEU A 153 11.42 -22.31 -35.42
CA LEU A 153 12.84 -22.10 -35.14
C LEU A 153 13.74 -22.38 -36.34
N SER A 154 13.20 -22.98 -37.39
CA SER A 154 14.00 -23.32 -38.56
C SER A 154 14.82 -22.17 -39.14
N ASP A 155 14.43 -20.93 -38.85
CA ASP A 155 15.18 -19.79 -39.36
C ASP A 155 16.40 -19.46 -38.49
N ALA A 156 16.49 -20.08 -37.32
CA ALA A 156 17.62 -19.82 -36.42
C ALA A 156 18.32 -21.09 -35.91
N LEU A 157 17.59 -22.20 -35.84
CA LEU A 157 18.17 -23.44 -35.36
C LEU A 157 17.50 -24.63 -36.00
N THR A 158 18.20 -25.28 -36.93
CA THR A 158 17.66 -26.45 -37.62
C THR A 158 18.01 -27.70 -36.84
N ARG A 159 17.30 -28.80 -37.12
CA ARG A 159 17.55 -30.05 -36.44
C ARG A 159 19.02 -30.46 -36.62
N ASP A 160 19.53 -30.23 -37.83
CA ASP A 160 20.92 -30.59 -38.16
C ASP A 160 21.93 -29.75 -37.40
N GLU A 161 21.66 -28.46 -37.26
CA GLU A 161 22.54 -27.55 -36.55
C GLU A 161 22.56 -27.96 -35.07
N ALA A 162 21.41 -28.39 -34.58
CA ALA A 162 21.31 -28.82 -33.20
C ALA A 162 22.17 -30.08 -33.02
N LEU A 163 22.09 -30.98 -34.00
CA LEU A 163 22.85 -32.24 -33.97
C LEU A 163 24.35 -32.03 -33.99
N ALA A 164 24.83 -31.08 -34.79
CA ALA A 164 26.26 -30.82 -34.86
C ALA A 164 26.78 -30.36 -33.50
N ILE A 165 26.04 -29.48 -32.84
CA ILE A 165 26.43 -28.98 -31.53
C ILE A 165 26.52 -30.13 -30.53
N LEU A 166 25.47 -30.93 -30.46
CA LEU A 166 25.43 -32.06 -29.54
C LEU A 166 26.48 -33.12 -29.87
N ARG A 167 26.81 -33.26 -31.16
CA ARG A 167 27.80 -34.26 -31.56
C ARG A 167 29.23 -33.81 -31.25
N ASP A 168 29.51 -32.52 -31.43
CA ASP A 168 30.84 -32.02 -31.13
C ASP A 168 31.15 -32.21 -29.65
N ALA A 169 30.17 -31.91 -28.81
CA ALA A 169 30.32 -32.02 -27.36
C ALA A 169 30.37 -33.47 -26.89
N GLN A 170 29.84 -34.36 -27.71
CA GLN A 170 29.79 -35.79 -27.41
C GLN A 170 31.07 -36.35 -26.79
N PRO A 171 32.23 -36.13 -27.43
CA PRO A 171 33.52 -36.62 -26.94
C PRO A 171 33.97 -36.15 -25.55
N GLN A 172 33.61 -34.92 -25.18
CA GLN A 172 34.01 -34.35 -23.90
C GLN A 172 33.08 -34.62 -22.73
N ARG A 173 31.94 -35.28 -22.98
CA ARG A 173 30.98 -35.56 -21.93
C ARG A 173 31.52 -36.27 -20.68
N ALA A 174 32.35 -37.28 -20.89
CA ALA A 174 32.93 -38.02 -19.77
C ALA A 174 33.79 -37.12 -18.89
N ALA A 175 34.65 -36.31 -19.52
CA ALA A 175 35.53 -35.42 -18.78
C ALA A 175 34.75 -34.34 -18.03
N ARG A 176 33.73 -33.77 -18.69
CA ARG A 176 32.91 -32.74 -18.08
C ARG A 176 32.15 -33.27 -16.89
N THR A 177 31.63 -34.49 -17.00
CA THR A 177 30.88 -35.10 -15.92
C THR A 177 31.76 -35.27 -14.68
N ALA A 178 32.99 -35.71 -14.88
CA ALA A 178 33.91 -35.90 -13.76
C ALA A 178 34.23 -34.55 -13.14
N THR A 179 34.44 -33.54 -13.98
CA THR A 179 34.76 -32.18 -13.53
C THR A 179 33.64 -31.59 -12.65
N LEU A 180 32.41 -31.75 -13.11
CA LEU A 180 31.24 -31.24 -12.40
C LEU A 180 31.04 -31.94 -11.06
N ILE A 181 31.19 -33.26 -11.08
CA ILE A 181 31.00 -34.07 -9.89
C ILE A 181 31.98 -33.76 -8.76
N GLU A 182 33.16 -33.27 -9.13
CA GLU A 182 34.15 -32.96 -8.11
C GLU A 182 34.26 -31.47 -7.81
N GLN A 183 33.99 -30.63 -8.82
CA GLN A 183 34.08 -29.19 -8.66
C GLN A 183 32.80 -28.41 -8.40
N GLY A 184 31.65 -28.96 -8.78
CA GLY A 184 30.39 -28.25 -8.57
C GLY A 184 30.21 -27.15 -9.61
N TYR A 185 29.05 -26.51 -9.58
CA TYR A 185 28.71 -25.44 -10.54
C TYR A 185 28.59 -24.10 -9.81
N PRO A 186 29.17 -23.02 -10.38
CA PRO A 186 29.12 -21.69 -9.76
C PRO A 186 27.71 -21.21 -9.45
N ALA A 187 27.58 -20.43 -8.39
CA ALA A 187 26.28 -19.89 -7.99
C ALA A 187 26.45 -18.40 -7.69
N TYR A 188 25.36 -17.64 -7.80
CA TYR A 188 25.42 -16.22 -7.48
C TYR A 188 24.28 -15.94 -6.52
N THR A 189 24.41 -14.90 -5.71
CA THR A 189 23.38 -14.58 -4.73
C THR A 189 22.70 -13.23 -4.90
N THR A 190 21.43 -13.21 -4.57
CA THR A 190 20.62 -12.01 -4.66
C THR A 190 20.20 -11.58 -3.25
N SER A 191 20.50 -12.42 -2.27
CA SER A 191 20.15 -12.17 -0.88
C SER A 191 20.49 -10.77 -0.33
N PRO A 192 21.60 -10.16 -0.77
CA PRO A 192 21.97 -8.83 -0.27
C PRO A 192 21.33 -7.62 -0.97
N GLY A 193 20.69 -7.86 -2.11
CA GLY A 193 20.15 -6.74 -2.87
C GLY A 193 18.73 -6.24 -2.74
N TRP A 194 17.97 -6.74 -1.77
CA TRP A 194 16.59 -6.29 -1.59
C TRP A 194 16.51 -4.79 -1.35
N LEU A 195 15.57 -4.13 -2.02
CA LEU A 195 15.39 -2.69 -1.91
C LEU A 195 15.09 -2.15 -0.51
N GLY A 196 14.36 -2.92 0.28
CA GLY A 196 14.02 -2.46 1.63
C GLY A 196 15.16 -2.47 2.63
N TYR A 197 16.27 -3.10 2.25
CA TYR A 197 17.45 -3.20 3.11
C TYR A 197 18.21 -1.89 3.26
N SER A 198 18.65 -1.62 4.48
CA SER A 198 19.41 -0.39 4.76
C SER A 198 20.79 -0.51 4.10
N ASP A 199 21.47 0.61 3.96
CA ASP A 199 22.81 0.61 3.38
C ASP A 199 23.74 -0.30 4.17
N GLU A 200 23.67 -0.24 5.51
CA GLU A 200 24.53 -1.08 6.34
C GLU A 200 24.23 -2.57 6.17
N LYS A 201 22.95 -2.92 6.09
CA LYS A 201 22.60 -4.33 5.89
C LYS A 201 23.11 -4.81 4.53
N LEU A 202 23.04 -3.92 3.55
CA LEU A 202 23.48 -4.23 2.19
C LEU A 202 24.97 -4.56 2.17
N VAL A 203 25.80 -3.70 2.74
CA VAL A 203 27.23 -3.95 2.76
C VAL A 203 27.57 -5.16 3.63
N ARG A 204 26.86 -5.31 4.74
CA ARG A 204 27.10 -6.44 5.64
C ARG A 204 26.81 -7.77 4.94
N LEU A 205 25.67 -7.86 4.27
CA LEU A 205 25.29 -9.08 3.56
C LEU A 205 26.17 -9.30 2.35
N ALA A 206 26.64 -8.21 1.76
CA ALA A 206 27.50 -8.32 0.59
C ALA A 206 28.80 -8.98 1.06
N LYS A 207 29.35 -8.48 2.17
CA LYS A 207 30.58 -9.02 2.71
C LYS A 207 30.46 -10.50 3.12
N GLU A 208 29.33 -10.86 3.71
CA GLU A 208 29.12 -12.24 4.12
C GLU A 208 29.04 -13.16 2.89
N ALA A 209 28.39 -12.68 1.84
CA ALA A 209 28.26 -13.45 0.61
C ALA A 209 29.64 -13.82 0.07
N VAL A 210 30.51 -12.84 -0.04
CA VAL A 210 31.86 -13.08 -0.54
C VAL A 210 32.59 -14.09 0.36
N ALA A 211 32.47 -13.89 1.67
CA ALA A 211 33.10 -14.79 2.63
C ALA A 211 32.64 -16.22 2.44
N ASP A 212 31.37 -16.39 2.06
CA ASP A 212 30.82 -17.73 1.85
C ASP A 212 31.25 -18.32 0.51
N GLY A 213 32.03 -17.56 -0.26
CA GLY A 213 32.50 -18.08 -1.54
C GLY A 213 31.83 -17.64 -2.84
N PHE A 214 30.77 -16.82 -2.75
CA PHE A 214 30.11 -16.37 -3.97
C PHE A 214 30.97 -15.37 -4.72
N ARG A 215 31.00 -15.49 -6.04
CA ARG A 215 31.82 -14.61 -6.87
C ARG A 215 31.00 -13.60 -7.68
N THR A 216 29.68 -13.66 -7.54
CA THR A 216 28.79 -12.72 -8.22
C THR A 216 27.61 -12.40 -7.31
N ILE A 217 27.26 -11.13 -7.24
CA ILE A 217 26.14 -10.69 -6.41
C ILE A 217 25.20 -9.84 -7.28
N LYS A 218 23.91 -9.84 -6.96
CA LYS A 218 22.94 -9.04 -7.72
C LYS A 218 22.07 -8.21 -6.78
N LEU A 219 21.95 -6.92 -7.08
CA LEU A 219 21.14 -6.02 -6.28
C LEU A 219 19.94 -5.52 -7.09
N LYS A 220 18.88 -5.17 -6.38
CA LYS A 220 17.68 -4.64 -7.02
C LYS A 220 17.84 -3.14 -7.13
N VAL A 221 17.28 -2.58 -8.20
CA VAL A 221 17.31 -1.15 -8.45
C VAL A 221 15.98 -0.84 -9.12
N GLY A 222 15.79 0.42 -9.49
CA GLY A 222 14.57 0.80 -10.18
C GLY A 222 13.61 1.76 -9.50
N ALA A 223 13.70 1.89 -8.18
CA ALA A 223 12.79 2.78 -7.45
C ALA A 223 13.22 4.24 -7.37
N ASN A 224 14.47 4.44 -6.98
CA ASN A 224 15.02 5.78 -6.82
C ASN A 224 16.47 5.80 -7.30
N VAL A 225 16.74 6.58 -8.34
CA VAL A 225 18.09 6.65 -8.90
C VAL A 225 19.16 7.02 -7.87
N GLN A 226 18.91 8.09 -7.11
CA GLN A 226 19.87 8.53 -6.10
C GLN A 226 20.21 7.34 -5.20
N ASP A 227 19.19 6.61 -4.77
CA ASP A 227 19.39 5.44 -3.91
C ASP A 227 20.27 4.41 -4.62
N ASP A 228 19.93 4.12 -5.88
CA ASP A 228 20.68 3.14 -6.66
C ASP A 228 22.15 3.54 -6.82
N ILE A 229 22.40 4.82 -7.07
CA ILE A 229 23.77 5.27 -7.21
C ILE A 229 24.54 5.02 -5.91
N ARG A 230 23.94 5.41 -4.79
CA ARG A 230 24.56 5.24 -3.48
C ARG A 230 24.78 3.77 -3.09
N ARG A 231 23.78 2.93 -3.32
CA ARG A 231 23.89 1.51 -3.00
C ARG A 231 24.90 0.81 -3.89
N CYS A 232 24.96 1.19 -5.17
CA CYS A 232 25.92 0.56 -6.07
C CYS A 232 27.34 0.97 -5.69
N ARG A 233 27.53 2.23 -5.32
CA ARG A 233 28.87 2.69 -4.91
C ARG A 233 29.33 1.92 -3.68
N LEU A 234 28.44 1.82 -2.69
CA LEU A 234 28.74 1.13 -1.44
C LEU A 234 28.98 -0.37 -1.60
N ALA A 235 28.20 -0.99 -2.48
CA ALA A 235 28.34 -2.42 -2.72
C ALA A 235 29.70 -2.72 -3.36
N ARG A 236 30.05 -1.93 -4.37
CA ARG A 236 31.32 -2.11 -5.06
C ARG A 236 32.49 -2.04 -4.08
N ALA A 237 32.52 -0.98 -3.27
CA ALA A 237 33.59 -0.82 -2.29
C ALA A 237 33.62 -1.99 -1.31
N ALA A 238 32.44 -2.37 -0.80
CA ALA A 238 32.35 -3.47 0.16
C ALA A 238 32.78 -4.80 -0.41
N ILE A 239 32.65 -4.94 -1.73
CA ILE A 239 32.98 -6.18 -2.39
C ILE A 239 34.36 -6.26 -3.02
N GLY A 240 34.88 -5.13 -3.47
CA GLY A 240 36.17 -5.12 -4.10
C GLY A 240 35.99 -5.13 -5.61
N PRO A 241 37.05 -4.83 -6.38
CA PRO A 241 36.98 -4.80 -7.84
C PRO A 241 36.99 -6.16 -8.55
N ASP A 242 37.05 -7.25 -7.79
CA ASP A 242 37.11 -8.57 -8.41
C ASP A 242 35.82 -9.38 -8.35
N ILE A 243 34.83 -8.91 -7.60
CA ILE A 243 33.57 -9.62 -7.50
C ILE A 243 32.57 -9.00 -8.50
N ALA A 244 31.79 -9.84 -9.16
CA ALA A 244 30.82 -9.36 -10.15
C ALA A 244 29.58 -8.84 -9.44
N MET A 245 29.06 -7.73 -9.93
CA MET A 245 27.87 -7.15 -9.35
C MET A 245 26.84 -6.83 -10.41
N ALA A 246 25.74 -7.59 -10.42
CA ALA A 246 24.66 -7.39 -11.37
C ALA A 246 23.53 -6.63 -10.68
N VAL A 247 22.63 -6.08 -11.49
CA VAL A 247 21.49 -5.30 -11.02
C VAL A 247 20.20 -5.81 -11.67
N ASP A 248 19.09 -5.72 -10.94
CA ASP A 248 17.79 -6.19 -11.43
C ASP A 248 16.71 -5.12 -11.29
N ALA A 249 16.16 -4.65 -12.42
CA ALA A 249 15.13 -3.62 -12.39
C ALA A 249 13.73 -4.21 -12.39
N ASN A 250 13.65 -5.52 -12.51
CA ASN A 250 12.36 -6.20 -12.51
C ASN A 250 11.26 -5.61 -13.39
N GLN A 251 11.61 -5.32 -14.66
CA GLN A 251 10.63 -4.83 -15.64
C GLN A 251 10.04 -3.43 -15.41
N ARG A 252 10.60 -2.66 -14.48
CA ARG A 252 10.04 -1.35 -14.15
C ARG A 252 10.07 -0.23 -15.17
N TRP A 253 11.15 -0.13 -15.95
CA TRP A 253 11.29 1.00 -16.85
C TRP A 253 10.80 0.91 -18.28
N ASP A 254 10.61 2.08 -18.88
CA ASP A 254 10.28 2.20 -20.29
C ASP A 254 11.68 2.36 -20.87
N VAL A 255 11.79 2.29 -22.19
CA VAL A 255 13.09 2.38 -22.85
C VAL A 255 13.94 3.61 -22.54
N GLY A 256 13.41 4.80 -22.80
CA GLY A 256 14.16 5.99 -22.53
C GLY A 256 14.65 6.06 -21.09
N PRO A 257 13.74 5.96 -20.12
CA PRO A 257 14.15 6.03 -18.71
C PRO A 257 15.25 5.03 -18.32
N ALA A 258 15.16 3.82 -18.86
CA ALA A 258 16.12 2.77 -18.58
C ALA A 258 17.52 3.19 -18.99
N ILE A 259 17.62 3.78 -20.18
CA ILE A 259 18.90 4.21 -20.69
C ILE A 259 19.48 5.33 -19.84
N ASP A 260 18.65 6.31 -19.50
CA ASP A 260 19.09 7.43 -18.67
C ASP A 260 19.54 6.94 -17.30
N TRP A 261 18.78 5.99 -16.75
CA TRP A 261 19.04 5.42 -15.44
C TRP A 261 20.35 4.62 -15.40
N MET A 262 20.47 3.63 -16.27
CA MET A 262 21.66 2.78 -16.31
C MET A 262 22.96 3.50 -16.60
N ARG A 263 22.90 4.57 -17.37
CA ARG A 263 24.10 5.31 -17.69
C ARG A 263 24.72 5.91 -16.42
N GLN A 264 23.92 6.04 -15.37
CA GLN A 264 24.38 6.59 -14.10
C GLN A 264 24.94 5.56 -13.15
N LEU A 265 24.82 4.28 -13.50
CA LEU A 265 25.35 3.21 -12.66
C LEU A 265 26.52 2.50 -13.31
N ALA A 266 26.76 2.78 -14.58
CA ALA A 266 27.86 2.17 -15.33
C ALA A 266 29.22 2.24 -14.61
N GLU A 267 29.49 3.38 -13.97
CA GLU A 267 30.75 3.61 -13.27
C GLU A 267 31.10 2.61 -12.18
N PHE A 268 30.10 1.91 -11.66
CA PHE A 268 30.34 0.93 -10.60
C PHE A 268 30.66 -0.45 -11.13
N ASP A 269 30.86 -0.54 -12.44
CA ASP A 269 31.19 -1.80 -13.11
C ASP A 269 30.07 -2.80 -12.92
N ILE A 270 28.99 -2.62 -13.69
CA ILE A 270 27.83 -3.48 -13.63
C ILE A 270 28.00 -4.76 -14.44
N ALA A 271 27.76 -5.90 -13.81
CA ALA A 271 27.88 -7.20 -14.47
C ALA A 271 26.81 -7.31 -15.56
N TRP A 272 25.61 -6.81 -15.26
CA TRP A 272 24.50 -6.80 -16.21
C TRP A 272 23.27 -6.22 -15.53
N ILE A 273 22.37 -5.64 -16.33
CA ILE A 273 21.12 -5.12 -15.84
C ILE A 273 20.09 -6.14 -16.32
N GLU A 274 19.36 -6.71 -15.36
CA GLU A 274 18.36 -7.74 -15.60
C GLU A 274 16.96 -7.14 -15.72
N GLU A 275 16.22 -7.61 -16.72
CA GLU A 275 14.87 -7.14 -17.00
C GLU A 275 14.65 -5.64 -16.91
N PRO A 276 15.38 -4.85 -17.71
CA PRO A 276 15.15 -3.40 -17.62
C PRO A 276 13.71 -3.02 -17.96
N THR A 277 13.09 -3.75 -18.88
CA THR A 277 11.72 -3.39 -19.24
C THR A 277 10.79 -4.60 -19.38
N SER A 278 9.63 -4.39 -20.02
CA SER A 278 8.67 -5.47 -20.24
C SER A 278 9.33 -6.72 -20.84
N PRO A 279 8.97 -7.90 -20.33
CA PRO A 279 9.52 -9.17 -20.82
C PRO A 279 9.06 -9.56 -22.23
N ASP A 280 8.16 -8.77 -22.79
CA ASP A 280 7.64 -8.99 -24.14
C ASP A 280 8.28 -8.03 -25.13
N ASP A 281 9.00 -7.04 -24.62
CA ASP A 281 9.61 -6.05 -25.48
C ASP A 281 11.01 -6.39 -26.00
N VAL A 282 11.03 -7.23 -27.03
CA VAL A 282 12.26 -7.65 -27.66
C VAL A 282 13.00 -6.45 -28.24
N LEU A 283 12.30 -5.63 -29.02
CA LEU A 283 12.96 -4.47 -29.63
C LEU A 283 13.41 -3.42 -28.58
N GLY A 284 12.68 -3.33 -27.48
CA GLY A 284 13.05 -2.37 -26.43
C GLY A 284 14.34 -2.74 -25.72
N HIS A 285 14.53 -4.02 -25.46
CA HIS A 285 15.73 -4.50 -24.79
C HIS A 285 16.92 -4.24 -25.69
N ALA A 286 16.73 -4.38 -26.99
CA ALA A 286 17.79 -4.12 -27.94
C ALA A 286 18.14 -2.65 -27.90
N ALA A 287 17.12 -1.81 -27.86
CA ALA A 287 17.30 -0.36 -27.82
C ALA A 287 18.08 0.06 -26.57
N ILE A 288 17.67 -0.48 -25.43
CA ILE A 288 18.32 -0.18 -24.15
C ILE A 288 19.79 -0.63 -24.18
N ARG A 289 20.02 -1.88 -24.59
CA ARG A 289 21.36 -2.42 -24.68
C ARG A 289 22.26 -1.48 -25.50
N GLN A 290 21.75 -1.03 -26.65
CA GLN A 290 22.50 -0.12 -27.51
C GLN A 290 22.77 1.21 -26.86
N GLY A 291 21.81 1.69 -26.08
CA GLY A 291 21.97 2.98 -25.45
C GLY A 291 22.88 3.02 -24.22
N ILE A 292 23.23 1.86 -23.69
CA ILE A 292 24.06 1.80 -22.47
C ILE A 292 25.36 1.01 -22.61
N THR A 293 25.76 0.70 -23.84
CA THR A 293 26.98 -0.06 -24.05
C THR A 293 28.13 0.55 -23.24
N PRO A 294 29.00 -0.30 -22.66
CA PRO A 294 29.04 -1.76 -22.73
C PRO A 294 28.32 -2.46 -21.58
N VAL A 295 27.42 -1.78 -20.88
CA VAL A 295 26.71 -2.44 -19.79
C VAL A 295 25.86 -3.57 -20.39
N PRO A 296 26.13 -4.83 -20.02
CA PRO A 296 25.37 -5.97 -20.54
C PRO A 296 23.91 -6.00 -20.08
N VAL A 297 23.03 -6.46 -20.97
CA VAL A 297 21.61 -6.57 -20.68
C VAL A 297 21.16 -8.03 -20.69
N SER A 298 20.24 -8.39 -19.80
CA SER A 298 19.71 -9.75 -19.75
C SER A 298 18.21 -9.72 -19.46
N THR A 299 17.58 -10.86 -19.69
CA THR A 299 16.16 -11.07 -19.44
C THR A 299 15.97 -12.58 -19.58
N GLY A 300 14.79 -13.06 -19.22
CA GLY A 300 14.54 -14.48 -19.38
C GLY A 300 13.70 -15.21 -18.35
N GLU A 301 13.65 -14.72 -17.11
CA GLU A 301 12.88 -15.44 -16.10
C GLU A 301 11.39 -15.44 -16.37
N HIS A 302 10.93 -14.48 -17.16
CA HIS A 302 9.51 -14.37 -17.51
C HIS A 302 9.25 -14.53 -19.00
N THR A 303 10.29 -14.82 -19.76
CA THR A 303 10.15 -15.02 -21.21
C THR A 303 9.24 -16.24 -21.44
N GLN A 304 8.16 -16.03 -22.17
CA GLN A 304 7.14 -17.06 -22.43
C GLN A 304 7.50 -18.36 -23.12
N ASN A 305 8.34 -18.31 -24.15
CA ASN A 305 8.68 -19.55 -24.86
C ASN A 305 9.93 -19.39 -25.72
N ARG A 306 10.35 -20.47 -26.35
CA ARG A 306 11.56 -20.46 -27.20
C ARG A 306 11.51 -19.49 -28.38
N VAL A 307 10.31 -19.12 -28.82
CA VAL A 307 10.21 -18.23 -29.98
C VAL A 307 10.62 -16.81 -29.60
N VAL A 308 10.27 -16.39 -28.40
CA VAL A 308 10.67 -15.06 -27.98
C VAL A 308 12.18 -15.07 -27.71
N PHE A 309 12.70 -16.16 -27.16
CA PHE A 309 14.14 -16.26 -26.89
C PHE A 309 14.86 -16.18 -28.24
N LYS A 310 14.30 -16.84 -29.25
CA LYS A 310 14.88 -16.81 -30.58
C LYS A 310 15.06 -15.36 -31.05
N GLN A 311 14.00 -14.56 -30.92
CA GLN A 311 14.05 -13.17 -31.36
C GLN A 311 15.00 -12.29 -30.55
N LEU A 312 15.09 -12.55 -29.24
CA LEU A 312 16.01 -11.79 -28.38
C LEU A 312 17.43 -11.96 -28.94
N LEU A 313 17.78 -13.21 -29.27
CA LEU A 313 19.09 -13.54 -29.80
C LEU A 313 19.27 -12.98 -31.21
N GLN A 314 18.23 -13.11 -32.03
CA GLN A 314 18.25 -12.61 -33.40
C GLN A 314 18.44 -11.10 -33.46
N ALA A 315 17.75 -10.38 -32.59
CA ALA A 315 17.81 -8.92 -32.55
C ALA A 315 19.00 -8.42 -31.75
N GLY A 316 19.72 -9.35 -31.13
CA GLY A 316 20.87 -8.96 -30.32
C GLY A 316 20.39 -8.05 -29.22
N ALA A 317 19.32 -8.48 -28.55
CA ALA A 317 18.73 -7.71 -27.47
C ALA A 317 19.34 -8.05 -26.11
N VAL A 318 20.08 -9.14 -26.04
CA VAL A 318 20.66 -9.58 -24.79
C VAL A 318 22.15 -9.95 -24.85
N ASP A 319 22.84 -9.78 -23.73
CA ASP A 319 24.25 -10.13 -23.64
C ASP A 319 24.33 -11.51 -23.00
N LEU A 320 23.31 -11.81 -22.21
CA LEU A 320 23.19 -13.08 -21.52
C LEU A 320 21.71 -13.21 -21.18
N ILE A 321 21.28 -14.43 -20.85
CA ILE A 321 19.90 -14.66 -20.53
C ILE A 321 19.70 -15.52 -19.31
N GLN A 322 18.49 -15.45 -18.76
CA GLN A 322 18.10 -16.28 -17.64
C GLN A 322 17.20 -17.33 -18.29
N ILE A 323 17.02 -18.45 -17.61
CA ILE A 323 16.10 -19.48 -18.07
C ILE A 323 15.43 -19.84 -16.76
N ASP A 324 14.19 -20.30 -16.84
CA ASP A 324 13.46 -20.68 -15.66
C ASP A 324 12.92 -22.08 -15.91
N ALA A 325 13.08 -22.95 -14.92
CA ALA A 325 12.63 -24.32 -15.04
C ALA A 325 11.13 -24.47 -15.21
N ALA A 326 10.37 -23.54 -14.65
CA ALA A 326 8.91 -23.64 -14.70
C ALA A 326 8.13 -22.58 -15.47
N ARG A 327 8.81 -21.70 -16.19
CA ARG A 327 8.10 -20.67 -16.93
C ARG A 327 7.71 -21.09 -18.35
N VAL A 328 8.47 -22.00 -18.94
CA VAL A 328 8.20 -22.43 -20.31
C VAL A 328 7.62 -23.84 -20.44
N GLY A 329 7.69 -24.42 -21.63
CA GLY A 329 7.13 -25.75 -21.84
C GLY A 329 7.93 -26.93 -21.32
N GLY A 330 8.45 -26.83 -20.10
CA GLY A 330 9.20 -27.93 -19.53
C GLY A 330 10.60 -28.14 -20.07
N VAL A 331 11.19 -29.27 -19.73
CA VAL A 331 12.54 -29.58 -20.18
C VAL A 331 12.72 -29.41 -21.69
N ASN A 332 11.79 -29.98 -22.47
CA ASN A 332 11.85 -29.92 -23.93
C ASN A 332 12.09 -28.51 -24.43
N GLU A 333 11.32 -27.55 -23.90
CA GLU A 333 11.49 -26.18 -24.34
C GLU A 333 12.80 -25.59 -23.85
N ASN A 334 13.20 -25.87 -22.62
CA ASN A 334 14.45 -25.31 -22.14
C ASN A 334 15.67 -25.81 -22.91
N LEU A 335 15.63 -27.06 -23.36
CA LEU A 335 16.72 -27.61 -24.15
C LEU A 335 16.87 -26.80 -25.43
N ALA A 336 15.74 -26.44 -26.05
CA ALA A 336 15.79 -25.66 -27.27
C ALA A 336 16.37 -24.28 -26.99
N ILE A 337 16.00 -23.70 -25.84
CA ILE A 337 16.51 -22.39 -25.48
C ILE A 337 18.02 -22.49 -25.22
N LEU A 338 18.43 -23.56 -24.53
CA LEU A 338 19.85 -23.78 -24.25
C LEU A 338 20.66 -23.96 -25.54
N LEU A 339 20.13 -24.74 -26.48
CA LEU A 339 20.81 -24.94 -27.77
C LEU A 339 20.88 -23.61 -28.51
N LEU A 340 19.79 -22.85 -28.45
CA LEU A 340 19.73 -21.55 -29.09
C LEU A 340 20.84 -20.64 -28.56
N ALA A 341 20.94 -20.52 -27.23
CA ALA A 341 21.96 -19.68 -26.62
C ALA A 341 23.34 -20.14 -27.06
N ALA A 342 23.57 -21.46 -27.00
CA ALA A 342 24.84 -22.02 -27.39
C ALA A 342 25.17 -21.62 -28.83
N LYS A 343 24.21 -21.78 -29.72
CA LYS A 343 24.43 -21.43 -31.12
C LYS A 343 24.78 -19.97 -31.32
N PHE A 344 24.11 -19.07 -30.60
CA PHE A 344 24.38 -17.64 -30.73
C PHE A 344 25.49 -17.11 -29.83
N GLY A 345 26.15 -18.00 -29.10
CA GLY A 345 27.23 -17.58 -28.21
C GLY A 345 26.81 -16.65 -27.09
N VAL A 346 25.70 -16.96 -26.43
CA VAL A 346 25.20 -16.13 -25.34
C VAL A 346 25.15 -16.94 -24.04
N ARG A 347 25.73 -16.40 -22.97
CA ARG A 347 25.77 -17.09 -21.68
C ARG A 347 24.39 -17.24 -21.03
N VAL A 348 24.23 -18.29 -20.23
CA VAL A 348 22.98 -18.53 -19.54
C VAL A 348 23.20 -18.55 -18.04
N PHE A 349 22.45 -17.72 -17.33
CA PHE A 349 22.52 -17.62 -15.87
C PHE A 349 21.14 -17.97 -15.33
N PRO A 350 20.88 -19.26 -15.07
CA PRO A 350 19.57 -19.68 -14.56
C PRO A 350 19.00 -18.86 -13.40
N HIS A 351 17.69 -18.65 -13.47
CA HIS A 351 16.93 -17.92 -12.47
C HIS A 351 16.47 -18.99 -11.50
N ALA A 352 16.37 -18.65 -10.22
CA ALA A 352 15.91 -19.60 -9.24
C ALA A 352 15.16 -18.91 -8.11
N GLY A 353 15.17 -19.52 -6.93
CA GLY A 353 14.46 -18.97 -5.81
C GLY A 353 13.06 -19.55 -5.78
N GLY A 354 12.07 -18.70 -5.50
CA GLY A 354 10.70 -19.18 -5.42
C GLY A 354 10.59 -20.48 -4.66
N VAL A 355 9.75 -21.38 -5.15
CA VAL A 355 9.57 -22.67 -4.50
C VAL A 355 10.22 -23.76 -5.34
N GLY A 356 11.31 -24.33 -4.83
CA GLY A 356 12.01 -25.40 -5.51
C GLY A 356 12.62 -25.10 -6.87
N LEU A 357 12.65 -23.83 -7.27
CA LEU A 357 13.21 -23.46 -8.56
C LEU A 357 14.70 -23.84 -8.63
N CYS A 358 15.41 -23.67 -7.51
CA CYS A 358 16.83 -24.01 -7.46
C CYS A 358 17.00 -25.51 -7.67
N GLU A 359 16.16 -26.28 -6.99
CA GLU A 359 16.19 -27.73 -7.09
C GLU A 359 16.02 -28.20 -8.53
N LEU A 360 15.15 -27.53 -9.27
CA LEU A 360 14.88 -27.89 -10.66
C LEU A 360 15.93 -27.38 -11.65
N VAL A 361 16.10 -26.06 -11.69
CA VAL A 361 17.00 -25.46 -12.65
C VAL A 361 18.46 -25.89 -12.60
N GLN A 362 18.94 -26.35 -11.44
CA GLN A 362 20.32 -26.79 -11.33
C GLN A 362 20.62 -27.91 -12.35
N HIS A 363 19.67 -28.78 -12.58
CA HIS A 363 19.84 -29.89 -13.51
C HIS A 363 19.99 -29.45 -14.96
N LEU A 364 19.23 -28.44 -15.37
CA LEU A 364 19.31 -27.96 -16.74
C LEU A 364 20.68 -27.32 -17.01
N ALA A 365 21.16 -26.53 -16.05
CA ALA A 365 22.46 -25.90 -16.23
C ALA A 365 23.58 -26.94 -16.25
N MET A 366 23.44 -27.97 -15.42
CA MET A 366 24.44 -29.03 -15.34
C MET A 366 24.45 -29.95 -16.55
N ALA A 367 23.28 -30.21 -17.12
CA ALA A 367 23.21 -31.04 -18.31
C ALA A 367 23.82 -30.23 -19.44
N ASP A 368 23.52 -28.94 -19.44
CA ASP A 368 24.03 -28.03 -20.45
C ASP A 368 25.55 -28.00 -20.49
N PHE A 369 26.15 -27.89 -19.32
CA PHE A 369 27.60 -27.85 -19.24
C PHE A 369 28.22 -29.13 -19.80
N VAL A 370 27.65 -30.27 -19.45
CA VAL A 370 28.18 -31.54 -19.89
C VAL A 370 27.90 -31.89 -21.35
N ALA A 371 26.65 -31.71 -21.78
CA ALA A 371 26.27 -32.07 -23.13
C ALA A 371 26.10 -30.99 -24.18
N ILE A 372 26.18 -29.71 -23.79
CA ILE A 372 25.99 -28.66 -24.79
C ILE A 372 27.11 -27.64 -24.96
N THR A 373 27.43 -26.90 -23.91
CA THR A 373 28.45 -25.86 -24.00
C THR A 373 29.82 -26.21 -23.45
N GLY A 374 29.84 -26.97 -22.37
CA GLY A 374 31.09 -27.34 -21.74
C GLY A 374 31.64 -26.16 -20.95
N LYS A 375 30.85 -25.10 -20.81
CA LYS A 375 31.29 -23.90 -20.10
C LYS A 375 30.43 -23.61 -18.87
N MET A 376 31.07 -23.41 -17.72
CA MET A 376 30.33 -23.09 -16.51
C MET A 376 31.06 -22.03 -15.68
N GLU A 377 32.38 -21.98 -15.81
CA GLU A 377 33.14 -21.01 -15.04
C GLU A 377 32.86 -19.56 -15.44
N ASP A 378 32.24 -19.37 -16.61
CA ASP A 378 31.92 -18.02 -17.08
C ASP A 378 30.48 -17.63 -16.74
N ARG A 379 29.79 -18.46 -15.98
CA ARG A 379 28.41 -18.17 -15.63
C ARG A 379 28.04 -18.74 -14.26
N ALA A 380 26.76 -18.65 -13.91
CA ALA A 380 26.31 -19.15 -12.60
C ALA A 380 24.82 -19.33 -12.49
N ILE A 381 24.41 -20.14 -11.52
CA ILE A 381 23.03 -20.44 -11.22
C ILE A 381 22.63 -19.58 -10.01
N GLU A 382 21.42 -19.04 -10.01
CA GLU A 382 21.00 -18.24 -8.88
C GLU A 382 20.74 -19.09 -7.66
N PHE A 383 21.09 -18.57 -6.49
CA PHE A 383 20.81 -19.31 -5.27
C PHE A 383 20.13 -18.43 -4.23
N VAL A 384 19.13 -19.00 -3.59
CA VAL A 384 18.36 -18.35 -2.54
C VAL A 384 18.08 -19.42 -1.48
N ASP A 385 18.32 -19.10 -0.22
CA ASP A 385 18.09 -20.07 0.84
C ASP A 385 16.66 -19.98 1.37
N HIS A 386 15.71 -20.58 0.64
CA HIS A 386 14.31 -20.58 1.04
C HIS A 386 13.59 -21.88 0.71
N LEU A 387 12.72 -22.30 1.63
CA LEU A 387 11.89 -23.49 1.49
C LEU A 387 12.57 -24.81 1.12
N HIS A 388 13.91 -24.82 1.12
CA HIS A 388 14.63 -26.04 0.78
C HIS A 388 14.31 -27.19 1.74
N GLN A 389 13.89 -26.86 2.95
CA GLN A 389 13.58 -27.91 3.92
C GLN A 389 12.35 -28.72 3.54
N HIS A 390 11.61 -28.29 2.53
CA HIS A 390 10.41 -29.03 2.13
C HIS A 390 10.62 -30.06 1.02
N PHE A 391 11.87 -30.19 0.57
CA PHE A 391 12.23 -31.13 -0.50
C PHE A 391 13.08 -32.30 -0.02
N LEU A 392 12.85 -33.47 -0.61
CA LEU A 392 13.62 -34.65 -0.26
C LEU A 392 15.06 -34.51 -0.72
N ASP A 393 15.27 -33.86 -1.86
CA ASP A 393 16.60 -33.65 -2.39
C ASP A 393 16.92 -32.16 -2.49
N PRO A 394 17.17 -31.51 -1.34
CA PRO A 394 17.47 -30.08 -1.32
C PRO A 394 18.80 -29.78 -1.99
N VAL A 395 18.90 -28.62 -2.62
CA VAL A 395 20.14 -28.25 -3.27
C VAL A 395 21.22 -28.16 -2.20
N ARG A 396 22.49 -28.26 -2.59
CA ARG A 396 23.59 -28.18 -1.65
C ARG A 396 24.66 -27.23 -2.15
N ILE A 397 24.91 -26.17 -1.39
CA ILE A 397 25.91 -25.19 -1.76
C ILE A 397 27.19 -25.39 -0.97
N GLN A 398 28.32 -25.33 -1.65
CA GLN A 398 29.62 -25.48 -1.00
C GLN A 398 30.50 -24.34 -1.48
N HIS A 399 30.80 -23.42 -0.58
CA HIS A 399 31.61 -22.26 -0.88
C HIS A 399 31.24 -21.64 -2.23
N GLY A 400 30.00 -21.16 -2.32
CA GLY A 400 29.52 -20.51 -3.53
C GLY A 400 29.33 -21.33 -4.78
N ARG A 401 29.16 -22.65 -4.64
CA ARG A 401 28.96 -23.51 -5.80
C ARG A 401 27.94 -24.58 -5.49
N TYR A 402 27.21 -25.00 -6.52
CA TYR A 402 26.20 -26.05 -6.37
C TYR A 402 26.89 -27.41 -6.43
N LEU A 403 26.47 -28.34 -5.57
CA LEU A 403 27.03 -29.67 -5.63
C LEU A 403 26.08 -30.41 -6.58
N ALA A 404 26.64 -31.20 -7.48
CA ALA A 404 25.83 -31.94 -8.44
C ALA A 404 24.91 -32.96 -7.78
N PRO A 405 23.60 -32.91 -8.09
CA PRO A 405 22.66 -33.87 -7.51
C PRO A 405 23.12 -35.30 -7.78
N GLU A 406 22.80 -36.20 -6.86
CA GLU A 406 23.21 -37.58 -6.98
C GLU A 406 21.99 -38.51 -7.00
N VAL A 407 20.96 -38.16 -6.23
CA VAL A 407 19.74 -38.95 -6.14
C VAL A 407 19.05 -38.96 -7.51
N PRO A 408 18.24 -40.00 -7.81
CA PRO A 408 17.58 -40.01 -9.12
C PRO A 408 16.38 -39.05 -9.17
N GLY A 409 16.18 -38.42 -10.32
CA GLY A 409 15.06 -37.51 -10.45
C GLY A 409 15.39 -36.05 -10.73
N PHE A 410 14.33 -35.23 -10.74
CA PHE A 410 14.39 -33.80 -11.02
C PHE A 410 14.49 -32.99 -9.72
N SER A 411 14.56 -33.69 -8.59
CA SER A 411 14.66 -33.07 -7.27
C SER A 411 13.42 -32.23 -6.95
N ALA A 412 12.27 -32.67 -7.42
CA ALA A 412 11.03 -31.94 -7.20
C ALA A 412 10.12 -32.48 -6.09
N GLU A 413 10.27 -33.75 -5.76
CA GLU A 413 9.42 -34.35 -4.72
C GLU A 413 9.56 -33.60 -3.41
N MET A 414 8.43 -33.26 -2.80
CA MET A 414 8.42 -32.53 -1.53
C MET A 414 8.01 -33.49 -0.41
N HIS A 415 8.43 -33.20 0.81
CA HIS A 415 8.06 -34.05 1.94
C HIS A 415 6.54 -34.08 2.07
N PRO A 416 5.94 -35.28 2.12
CA PRO A 416 4.50 -35.39 2.26
C PRO A 416 3.96 -34.65 3.48
N ALA A 417 4.77 -34.55 4.52
CA ALA A 417 4.35 -33.85 5.73
C ALA A 417 4.24 -32.35 5.39
N SER A 418 5.02 -31.91 4.42
CA SER A 418 4.99 -30.51 4.02
C SER A 418 3.66 -30.25 3.30
N ILE A 419 3.30 -31.14 2.38
CA ILE A 419 2.06 -31.00 1.64
C ILE A 419 0.86 -31.09 2.57
N ALA A 420 0.99 -31.93 3.60
CA ALA A 420 -0.10 -32.12 4.55
C ALA A 420 -0.29 -30.89 5.44
N GLU A 421 0.81 -30.16 5.63
CA GLU A 421 0.80 -28.96 6.46
C GLU A 421 0.36 -27.70 5.72
N PHE A 422 0.86 -27.52 4.49
CA PHE A 422 0.52 -26.30 3.75
C PHE A 422 -0.43 -26.44 2.57
N SER A 423 -1.05 -27.60 2.43
CA SER A 423 -2.01 -27.78 1.34
C SER A 423 -3.12 -26.77 1.65
N TYR A 424 -3.70 -26.16 0.61
CA TYR A 424 -4.74 -25.17 0.82
C TYR A 424 -6.06 -25.58 0.18
N PRO A 425 -7.18 -25.43 0.91
CA PRO A 425 -7.30 -24.93 2.29
C PRO A 425 -7.28 -26.04 3.33
N ASP A 426 -7.47 -27.27 2.88
CA ASP A 426 -7.49 -28.44 3.76
C ASP A 426 -6.25 -28.65 4.62
N GLY A 427 -5.15 -27.97 4.28
CA GLY A 427 -3.92 -28.11 5.04
C GLY A 427 -4.04 -27.75 6.50
N ARG A 428 -3.31 -28.47 7.35
CA ARG A 428 -3.34 -28.24 8.79
C ARG A 428 -3.10 -26.78 9.16
N PHE A 429 -2.07 -26.17 8.59
CA PHE A 429 -1.77 -24.78 8.88
C PHE A 429 -2.86 -23.83 8.41
N TRP A 430 -3.39 -24.08 7.22
CA TRP A 430 -4.44 -23.21 6.69
C TRP A 430 -5.82 -23.47 7.30
N VAL A 431 -6.01 -24.66 7.85
CA VAL A 431 -7.28 -24.99 8.49
C VAL A 431 -7.39 -24.21 9.79
N GLU A 432 -6.30 -24.19 10.56
CA GLU A 432 -6.29 -23.47 11.82
C GLU A 432 -6.16 -21.97 11.63
N ASP A 433 -5.25 -21.56 10.74
CA ASP A 433 -5.05 -20.14 10.47
C ASP A 433 -6.36 -19.41 10.23
N LEU A 434 -7.20 -19.97 9.37
CA LEU A 434 -8.49 -19.37 9.06
C LEU A 434 -9.61 -20.16 9.70
N MET B 1 -26.01 3.66 -1.63
CA MET B 1 -24.79 3.43 -2.47
C MET B 1 -24.92 2.19 -3.37
N ARG B 2 -24.91 2.43 -4.67
CA ARG B 2 -24.99 1.32 -5.64
C ARG B 2 -23.66 0.58 -5.59
N THR B 3 -23.72 -0.74 -5.45
CA THR B 3 -22.53 -1.55 -5.33
C THR B 3 -22.54 -2.80 -6.21
N ILE B 4 -21.34 -3.26 -6.57
CA ILE B 4 -21.22 -4.49 -7.35
C ILE B 4 -21.35 -5.57 -6.28
N ILE B 5 -22.43 -6.35 -6.36
CA ILE B 5 -22.68 -7.38 -5.35
C ILE B 5 -22.24 -8.79 -5.70
N ALA B 6 -21.97 -9.04 -6.98
CA ALA B 6 -21.54 -10.38 -7.36
C ALA B 6 -20.92 -10.45 -8.74
N LEU B 7 -20.06 -11.44 -8.91
CA LEU B 7 -19.38 -11.69 -10.18
C LEU B 7 -19.72 -13.13 -10.49
N GLU B 8 -20.72 -13.35 -11.31
CA GLU B 8 -21.08 -14.72 -11.64
C GLU B 8 -20.46 -15.12 -12.97
N THR B 9 -20.13 -16.39 -13.08
CA THR B 9 -19.49 -16.89 -14.28
C THR B 9 -20.14 -18.16 -14.79
N HIS B 10 -20.08 -18.36 -16.10
CA HIS B 10 -20.66 -19.55 -16.72
C HIS B 10 -19.76 -20.12 -17.80
N ASP B 11 -19.66 -21.45 -17.81
CA ASP B 11 -18.88 -22.20 -18.79
C ASP B 11 -19.87 -22.63 -19.86
N VAL B 12 -19.96 -21.86 -20.95
CA VAL B 12 -20.89 -22.16 -22.03
C VAL B 12 -20.17 -22.55 -23.33
N ARG B 13 -20.59 -23.64 -23.93
CA ARG B 13 -19.99 -24.12 -25.17
C ARG B 13 -21.01 -24.70 -26.16
N PHE B 14 -20.79 -24.40 -27.43
CA PHE B 14 -21.68 -24.87 -28.49
C PHE B 14 -21.00 -25.92 -29.37
N PRO B 15 -21.76 -26.92 -29.84
CA PRO B 15 -21.30 -28.03 -30.69
C PRO B 15 -21.06 -27.65 -32.16
N THR B 16 -20.29 -26.59 -32.39
CA THR B 16 -20.00 -26.11 -33.74
C THR B 16 -19.15 -27.09 -34.56
N SER B 17 -18.48 -28.02 -33.90
CA SER B 17 -17.65 -28.98 -34.61
C SER B 17 -18.46 -30.04 -35.36
N ARG B 18 -19.77 -30.10 -35.09
CA ARG B 18 -20.65 -31.06 -35.74
C ARG B 18 -20.73 -30.82 -37.24
N GLU B 19 -20.49 -29.58 -37.66
CA GLU B 19 -20.54 -29.19 -39.06
C GLU B 19 -19.19 -28.69 -39.56
N LEU B 20 -18.22 -28.66 -38.68
CA LEU B 20 -16.87 -28.20 -39.02
C LEU B 20 -16.82 -26.70 -39.28
N ASP B 21 -17.78 -25.97 -38.71
CA ASP B 21 -17.78 -24.52 -38.89
C ASP B 21 -16.63 -23.99 -38.03
N GLY B 22 -15.86 -23.06 -38.56
CA GLY B 22 -14.74 -22.55 -37.79
C GLY B 22 -13.48 -23.35 -38.05
N SER B 23 -13.65 -24.44 -38.79
CA SER B 23 -12.56 -25.35 -39.15
C SER B 23 -11.40 -24.60 -39.81
N ASP B 24 -10.17 -24.85 -39.35
CA ASP B 24 -9.00 -24.21 -39.96
C ASP B 24 -7.73 -25.06 -39.83
N ALA B 25 -6.64 -24.61 -40.45
CA ALA B 25 -5.38 -25.36 -40.43
C ALA B 25 -4.82 -25.73 -39.06
N MET B 26 -5.00 -24.87 -38.06
CA MET B 26 -4.48 -25.15 -36.73
C MET B 26 -5.53 -25.79 -35.82
N ASN B 27 -6.77 -25.36 -35.98
CA ASN B 27 -7.89 -25.85 -35.17
C ASN B 27 -8.89 -26.58 -36.09
N PRO B 28 -8.75 -27.90 -36.22
CA PRO B 28 -9.63 -28.71 -37.08
C PRO B 28 -11.07 -28.92 -36.63
N ASP B 29 -11.32 -28.87 -35.32
CA ASP B 29 -12.68 -29.12 -34.82
C ASP B 29 -13.07 -28.25 -33.62
N PRO B 30 -13.00 -26.92 -33.77
CA PRO B 30 -13.35 -26.03 -32.67
C PRO B 30 -14.81 -26.09 -32.24
N ASP B 31 -15.00 -26.06 -30.93
CA ASP B 31 -16.34 -26.04 -30.33
C ASP B 31 -16.47 -24.65 -29.71
N TYR B 32 -16.96 -23.70 -30.48
CA TYR B 32 -17.10 -22.35 -30.01
C TYR B 32 -17.65 -22.26 -28.59
N SER B 33 -16.87 -21.65 -27.71
CA SER B 33 -17.25 -21.52 -26.30
C SER B 33 -17.04 -20.13 -25.75
N ALA B 34 -17.59 -19.90 -24.56
CA ALA B 34 -17.47 -18.61 -23.92
C ALA B 34 -17.42 -18.70 -22.42
N ALA B 35 -16.47 -17.99 -21.84
CA ALA B 35 -16.33 -17.90 -20.40
C ALA B 35 -17.15 -16.64 -20.17
N TYR B 36 -18.45 -16.85 -19.91
CA TYR B 36 -19.43 -15.77 -19.71
C TYR B 36 -19.44 -15.23 -18.28
N VAL B 37 -19.39 -13.91 -18.16
CA VAL B 37 -19.38 -13.26 -16.85
C VAL B 37 -20.36 -12.12 -16.74
N VAL B 38 -20.96 -11.99 -15.56
CA VAL B 38 -21.93 -10.95 -15.30
C VAL B 38 -21.58 -10.21 -14.02
N LEU B 39 -21.51 -8.89 -14.12
CA LEU B 39 -21.22 -8.04 -12.98
C LEU B 39 -22.59 -7.63 -12.41
N ARG B 40 -22.96 -8.22 -11.28
CA ARG B 40 -24.25 -7.90 -10.66
C ARG B 40 -24.15 -6.78 -9.64
N THR B 41 -25.10 -5.85 -9.71
CA THR B 41 -25.13 -4.73 -8.78
C THR B 41 -26.49 -4.75 -8.10
N ASP B 42 -26.66 -3.88 -7.11
CA ASP B 42 -27.92 -3.79 -6.39
C ASP B 42 -28.75 -2.64 -6.95
N GLY B 43 -30.05 -2.87 -7.09
CA GLY B 43 -30.91 -1.83 -7.62
C GLY B 43 -31.35 -2.17 -9.04
N ALA B 44 -31.75 -1.16 -9.81
CA ALA B 44 -32.20 -1.35 -11.19
C ALA B 44 -31.55 -2.59 -11.80
N GLU B 45 -32.25 -3.72 -11.73
CA GLU B 45 -31.70 -4.96 -12.26
C GLU B 45 -31.21 -4.76 -13.68
N ASP B 46 -31.77 -3.77 -14.36
CA ASP B 46 -31.40 -3.45 -15.73
C ASP B 46 -29.97 -2.87 -15.69
N LEU B 47 -29.36 -2.90 -14.50
CA LEU B 47 -28.01 -2.38 -14.31
C LEU B 47 -27.04 -3.48 -13.89
N ALA B 48 -26.34 -4.01 -14.90
CA ALA B 48 -25.35 -5.06 -14.70
C ALA B 48 -24.40 -4.95 -15.89
N GLY B 49 -23.24 -5.58 -15.77
CA GLY B 49 -22.28 -5.55 -16.85
C GLY B 49 -22.08 -6.96 -17.37
N TYR B 50 -21.93 -7.10 -18.68
CA TYR B 50 -21.74 -8.42 -19.28
C TYR B 50 -20.50 -8.47 -20.13
N GLY B 51 -19.87 -9.64 -20.14
CA GLY B 51 -18.67 -9.84 -20.92
C GLY B 51 -18.39 -11.33 -21.05
N LEU B 52 -17.40 -11.67 -21.86
CA LEU B 52 -17.06 -13.07 -22.02
C LEU B 52 -15.70 -13.24 -22.66
N VAL B 53 -15.14 -14.44 -22.50
CA VAL B 53 -13.85 -14.76 -23.09
C VAL B 53 -14.15 -15.84 -24.12
N PHE B 54 -13.66 -15.65 -25.34
CA PHE B 54 -13.91 -16.65 -26.37
C PHE B 54 -12.86 -17.75 -26.32
N THR B 55 -13.34 -18.99 -26.22
CA THR B 55 -12.50 -20.19 -26.15
C THR B 55 -13.03 -21.13 -27.26
N ILE B 56 -12.30 -22.20 -27.58
CA ILE B 56 -12.79 -23.13 -28.61
C ILE B 56 -13.02 -24.55 -28.12
N GLY B 57 -13.43 -24.67 -26.86
CA GLY B 57 -13.70 -26.00 -26.30
C GLY B 57 -12.95 -26.33 -25.02
N ARG B 58 -12.09 -27.34 -25.08
CA ARG B 58 -11.32 -27.75 -23.91
C ARG B 58 -10.59 -26.56 -23.34
N GLY B 59 -10.54 -26.48 -22.00
CA GLY B 59 -9.86 -25.37 -21.36
C GLY B 59 -10.80 -24.23 -21.05
N ASN B 60 -12.03 -24.29 -21.55
CA ASN B 60 -12.96 -23.21 -21.28
C ASN B 60 -13.32 -23.19 -19.80
N ASP B 61 -13.20 -24.35 -19.16
CA ASP B 61 -13.49 -24.45 -17.74
C ASP B 61 -12.40 -23.78 -16.90
N VAL B 62 -11.15 -23.85 -17.35
CA VAL B 62 -10.10 -23.20 -16.58
C VAL B 62 -10.16 -21.70 -16.85
N GLN B 63 -10.59 -21.30 -18.04
CA GLN B 63 -10.71 -19.88 -18.35
C GLN B 63 -11.83 -19.32 -17.48
N THR B 64 -12.87 -20.11 -17.28
CA THR B 64 -14.00 -19.69 -16.45
C THR B 64 -13.53 -19.55 -15.00
N ALA B 65 -12.68 -20.48 -14.57
CA ALA B 65 -12.15 -20.45 -13.22
C ALA B 65 -11.29 -19.21 -13.02
N ALA B 66 -10.54 -18.85 -14.07
CA ALA B 66 -9.70 -17.67 -14.02
C ALA B 66 -10.52 -16.42 -13.74
N VAL B 67 -11.64 -16.27 -14.43
CA VAL B 67 -12.47 -15.09 -14.23
C VAL B 67 -13.13 -15.08 -12.84
N ALA B 68 -13.58 -16.23 -12.39
CA ALA B 68 -14.24 -16.32 -11.09
C ALA B 68 -13.30 -15.91 -9.97
N ALA B 69 -12.01 -16.19 -10.16
CA ALA B 69 -11.00 -15.86 -9.17
C ALA B 69 -10.83 -14.34 -9.01
N LEU B 70 -11.49 -13.56 -9.86
CA LEU B 70 -11.37 -12.12 -9.77
C LEU B 70 -12.47 -11.51 -8.91
N ALA B 71 -13.41 -12.33 -8.46
CA ALA B 71 -14.52 -11.85 -7.64
C ALA B 71 -13.99 -10.98 -6.51
N GLU B 72 -13.06 -11.55 -5.75
CA GLU B 72 -12.43 -10.88 -4.62
C GLU B 72 -12.07 -9.42 -4.91
N HIS B 73 -11.56 -9.16 -6.10
CA HIS B 73 -11.13 -7.81 -6.48
C HIS B 73 -12.26 -6.85 -6.84
N VAL B 74 -13.40 -7.38 -7.27
CA VAL B 74 -14.48 -6.52 -7.72
C VAL B 74 -15.72 -6.39 -6.85
N VAL B 75 -16.18 -7.50 -6.27
CA VAL B 75 -17.39 -7.46 -5.44
C VAL B 75 -17.20 -6.53 -4.24
N GLY B 76 -18.15 -5.61 -4.06
CA GLY B 76 -18.07 -4.67 -2.95
C GLY B 76 -17.69 -3.28 -3.41
N LEU B 77 -17.18 -3.18 -4.64
CA LEU B 77 -16.77 -1.87 -5.17
C LEU B 77 -17.98 -1.01 -5.50
N SER B 78 -17.80 0.30 -5.37
CA SER B 78 -18.87 1.24 -5.69
C SER B 78 -19.01 1.34 -7.20
N VAL B 79 -20.22 1.07 -7.69
CA VAL B 79 -20.51 1.14 -9.13
C VAL B 79 -20.08 2.50 -9.67
N ASP B 80 -20.45 3.55 -8.95
CA ASP B 80 -20.13 4.91 -9.37
C ASP B 80 -18.62 5.11 -9.46
N LYS B 81 -17.88 4.54 -8.51
CA LYS B 81 -16.43 4.68 -8.49
C LYS B 81 -15.79 3.97 -9.70
N VAL B 82 -16.35 2.83 -10.07
CA VAL B 82 -15.84 2.06 -11.21
C VAL B 82 -16.05 2.79 -12.53
N ILE B 83 -17.30 3.09 -12.83
CA ILE B 83 -17.68 3.77 -14.06
C ILE B 83 -17.04 5.14 -14.21
N ALA B 84 -16.82 5.83 -13.09
CA ALA B 84 -16.24 7.15 -13.12
C ALA B 84 -14.74 7.17 -13.47
N ASP B 85 -14.07 6.02 -13.34
CA ASP B 85 -12.63 5.94 -13.64
C ASP B 85 -12.27 4.56 -14.16
N LEU B 86 -12.60 4.28 -15.41
CA LEU B 86 -12.29 2.97 -15.98
C LEU B 86 -10.79 2.72 -16.04
N GLY B 87 -10.00 3.79 -16.11
CA GLY B 87 -8.56 3.65 -16.14
C GLY B 87 -8.05 3.04 -14.85
N ALA B 88 -8.55 3.54 -13.72
CA ALA B 88 -8.14 3.04 -12.41
C ALA B 88 -8.65 1.60 -12.18
N PHE B 89 -9.88 1.33 -12.57
CA PHE B 89 -10.44 -0.01 -12.39
C PHE B 89 -9.59 -1.04 -13.13
N ALA B 90 -9.24 -0.73 -14.38
CA ALA B 90 -8.43 -1.64 -15.18
C ALA B 90 -7.07 -1.83 -14.51
N ARG B 91 -6.46 -0.75 -14.05
CA ARG B 91 -5.15 -0.83 -13.40
C ARG B 91 -5.20 -1.62 -12.09
N ARG B 92 -6.33 -1.58 -11.40
CA ARG B 92 -6.47 -2.33 -10.15
C ARG B 92 -6.22 -3.81 -10.42
N LEU B 93 -6.70 -4.30 -11.56
CA LEU B 93 -6.52 -5.71 -11.94
C LEU B 93 -5.17 -5.95 -12.61
N THR B 94 -4.85 -5.13 -13.60
CA THR B 94 -3.60 -5.24 -14.32
C THR B 94 -2.36 -5.12 -13.44
N ASN B 95 -2.36 -4.16 -12.51
CA ASN B 95 -1.20 -3.95 -11.63
C ASN B 95 -1.06 -4.87 -10.40
N ASP B 96 -1.97 -5.82 -10.23
CA ASP B 96 -1.89 -6.74 -9.08
C ASP B 96 -0.71 -7.69 -9.26
N SER B 97 0.29 -7.58 -8.39
CA SER B 97 1.50 -8.39 -8.46
C SER B 97 1.29 -9.91 -8.59
N GLN B 98 0.36 -10.47 -7.83
CA GLN B 98 0.15 -11.91 -7.87
C GLN B 98 -0.58 -12.36 -9.14
N LEU B 99 -1.32 -11.44 -9.75
CA LEU B 99 -2.03 -11.75 -10.98
C LEU B 99 -1.03 -11.64 -12.12
N ARG B 100 -0.16 -10.65 -12.04
CA ARG B 100 0.86 -10.44 -13.08
C ARG B 100 1.81 -11.62 -13.19
N TRP B 101 2.07 -12.29 -12.07
CA TRP B 101 2.98 -13.42 -12.09
C TRP B 101 2.49 -14.55 -13.01
N LEU B 102 1.18 -14.64 -13.20
CA LEU B 102 0.61 -15.68 -14.04
C LEU B 102 0.64 -15.27 -15.52
N GLY B 103 1.20 -14.10 -15.78
CA GLY B 103 1.33 -13.60 -17.14
C GLY B 103 2.76 -13.16 -17.38
N PRO B 104 3.05 -11.85 -17.36
CA PRO B 104 2.06 -10.80 -17.12
C PRO B 104 1.45 -10.32 -18.43
N GLU B 105 0.18 -9.94 -18.37
CA GLU B 105 -0.54 -9.42 -19.52
C GLU B 105 -0.49 -10.34 -20.75
N LYS B 106 -0.86 -11.60 -20.54
CA LYS B 106 -0.89 -12.60 -21.60
C LYS B 106 -1.55 -13.87 -21.07
N GLY B 107 -2.01 -14.72 -21.97
CA GLY B 107 -2.61 -15.97 -21.55
C GLY B 107 -3.93 -15.87 -20.83
N VAL B 108 -4.32 -16.99 -20.22
CA VAL B 108 -5.59 -17.11 -19.50
C VAL B 108 -5.91 -16.00 -18.47
N MET B 109 -4.99 -15.75 -17.56
CA MET B 109 -5.22 -14.73 -16.54
C MET B 109 -5.52 -13.36 -17.13
N HIS B 110 -4.81 -12.98 -18.19
CA HIS B 110 -5.04 -11.66 -18.79
C HIS B 110 -6.39 -11.61 -19.49
N MET B 111 -6.76 -12.67 -20.21
CA MET B 111 -8.06 -12.64 -20.88
C MET B 111 -9.17 -12.61 -19.83
N ALA B 112 -8.92 -13.23 -18.68
CA ALA B 112 -9.92 -13.23 -17.61
C ALA B 112 -10.09 -11.79 -17.12
N ILE B 113 -8.98 -11.07 -16.99
CA ILE B 113 -9.01 -9.69 -16.55
C ILE B 113 -9.70 -8.85 -17.62
N GLY B 114 -9.39 -9.13 -18.89
CA GLY B 114 -10.01 -8.40 -19.98
C GLY B 114 -11.52 -8.53 -20.01
N ALA B 115 -12.04 -9.68 -19.61
CA ALA B 115 -13.49 -9.88 -19.62
C ALA B 115 -14.17 -9.03 -18.54
N VAL B 116 -13.55 -8.97 -17.36
CA VAL B 116 -14.11 -8.16 -16.27
C VAL B 116 -14.02 -6.68 -16.64
N ILE B 117 -12.93 -6.28 -17.29
CA ILE B 117 -12.78 -4.90 -17.71
C ILE B 117 -13.85 -4.57 -18.77
N ASN B 118 -14.08 -5.48 -19.71
CA ASN B 118 -15.09 -5.26 -20.75
C ASN B 118 -16.47 -5.13 -20.13
N ALA B 119 -16.76 -5.98 -19.14
CA ALA B 119 -18.03 -5.97 -18.45
C ALA B 119 -18.22 -4.64 -17.71
N ALA B 120 -17.11 -4.06 -17.24
CA ALA B 120 -17.17 -2.78 -16.53
C ALA B 120 -17.52 -1.67 -17.52
N TRP B 121 -16.99 -1.75 -18.73
CA TRP B 121 -17.30 -0.74 -19.74
C TRP B 121 -18.73 -0.88 -20.18
N ASP B 122 -19.20 -2.12 -20.29
CA ASP B 122 -20.58 -2.41 -20.67
C ASP B 122 -21.44 -1.73 -19.60
N LEU B 123 -21.08 -1.94 -18.33
CA LEU B 123 -21.80 -1.36 -17.21
C LEU B 123 -21.87 0.16 -17.33
N ALA B 124 -20.74 0.78 -17.63
CA ALA B 124 -20.64 2.22 -17.79
C ALA B 124 -21.53 2.69 -18.92
N ALA B 125 -21.51 1.93 -20.02
CA ALA B 125 -22.32 2.27 -21.19
C ALA B 125 -23.79 2.23 -20.86
N ARG B 126 -24.23 1.16 -20.19
CA ARG B 126 -25.62 1.01 -19.79
C ARG B 126 -26.02 2.22 -18.93
N ALA B 127 -25.26 2.44 -17.86
CA ALA B 127 -25.53 3.55 -16.95
C ALA B 127 -25.73 4.88 -17.68
N ALA B 128 -25.07 5.04 -18.81
CA ALA B 128 -25.19 6.26 -19.59
C ALA B 128 -26.25 6.17 -20.69
N ASN B 129 -26.93 5.03 -20.78
CA ASN B 129 -27.93 4.82 -21.82
C ASN B 129 -27.35 5.04 -23.21
N LYS B 130 -26.21 4.42 -23.46
CA LYS B 130 -25.55 4.56 -24.74
C LYS B 130 -24.89 3.27 -25.18
N PRO B 131 -24.95 2.95 -26.49
CA PRO B 131 -24.30 1.72 -26.93
C PRO B 131 -22.82 2.06 -26.75
N LEU B 132 -21.99 1.07 -26.42
CA LEU B 132 -20.58 1.33 -26.19
C LEU B 132 -19.86 2.20 -27.22
N TRP B 133 -20.08 2.00 -28.52
CA TRP B 133 -19.37 2.82 -29.48
C TRP B 133 -19.62 4.32 -29.30
N ARG B 134 -20.86 4.71 -29.01
CA ARG B 134 -21.14 6.13 -28.80
C ARG B 134 -20.60 6.59 -27.45
N PHE B 135 -20.69 5.73 -26.45
CA PHE B 135 -20.18 6.03 -25.10
C PHE B 135 -18.70 6.41 -25.25
N ILE B 136 -17.94 5.57 -25.95
CA ILE B 136 -16.52 5.81 -26.15
C ILE B 136 -16.26 7.04 -27.02
N ALA B 137 -16.92 7.11 -28.17
CA ALA B 137 -16.76 8.20 -29.12
C ALA B 137 -17.12 9.58 -28.58
N GLU B 138 -17.84 9.63 -27.48
CA GLU B 138 -18.26 10.91 -26.92
C GLU B 138 -17.47 11.36 -25.69
N LEU B 139 -16.49 10.57 -25.29
CA LEU B 139 -15.63 10.93 -24.18
C LEU B 139 -14.69 12.00 -24.68
N THR B 140 -14.27 12.91 -23.81
CA THR B 140 -13.34 13.96 -24.22
C THR B 140 -11.97 13.34 -24.48
N PRO B 141 -11.13 14.01 -25.28
CA PRO B 141 -9.80 13.43 -25.52
C PRO B 141 -9.07 13.17 -24.20
N GLU B 142 -9.33 14.03 -23.22
CA GLU B 142 -8.72 13.92 -21.90
C GLU B 142 -9.22 12.65 -21.21
N GLN B 143 -10.54 12.49 -21.15
CA GLN B 143 -11.12 11.31 -20.51
C GLN B 143 -10.68 10.01 -21.16
N LEU B 144 -10.47 10.05 -22.46
CA LEU B 144 -10.05 8.84 -23.18
C LEU B 144 -8.63 8.44 -22.79
N VAL B 145 -7.70 9.37 -22.92
CA VAL B 145 -6.31 9.13 -22.58
C VAL B 145 -6.13 8.62 -21.14
N ASP B 146 -6.95 9.12 -20.22
CA ASP B 146 -6.83 8.68 -18.83
C ASP B 146 -7.29 7.23 -18.62
N THR B 147 -7.79 6.58 -19.66
CA THR B 147 -8.22 5.19 -19.52
C THR B 147 -7.10 4.23 -19.93
N ILE B 148 -6.11 4.72 -20.66
CA ILE B 148 -5.08 3.79 -21.10
C ILE B 148 -3.78 3.77 -20.32
N ASP B 149 -3.12 2.63 -20.40
CA ASP B 149 -1.85 2.39 -19.72
C ASP B 149 -0.69 2.72 -20.67
N PHE B 150 -0.13 3.91 -20.55
CA PHE B 150 0.97 4.32 -21.41
C PHE B 150 2.34 3.72 -21.08
N ARG B 151 2.36 2.86 -20.07
CA ARG B 151 3.60 2.20 -19.65
C ARG B 151 4.07 1.26 -20.78
N TYR B 152 5.36 1.30 -21.08
CA TYR B 152 5.99 0.50 -22.14
C TYR B 152 5.68 1.02 -23.54
N LEU B 153 5.06 2.21 -23.63
CA LEU B 153 4.70 2.80 -24.91
C LEU B 153 5.31 4.16 -25.20
N SER B 154 5.94 4.78 -24.21
CA SER B 154 6.49 6.10 -24.41
C SER B 154 7.45 6.25 -25.59
N ASP B 155 7.99 5.15 -26.09
CA ASP B 155 8.91 5.26 -27.24
C ASP B 155 8.18 5.19 -28.58
N ALA B 156 6.86 5.05 -28.54
CA ALA B 156 6.06 4.95 -29.76
C ALA B 156 4.81 5.80 -29.68
N LEU B 157 4.18 5.84 -28.52
CA LEU B 157 2.98 6.65 -28.31
C LEU B 157 2.98 7.27 -26.93
N THR B 158 3.26 8.56 -26.85
CA THR B 158 3.26 9.27 -25.58
C THR B 158 1.85 9.76 -25.32
N ARG B 159 1.57 10.17 -24.08
CA ARG B 159 0.25 10.65 -23.73
C ARG B 159 -0.16 11.89 -24.54
N ASP B 160 0.77 12.81 -24.74
CA ASP B 160 0.45 14.02 -25.51
C ASP B 160 0.30 13.71 -26.99
N GLU B 161 0.99 12.68 -27.46
CA GLU B 161 0.89 12.29 -28.87
C GLU B 161 -0.50 11.71 -29.13
N ALA B 162 -1.07 11.08 -28.10
CA ALA B 162 -2.38 10.49 -28.20
C ALA B 162 -3.46 11.58 -28.19
N LEU B 163 -3.27 12.58 -27.33
CA LEU B 163 -4.22 13.68 -27.23
C LEU B 163 -4.30 14.46 -28.54
N ALA B 164 -3.16 14.59 -29.23
CA ALA B 164 -3.12 15.29 -30.49
C ALA B 164 -4.04 14.59 -31.48
N ILE B 165 -3.96 13.27 -31.52
CA ILE B 165 -4.79 12.46 -32.41
C ILE B 165 -6.27 12.64 -32.09
N LEU B 166 -6.63 12.48 -30.82
CA LEU B 166 -8.02 12.60 -30.40
C LEU B 166 -8.62 14.00 -30.49
N ARG B 167 -7.78 15.02 -30.43
CA ARG B 167 -8.25 16.40 -30.51
C ARG B 167 -8.48 16.87 -31.94
N ASP B 168 -7.65 16.39 -32.87
CA ASP B 168 -7.79 16.77 -34.26
C ASP B 168 -9.03 16.11 -34.84
N ALA B 169 -9.50 15.07 -34.16
CA ALA B 169 -10.66 14.32 -34.63
C ALA B 169 -11.96 14.69 -33.92
N GLN B 170 -11.86 15.43 -32.83
CA GLN B 170 -13.06 15.79 -32.09
C GLN B 170 -14.05 16.64 -32.89
N PRO B 171 -13.55 17.60 -33.68
CA PRO B 171 -14.45 18.45 -34.49
C PRO B 171 -15.34 17.70 -35.47
N GLN B 172 -14.78 16.71 -36.15
CA GLN B 172 -15.56 15.93 -37.12
C GLN B 172 -16.28 14.73 -36.53
N ARG B 173 -16.30 14.61 -35.21
CA ARG B 173 -16.98 13.48 -34.59
C ARG B 173 -18.47 13.42 -34.91
N ALA B 174 -19.13 14.57 -34.90
CA ALA B 174 -20.56 14.64 -35.19
C ALA B 174 -20.91 14.18 -36.60
N ALA B 175 -20.16 14.68 -37.58
CA ALA B 175 -20.37 14.34 -38.97
C ALA B 175 -20.18 12.84 -39.19
N ARG B 176 -19.04 12.32 -38.76
CA ARG B 176 -18.76 10.91 -38.92
C ARG B 176 -19.80 10.06 -38.22
N THR B 177 -20.32 10.54 -37.10
CA THR B 177 -21.35 9.80 -36.38
C THR B 177 -22.58 9.67 -37.26
N ALA B 178 -22.79 10.69 -38.09
CA ALA B 178 -23.92 10.69 -39.02
C ALA B 178 -23.64 9.68 -40.13
N THR B 179 -22.46 9.79 -40.73
CA THR B 179 -22.06 8.88 -41.80
C THR B 179 -22.25 7.43 -41.37
N LEU B 180 -21.81 7.12 -40.15
CA LEU B 180 -21.92 5.76 -39.62
C LEU B 180 -23.38 5.26 -39.47
N ILE B 181 -24.22 6.05 -38.81
CA ILE B 181 -25.61 5.62 -38.62
C ILE B 181 -26.39 5.50 -39.94
N GLU B 182 -26.00 6.25 -40.94
CA GLU B 182 -26.68 6.18 -42.23
C GLU B 182 -26.19 5.02 -43.11
N GLN B 183 -24.87 4.93 -43.27
CA GLN B 183 -24.24 3.94 -44.14
C GLN B 183 -23.82 2.59 -43.56
N GLY B 184 -23.55 2.53 -42.26
CA GLY B 184 -23.10 1.27 -41.67
C GLY B 184 -21.58 1.15 -41.81
N TYR B 185 -21.02 0.03 -41.36
CA TYR B 185 -19.57 -0.18 -41.42
C TYR B 185 -19.26 -1.42 -42.27
N PRO B 186 -18.33 -1.29 -43.24
CA PRO B 186 -17.95 -2.39 -44.13
C PRO B 186 -17.58 -3.69 -43.43
N ALA B 187 -18.13 -4.80 -43.92
CA ALA B 187 -17.85 -6.11 -43.36
C ALA B 187 -17.27 -7.04 -44.43
N TYR B 188 -16.67 -8.13 -43.97
CA TYR B 188 -16.15 -9.13 -44.90
C TYR B 188 -16.51 -10.44 -44.23
N THR B 189 -16.73 -11.50 -45.00
CA THR B 189 -17.12 -12.74 -44.36
C THR B 189 -16.14 -13.88 -44.54
N THR B 190 -16.07 -14.72 -43.51
CA THR B 190 -15.19 -15.88 -43.46
C THR B 190 -15.96 -17.19 -43.57
N SER B 191 -17.28 -17.11 -43.46
CA SER B 191 -18.12 -18.30 -43.51
C SER B 191 -17.95 -19.20 -44.73
N PRO B 192 -17.57 -18.63 -45.88
CA PRO B 192 -17.41 -19.52 -47.04
C PRO B 192 -16.08 -20.28 -47.02
N GLY B 193 -15.12 -19.78 -46.24
CA GLY B 193 -13.78 -20.35 -46.24
C GLY B 193 -13.23 -21.34 -45.25
N TRP B 194 -14.04 -21.84 -44.33
CA TRP B 194 -13.53 -22.80 -43.37
C TRP B 194 -12.94 -24.02 -44.09
N LEU B 195 -11.77 -24.48 -43.64
CA LEU B 195 -11.18 -25.66 -44.23
C LEU B 195 -12.17 -26.74 -43.83
N GLY B 196 -12.08 -27.92 -44.42
CA GLY B 196 -13.05 -28.93 -44.03
C GLY B 196 -14.26 -28.91 -44.94
N TYR B 197 -14.56 -27.75 -45.52
CA TYR B 197 -15.69 -27.64 -46.46
C TYR B 197 -15.20 -28.15 -47.82
N SER B 198 -16.09 -28.81 -48.56
CA SER B 198 -15.74 -29.33 -49.88
C SER B 198 -15.60 -28.17 -50.86
N ASP B 199 -15.02 -28.43 -52.02
CA ASP B 199 -14.87 -27.39 -53.03
C ASP B 199 -16.24 -26.90 -53.49
N GLU B 200 -17.19 -27.82 -53.62
CA GLU B 200 -18.54 -27.47 -54.05
C GLU B 200 -19.22 -26.51 -53.07
N LYS B 201 -19.03 -26.77 -51.78
CA LYS B 201 -19.61 -25.93 -50.74
C LYS B 201 -18.94 -24.56 -50.74
N LEU B 202 -17.61 -24.56 -50.88
CA LEU B 202 -16.82 -23.32 -50.92
C LEU B 202 -17.40 -22.42 -52.01
N VAL B 203 -17.55 -22.95 -53.21
CA VAL B 203 -18.08 -22.14 -54.32
C VAL B 203 -19.50 -21.66 -54.09
N ARG B 204 -20.36 -22.50 -53.50
CA ARG B 204 -21.74 -22.09 -53.25
C ARG B 204 -21.79 -20.92 -52.27
N LEU B 205 -21.10 -21.04 -51.15
CA LEU B 205 -21.07 -19.99 -50.13
C LEU B 205 -20.39 -18.72 -50.62
N ALA B 206 -19.29 -18.85 -51.34
CA ALA B 206 -18.60 -17.68 -51.86
C ALA B 206 -19.57 -16.89 -52.75
N LYS B 207 -20.31 -17.58 -53.60
CA LYS B 207 -21.29 -16.91 -54.48
C LYS B 207 -22.44 -16.28 -53.68
N GLU B 208 -22.95 -17.00 -52.69
CA GLU B 208 -24.04 -16.46 -51.89
C GLU B 208 -23.58 -15.16 -51.21
N ALA B 209 -22.37 -15.17 -50.68
CA ALA B 209 -21.82 -14.01 -50.00
C ALA B 209 -21.76 -12.81 -50.92
N VAL B 210 -21.28 -12.99 -52.13
CA VAL B 210 -21.21 -11.87 -53.07
C VAL B 210 -22.63 -11.39 -53.37
N ALA B 211 -23.56 -12.34 -53.50
CA ALA B 211 -24.94 -12.02 -53.76
C ALA B 211 -25.50 -11.24 -52.58
N ASP B 212 -25.06 -11.59 -51.38
CA ASP B 212 -25.52 -10.91 -50.18
C ASP B 212 -24.93 -9.52 -50.00
N GLY B 213 -23.98 -9.15 -50.85
CA GLY B 213 -23.40 -7.82 -50.74
C GLY B 213 -22.01 -7.68 -50.13
N PHE B 214 -21.40 -8.78 -49.71
CA PHE B 214 -20.04 -8.69 -49.14
C PHE B 214 -19.05 -8.36 -50.24
N ARG B 215 -18.15 -7.42 -49.97
CA ARG B 215 -17.16 -7.03 -50.97
C ARG B 215 -15.81 -7.69 -50.69
N THR B 216 -15.77 -8.48 -49.63
CA THR B 216 -14.55 -9.18 -49.26
C THR B 216 -14.92 -10.49 -48.61
N ILE B 217 -14.15 -11.54 -48.92
CA ILE B 217 -14.33 -12.87 -48.35
C ILE B 217 -12.97 -13.36 -47.84
N LYS B 218 -12.96 -14.34 -46.93
CA LYS B 218 -11.69 -14.87 -46.45
C LYS B 218 -11.67 -16.39 -46.40
N LEU B 219 -10.59 -16.98 -46.91
CA LEU B 219 -10.42 -18.43 -46.91
C LEU B 219 -9.32 -18.90 -46.00
N LYS B 220 -9.57 -20.03 -45.35
CA LYS B 220 -8.56 -20.65 -44.50
C LYS B 220 -7.62 -21.44 -45.42
N VAL B 221 -6.32 -21.38 -45.15
CA VAL B 221 -5.31 -22.12 -45.93
C VAL B 221 -4.27 -22.59 -44.92
N GLY B 222 -3.22 -23.26 -45.40
CA GLY B 222 -2.15 -23.66 -44.50
C GLY B 222 -1.87 -25.11 -44.18
N ALA B 223 -2.72 -26.02 -44.62
CA ALA B 223 -2.51 -27.43 -44.35
C ALA B 223 -1.86 -28.15 -45.51
N ASN B 224 -2.27 -27.83 -46.73
CA ASN B 224 -1.74 -28.49 -47.92
C ASN B 224 -1.68 -27.49 -49.08
N VAL B 225 -0.49 -27.29 -49.66
CA VAL B 225 -0.37 -26.29 -50.72
C VAL B 225 -1.21 -26.55 -51.96
N GLN B 226 -1.33 -27.82 -52.37
CA GLN B 226 -2.14 -28.14 -53.56
C GLN B 226 -3.60 -27.75 -53.31
N ASP B 227 -4.10 -28.07 -52.12
CA ASP B 227 -5.47 -27.75 -51.73
C ASP B 227 -5.67 -26.25 -51.79
N ASP B 228 -4.73 -25.52 -51.21
CA ASP B 228 -4.80 -24.07 -51.18
C ASP B 228 -4.79 -23.47 -52.58
N ILE B 229 -3.94 -23.99 -53.46
CA ILE B 229 -3.90 -23.46 -54.81
C ILE B 229 -5.26 -23.72 -55.46
N ARG B 230 -5.75 -24.94 -55.32
CA ARG B 230 -7.04 -25.34 -55.91
C ARG B 230 -8.21 -24.52 -55.35
N ARG B 231 -8.27 -24.38 -54.03
CA ARG B 231 -9.34 -23.62 -53.37
C ARG B 231 -9.26 -22.12 -53.69
N CYS B 232 -8.07 -21.54 -53.66
CA CYS B 232 -7.95 -20.12 -54.00
C CYS B 232 -8.38 -19.86 -55.45
N ARG B 233 -7.96 -20.73 -56.36
CA ARG B 233 -8.33 -20.53 -57.75
C ARG B 233 -9.85 -20.55 -57.93
N LEU B 234 -10.50 -21.54 -57.32
CA LEU B 234 -11.96 -21.68 -57.40
C LEU B 234 -12.70 -20.54 -56.73
N ALA B 235 -12.30 -20.20 -55.51
CA ALA B 235 -12.95 -19.11 -54.82
C ALA B 235 -12.85 -17.84 -55.64
N ARG B 236 -11.69 -17.58 -56.25
CA ARG B 236 -11.53 -16.37 -57.06
C ARG B 236 -12.51 -16.36 -58.23
N ALA B 237 -12.68 -17.53 -58.85
CA ALA B 237 -13.59 -17.64 -59.97
C ALA B 237 -15.05 -17.50 -59.51
N ALA B 238 -15.36 -17.97 -58.32
CA ALA B 238 -16.75 -17.88 -57.81
C ALA B 238 -17.11 -16.44 -57.45
N ILE B 239 -16.11 -15.69 -57.05
CA ILE B 239 -16.29 -14.31 -56.62
C ILE B 239 -16.20 -13.27 -57.71
N GLY B 240 -15.42 -13.56 -58.75
CA GLY B 240 -15.24 -12.56 -59.78
C GLY B 240 -13.99 -11.78 -59.40
N PRO B 241 -13.42 -10.99 -60.32
CA PRO B 241 -12.22 -10.19 -60.06
C PRO B 241 -12.36 -8.94 -59.19
N ASP B 242 -13.57 -8.47 -58.98
CA ASP B 242 -13.76 -7.24 -58.21
C ASP B 242 -14.05 -7.39 -56.72
N ILE B 243 -14.08 -8.62 -56.24
CA ILE B 243 -14.33 -8.88 -54.82
C ILE B 243 -12.98 -9.21 -54.17
N ALA B 244 -12.74 -8.68 -52.98
CA ALA B 244 -11.46 -8.94 -52.32
C ALA B 244 -11.44 -10.32 -51.68
N MET B 245 -10.29 -10.97 -51.69
CA MET B 245 -10.17 -12.30 -51.10
C MET B 245 -8.92 -12.40 -50.24
N ALA B 246 -9.11 -12.61 -48.94
CA ALA B 246 -7.95 -12.74 -48.05
C ALA B 246 -7.78 -14.21 -47.70
N VAL B 247 -6.61 -14.52 -47.15
CA VAL B 247 -6.29 -15.87 -46.74
C VAL B 247 -5.74 -15.88 -45.30
N ASP B 248 -6.05 -16.94 -44.58
CA ASP B 248 -5.66 -17.07 -43.17
C ASP B 248 -5.00 -18.42 -42.91
N ALA B 249 -3.72 -18.39 -42.55
CA ALA B 249 -2.97 -19.62 -42.29
C ALA B 249 -2.98 -20.08 -40.85
N ASN B 250 -3.58 -19.28 -39.96
CA ASN B 250 -3.65 -19.64 -38.55
C ASN B 250 -2.34 -20.10 -37.88
N GLN B 251 -1.26 -19.35 -38.11
CA GLN B 251 0.03 -19.62 -37.47
C GLN B 251 0.79 -20.87 -37.88
N ARG B 252 0.29 -21.60 -38.86
CA ARG B 252 0.92 -22.87 -39.27
C ARG B 252 2.35 -22.94 -39.73
N TRP B 253 2.81 -21.91 -40.44
CA TRP B 253 4.13 -21.91 -41.04
C TRP B 253 5.34 -21.31 -40.32
N ASP B 254 6.53 -21.74 -40.75
CA ASP B 254 7.77 -21.18 -40.26
C ASP B 254 8.03 -20.09 -41.31
N VAL B 255 8.97 -19.18 -41.05
CA VAL B 255 9.23 -18.09 -42.01
C VAL B 255 9.58 -18.53 -43.44
N GLY B 256 10.55 -19.41 -43.57
CA GLY B 256 10.96 -19.87 -44.90
C GLY B 256 9.81 -20.45 -45.68
N PRO B 257 9.14 -21.48 -45.16
CA PRO B 257 8.01 -22.10 -45.85
C PRO B 257 6.87 -21.13 -46.18
N ALA B 258 6.58 -20.21 -45.25
CA ALA B 258 5.50 -19.25 -45.46
C ALA B 258 5.77 -18.42 -46.72
N ILE B 259 7.02 -18.05 -46.92
CA ILE B 259 7.40 -17.26 -48.08
C ILE B 259 7.20 -18.08 -49.35
N ASP B 260 7.64 -19.33 -49.33
CA ASP B 260 7.51 -20.21 -50.50
C ASP B 260 6.07 -20.49 -50.82
N TRP B 261 5.29 -20.76 -49.78
CA TRP B 261 3.87 -21.06 -49.90
C TRP B 261 3.08 -19.87 -50.47
N MET B 262 3.21 -18.70 -49.86
CA MET B 262 2.45 -17.53 -50.32
C MET B 262 2.73 -17.06 -51.73
N ARG B 263 3.96 -17.17 -52.18
CA ARG B 263 4.29 -16.72 -53.52
C ARG B 263 3.57 -17.56 -54.57
N GLN B 264 3.11 -18.75 -54.18
CA GLN B 264 2.38 -19.61 -55.10
C GLN B 264 0.91 -19.21 -55.10
N LEU B 265 0.44 -18.56 -54.05
CA LEU B 265 -0.96 -18.14 -54.01
C LEU B 265 -1.15 -16.71 -54.51
N ALA B 266 -0.06 -15.96 -54.63
CA ALA B 266 -0.13 -14.58 -55.08
C ALA B 266 -0.91 -14.34 -56.37
N GLU B 267 -0.80 -15.27 -57.32
CA GLU B 267 -1.50 -15.10 -58.59
C GLU B 267 -3.02 -14.93 -58.50
N PHE B 268 -3.61 -15.36 -57.40
CA PHE B 268 -5.06 -15.26 -57.28
C PHE B 268 -5.55 -13.93 -56.70
N ASP B 269 -4.65 -12.96 -56.60
CA ASP B 269 -4.95 -11.63 -56.08
C ASP B 269 -5.36 -11.71 -54.61
N ILE B 270 -4.37 -11.81 -53.74
CA ILE B 270 -4.59 -11.94 -52.30
C ILE B 270 -4.67 -10.59 -51.60
N ALA B 271 -5.76 -10.36 -50.87
CA ALA B 271 -5.99 -9.11 -50.14
C ALA B 271 -4.96 -8.97 -49.02
N TRP B 272 -4.72 -10.07 -48.32
CA TRP B 272 -3.73 -10.16 -47.25
C TRP B 272 -3.68 -11.60 -46.74
N ILE B 273 -2.55 -11.98 -46.18
CA ILE B 273 -2.39 -13.30 -45.58
C ILE B 273 -2.33 -13.02 -44.09
N GLU B 274 -3.24 -13.65 -43.34
CA GLU B 274 -3.37 -13.47 -41.90
C GLU B 274 -2.63 -14.55 -41.12
N GLU B 275 -1.90 -14.13 -40.10
CA GLU B 275 -1.13 -15.04 -39.24
C GLU B 275 -0.33 -16.12 -39.99
N PRO B 276 0.61 -15.71 -40.85
CA PRO B 276 1.39 -16.74 -41.55
C PRO B 276 2.23 -17.57 -40.58
N THR B 277 2.60 -16.98 -39.45
CA THR B 277 3.42 -17.71 -38.48
C THR B 277 3.02 -17.43 -37.02
N SER B 278 3.84 -17.89 -36.09
CA SER B 278 3.59 -17.70 -34.66
C SER B 278 3.23 -16.25 -34.31
N PRO B 279 2.20 -16.06 -33.48
CA PRO B 279 1.75 -14.74 -33.07
C PRO B 279 2.75 -13.98 -32.17
N ASP B 280 3.84 -14.64 -31.81
CA ASP B 280 4.86 -13.99 -30.99
C ASP B 280 6.06 -13.60 -31.83
N ASP B 281 6.10 -14.09 -33.07
CA ASP B 281 7.25 -13.80 -33.92
C ASP B 281 7.13 -12.52 -34.73
N VAL B 282 7.46 -11.42 -34.06
CA VAL B 282 7.44 -10.10 -34.67
C VAL B 282 8.45 -10.06 -35.81
N LEU B 283 9.67 -10.49 -35.56
CA LEU B 283 10.70 -10.47 -36.59
C LEU B 283 10.31 -11.38 -37.76
N GLY B 284 9.74 -12.55 -37.44
CA GLY B 284 9.33 -13.49 -38.46
C GLY B 284 8.30 -12.90 -39.42
N HIS B 285 7.31 -12.20 -38.89
CA HIS B 285 6.29 -11.58 -39.74
C HIS B 285 6.89 -10.54 -40.65
N ALA B 286 7.82 -9.74 -40.15
CA ALA B 286 8.44 -8.74 -41.00
C ALA B 286 9.24 -9.42 -42.11
N ALA B 287 9.88 -10.53 -41.77
CA ALA B 287 10.68 -11.30 -42.74
C ALA B 287 9.77 -11.83 -43.86
N ILE B 288 8.63 -12.40 -43.46
CA ILE B 288 7.68 -12.92 -44.43
C ILE B 288 7.18 -11.82 -45.35
N ARG B 289 6.82 -10.68 -44.75
CA ARG B 289 6.32 -9.53 -45.49
C ARG B 289 7.30 -9.08 -46.56
N GLN B 290 8.58 -9.01 -46.20
CA GLN B 290 9.59 -8.57 -47.16
C GLN B 290 9.79 -9.62 -48.27
N GLY B 291 9.61 -10.89 -47.94
CA GLY B 291 9.79 -11.94 -48.94
C GLY B 291 8.63 -12.19 -49.89
N ILE B 292 7.40 -11.86 -49.50
CA ILE B 292 6.26 -12.10 -50.38
C ILE B 292 5.67 -10.83 -50.94
N THR B 293 6.37 -9.72 -50.75
CA THR B 293 5.89 -8.45 -51.27
C THR B 293 5.58 -8.62 -52.76
N PRO B 294 4.50 -7.98 -53.25
CA PRO B 294 3.55 -7.10 -52.57
C PRO B 294 2.35 -7.73 -51.86
N VAL B 295 2.35 -9.04 -51.62
CA VAL B 295 1.23 -9.65 -50.91
C VAL B 295 1.20 -9.10 -49.46
N PRO B 296 0.10 -8.44 -49.06
CA PRO B 296 -0.01 -7.89 -47.70
C PRO B 296 -0.04 -8.91 -46.56
N VAL B 297 0.57 -8.57 -45.43
CA VAL B 297 0.60 -9.45 -44.27
C VAL B 297 -0.15 -8.83 -43.08
N SER B 298 -0.88 -9.66 -42.31
CA SER B 298 -1.59 -9.19 -41.14
C SER B 298 -1.43 -10.20 -40.00
N THR B 299 -1.82 -9.77 -38.81
CA THR B 299 -1.77 -10.61 -37.61
C THR B 299 -2.44 -9.78 -36.51
N GLY B 300 -2.78 -10.42 -35.40
CA GLY B 300 -3.39 -9.67 -34.31
C GLY B 300 -4.44 -10.33 -33.46
N GLU B 301 -5.14 -11.33 -33.98
CA GLU B 301 -6.19 -11.96 -33.19
C GLU B 301 -5.69 -12.67 -31.94
N HIS B 302 -4.41 -13.01 -31.92
CA HIS B 302 -3.82 -13.67 -30.76
C HIS B 302 -2.68 -12.85 -30.16
N THR B 303 -2.51 -11.61 -30.62
CA THR B 303 -1.43 -10.76 -30.09
C THR B 303 -1.80 -10.51 -28.64
N GLN B 304 -0.89 -10.88 -27.74
CA GLN B 304 -1.15 -10.80 -26.31
C GLN B 304 -1.44 -9.46 -25.64
N ASN B 305 -0.77 -8.40 -26.08
CA ASN B 305 -0.98 -7.09 -25.48
C ASN B 305 -0.48 -5.97 -26.36
N ARG B 306 -0.69 -4.74 -25.91
CA ARG B 306 -0.29 -3.58 -26.67
C ARG B 306 1.21 -3.46 -26.88
N VAL B 307 2.02 -4.12 -26.04
CA VAL B 307 3.46 -4.02 -26.20
C VAL B 307 3.89 -4.78 -27.46
N VAL B 308 3.24 -5.90 -27.72
CA VAL B 308 3.57 -6.67 -28.90
C VAL B 308 3.05 -5.94 -30.16
N PHE B 309 1.90 -5.29 -30.06
CA PHE B 309 1.39 -4.55 -31.21
C PHE B 309 2.36 -3.41 -31.49
N LYS B 310 2.84 -2.75 -30.44
CA LYS B 310 3.81 -1.67 -30.63
C LYS B 310 5.00 -2.14 -31.47
N GLN B 311 5.53 -3.32 -31.14
CA GLN B 311 6.68 -3.82 -31.86
C GLN B 311 6.34 -4.23 -33.30
N LEU B 312 5.14 -4.79 -33.50
CA LEU B 312 4.75 -5.20 -34.85
C LEU B 312 4.82 -3.96 -35.74
N LEU B 313 4.30 -2.83 -35.24
CA LEU B 313 4.31 -1.57 -35.98
C LEU B 313 5.71 -0.98 -36.15
N GLN B 314 6.51 -1.01 -35.08
CA GLN B 314 7.87 -0.49 -35.16
C GLN B 314 8.74 -1.26 -36.16
N ALA B 315 8.57 -2.57 -36.19
CA ALA B 315 9.35 -3.41 -37.08
C ALA B 315 8.81 -3.47 -38.51
N GLY B 316 7.75 -2.72 -38.79
CA GLY B 316 7.16 -2.74 -40.12
C GLY B 316 6.86 -4.18 -40.49
N ALA B 317 6.29 -4.91 -39.56
CA ALA B 317 5.98 -6.31 -39.74
C ALA B 317 4.63 -6.62 -40.36
N VAL B 318 3.75 -5.63 -40.42
CA VAL B 318 2.41 -5.83 -40.97
C VAL B 318 1.94 -4.72 -41.89
N ASP B 319 1.02 -5.07 -42.79
CA ASP B 319 0.44 -4.10 -43.71
C ASP B 319 -0.87 -3.65 -43.08
N LEU B 320 -1.46 -4.52 -42.28
CA LEU B 320 -2.70 -4.22 -41.58
C LEU B 320 -2.77 -5.15 -40.37
N ILE B 321 -3.62 -4.83 -39.40
CA ILE B 321 -3.72 -5.66 -38.21
C ILE B 321 -5.15 -6.00 -37.80
N GLN B 322 -5.26 -7.06 -37.03
CA GLN B 322 -6.53 -7.46 -36.43
C GLN B 322 -6.45 -7.02 -34.96
N ILE B 323 -7.61 -6.74 -34.37
CA ILE B 323 -7.67 -6.49 -32.94
C ILE B 323 -8.74 -7.48 -32.56
N ASP B 324 -8.74 -7.89 -31.31
CA ASP B 324 -9.75 -8.84 -30.83
C ASP B 324 -10.31 -8.29 -29.54
N ALA B 325 -11.62 -8.37 -29.39
CA ALA B 325 -12.27 -7.84 -28.21
C ALA B 325 -12.01 -8.63 -26.94
N ALA B 326 -11.71 -9.91 -27.06
CA ALA B 326 -11.51 -10.72 -25.87
C ALA B 326 -10.09 -11.24 -25.60
N ARG B 327 -9.15 -10.94 -26.47
CA ARG B 327 -7.78 -11.43 -26.32
C ARG B 327 -6.90 -10.66 -25.33
N VAL B 328 -7.06 -9.34 -25.30
CA VAL B 328 -6.24 -8.49 -24.44
C VAL B 328 -6.91 -8.04 -23.13
N GLY B 329 -6.39 -6.95 -22.57
CA GLY B 329 -6.94 -6.43 -21.33
C GLY B 329 -8.11 -5.50 -21.55
N GLY B 330 -9.13 -5.99 -22.26
CA GLY B 330 -10.34 -5.20 -22.50
C GLY B 330 -10.24 -3.91 -23.27
N VAL B 331 -11.32 -3.13 -23.23
CA VAL B 331 -11.41 -1.87 -23.95
C VAL B 331 -10.19 -0.97 -23.80
N ASN B 332 -9.74 -0.80 -22.57
CA ASN B 332 -8.58 0.05 -22.30
C ASN B 332 -7.41 -0.30 -23.20
N GLU B 333 -7.11 -1.58 -23.28
CA GLU B 333 -5.97 -2.02 -24.08
C GLU B 333 -6.24 -1.87 -25.57
N ASN B 334 -7.46 -2.17 -25.98
CA ASN B 334 -7.78 -2.03 -27.40
C ASN B 334 -7.70 -0.57 -27.85
N LEU B 335 -8.10 0.36 -26.98
CA LEU B 335 -8.02 1.77 -27.34
C LEU B 335 -6.56 2.17 -27.58
N ALA B 336 -5.66 1.66 -26.78
CA ALA B 336 -4.24 1.98 -26.95
C ALA B 336 -3.76 1.44 -28.31
N ILE B 337 -4.18 0.22 -28.61
CA ILE B 337 -3.79 -0.42 -29.87
C ILE B 337 -4.32 0.35 -31.07
N LEU B 338 -5.58 0.76 -31.01
CA LEU B 338 -6.17 1.55 -32.11
C LEU B 338 -5.41 2.87 -32.30
N LEU B 339 -4.99 3.48 -31.19
CA LEU B 339 -4.23 4.73 -31.27
C LEU B 339 -2.86 4.49 -31.87
N LEU B 340 -2.22 3.39 -31.49
CA LEU B 340 -0.91 3.07 -32.06
C LEU B 340 -1.06 2.90 -33.57
N ALA B 341 -2.04 2.12 -33.99
CA ALA B 341 -2.26 1.88 -35.42
C ALA B 341 -2.48 3.18 -36.19
N ALA B 342 -3.26 4.07 -35.61
CA ALA B 342 -3.53 5.36 -36.23
C ALA B 342 -2.24 6.18 -36.33
N LYS B 343 -1.43 6.19 -35.28
CA LYS B 343 -0.19 6.96 -35.31
C LYS B 343 0.78 6.39 -36.34
N PHE B 344 0.74 5.07 -36.54
CA PHE B 344 1.63 4.44 -37.51
C PHE B 344 0.97 4.27 -38.88
N GLY B 345 -0.27 4.72 -38.99
CA GLY B 345 -1.00 4.63 -40.26
C GLY B 345 -1.23 3.23 -40.80
N VAL B 346 -1.58 2.29 -39.92
CA VAL B 346 -1.86 0.93 -40.38
C VAL B 346 -3.33 0.65 -40.16
N ARG B 347 -4.01 0.19 -41.21
CA ARG B 347 -5.44 -0.09 -41.13
C ARG B 347 -5.71 -1.23 -40.16
N VAL B 348 -6.90 -1.22 -39.57
CA VAL B 348 -7.33 -2.24 -38.63
C VAL B 348 -8.54 -3.00 -39.16
N PHE B 349 -8.43 -4.32 -39.28
CA PHE B 349 -9.55 -5.17 -39.72
C PHE B 349 -9.86 -6.09 -38.55
N PRO B 350 -10.79 -5.69 -37.67
CA PRO B 350 -11.16 -6.50 -36.49
C PRO B 350 -11.46 -7.99 -36.70
N HIS B 351 -10.94 -8.81 -35.80
CA HIS B 351 -11.18 -10.25 -35.82
C HIS B 351 -12.54 -10.47 -35.18
N ALA B 352 -13.32 -11.40 -35.71
CA ALA B 352 -14.63 -11.66 -35.13
C ALA B 352 -15.03 -13.12 -35.26
N GLY B 353 -16.28 -13.40 -34.95
CA GLY B 353 -16.77 -14.76 -35.03
C GLY B 353 -16.90 -15.43 -33.69
N GLY B 354 -16.32 -16.63 -33.57
CA GLY B 354 -16.40 -17.36 -32.33
C GLY B 354 -17.79 -17.19 -31.71
N VAL B 355 -17.81 -16.81 -30.45
CA VAL B 355 -19.07 -16.60 -29.75
C VAL B 355 -19.16 -15.12 -29.36
N GLY B 356 -20.05 -14.38 -30.03
CA GLY B 356 -20.25 -12.99 -29.71
C GLY B 356 -19.12 -12.01 -29.93
N LEU B 357 -18.09 -12.40 -30.67
CA LEU B 357 -16.99 -11.48 -30.92
C LEU B 357 -17.44 -10.42 -31.93
N CYS B 358 -18.41 -10.77 -32.76
CA CYS B 358 -18.93 -9.81 -33.72
C CYS B 358 -19.66 -8.74 -32.90
N GLU B 359 -20.51 -9.21 -31.98
CA GLU B 359 -21.30 -8.33 -31.10
C GLU B 359 -20.40 -7.35 -30.33
N LEU B 360 -19.29 -7.86 -29.82
CA LEU B 360 -18.34 -7.05 -29.07
C LEU B 360 -17.49 -6.09 -29.89
N VAL B 361 -16.71 -6.66 -30.80
CA VAL B 361 -15.77 -5.88 -31.61
C VAL B 361 -16.32 -4.80 -32.52
N GLN B 362 -17.57 -4.93 -32.96
CA GLN B 362 -18.16 -3.93 -33.83
C GLN B 362 -18.09 -2.57 -33.12
N HIS B 363 -18.29 -2.55 -31.80
CA HIS B 363 -18.25 -1.29 -31.07
C HIS B 363 -16.90 -0.61 -31.11
N LEU B 364 -15.83 -1.39 -31.03
CA LEU B 364 -14.49 -0.83 -31.04
C LEU B 364 -14.16 -0.20 -32.39
N ALA B 365 -14.47 -0.92 -33.47
CA ALA B 365 -14.18 -0.39 -34.78
C ALA B 365 -15.00 0.89 -35.01
N MET B 366 -16.24 0.90 -34.54
CA MET B 366 -17.08 2.07 -34.76
C MET B 366 -16.64 3.31 -33.97
N ALA B 367 -16.19 3.11 -32.73
CA ALA B 367 -15.71 4.24 -31.94
C ALA B 367 -14.45 4.75 -32.61
N ASP B 368 -13.67 3.84 -33.17
CA ASP B 368 -12.42 4.19 -33.84
C ASP B 368 -12.68 5.10 -35.03
N PHE B 369 -13.68 4.74 -35.84
CA PHE B 369 -14.01 5.54 -37.02
C PHE B 369 -14.38 6.97 -36.63
N VAL B 370 -15.26 7.07 -35.64
CA VAL B 370 -15.77 8.35 -35.15
C VAL B 370 -14.76 9.22 -34.38
N ALA B 371 -14.13 8.63 -33.36
CA ALA B 371 -13.22 9.38 -32.51
C ALA B 371 -11.73 9.31 -32.80
N ILE B 372 -11.28 8.38 -33.64
CA ILE B 372 -9.85 8.28 -33.91
C ILE B 372 -9.43 8.52 -35.36
N THR B 373 -9.76 7.57 -36.23
CA THR B 373 -9.34 7.66 -37.63
C THR B 373 -10.22 8.41 -38.63
N GLY B 374 -11.51 8.19 -38.58
CA GLY B 374 -12.38 8.83 -39.55
C GLY B 374 -12.28 8.02 -40.84
N LYS B 375 -11.68 6.84 -40.74
CA LYS B 375 -11.52 5.97 -41.89
C LYS B 375 -12.19 4.61 -41.71
N MET B 376 -13.07 4.25 -42.64
CA MET B 376 -13.71 2.95 -42.55
C MET B 376 -13.89 2.29 -43.93
N GLU B 377 -13.90 3.10 -44.99
CA GLU B 377 -14.08 2.55 -46.33
C GLU B 377 -12.86 1.76 -46.81
N ASP B 378 -11.73 1.96 -46.13
CA ASP B 378 -10.48 1.29 -46.47
C ASP B 378 -10.26 0.02 -45.64
N ARG B 379 -11.25 -0.36 -44.85
CA ARG B 379 -11.14 -1.54 -44.01
C ARG B 379 -12.49 -2.16 -43.80
N ALA B 380 -12.55 -3.17 -42.94
CA ALA B 380 -13.79 -3.86 -42.68
C ALA B 380 -13.71 -4.75 -41.46
N ILE B 381 -14.88 -5.08 -40.93
CA ILE B 381 -15.00 -5.93 -39.77
C ILE B 381 -15.36 -7.35 -40.18
N GLU B 382 -14.65 -8.33 -39.61
CA GLU B 382 -14.92 -9.72 -39.93
C GLU B 382 -16.32 -10.08 -39.48
N PHE B 383 -16.96 -10.96 -40.25
CA PHE B 383 -18.29 -11.43 -39.91
C PHE B 383 -18.39 -12.91 -40.24
N VAL B 384 -19.00 -13.64 -39.31
CA VAL B 384 -19.19 -15.07 -39.43
C VAL B 384 -20.65 -15.21 -39.06
N ASP B 385 -21.38 -16.04 -39.79
CA ASP B 385 -22.80 -16.19 -39.50
C ASP B 385 -23.11 -17.38 -38.59
N HIS B 386 -22.75 -17.26 -37.32
CA HIS B 386 -22.99 -18.33 -36.36
C HIS B 386 -23.32 -17.82 -34.95
N LEU B 387 -24.18 -18.55 -34.26
CA LEU B 387 -24.59 -18.28 -32.88
C LEU B 387 -25.15 -16.92 -32.49
N HIS B 388 -25.45 -16.06 -33.47
CA HIS B 388 -25.97 -14.74 -33.14
C HIS B 388 -27.32 -14.76 -32.42
N GLN B 389 -28.08 -15.84 -32.59
CA GLN B 389 -29.38 -15.97 -31.97
C GLN B 389 -29.37 -16.04 -30.43
N HIS B 390 -28.19 -16.22 -29.84
CA HIS B 390 -28.11 -16.33 -28.38
C HIS B 390 -27.85 -15.00 -27.68
N PHE B 391 -27.86 -13.91 -28.43
CA PHE B 391 -27.62 -12.58 -27.89
C PHE B 391 -28.85 -11.70 -27.97
N LEU B 392 -29.06 -10.88 -26.95
CA LEU B 392 -30.20 -9.98 -26.94
C LEU B 392 -30.05 -8.88 -27.97
N ASP B 393 -28.80 -8.52 -28.25
CA ASP B 393 -28.52 -7.47 -29.22
C ASP B 393 -27.61 -8.01 -30.33
N PRO B 394 -28.11 -8.96 -31.13
CA PRO B 394 -27.36 -9.58 -32.24
C PRO B 394 -26.94 -8.56 -33.28
N VAL B 395 -25.79 -8.81 -33.91
CA VAL B 395 -25.32 -7.88 -34.92
C VAL B 395 -26.32 -7.88 -36.07
N ARG B 396 -26.36 -6.79 -36.81
CA ARG B 396 -27.27 -6.69 -37.94
C ARG B 396 -26.48 -6.31 -39.19
N ILE B 397 -26.46 -7.23 -40.16
CA ILE B 397 -25.76 -6.99 -41.40
C ILE B 397 -26.76 -6.58 -42.49
N GLN B 398 -26.50 -5.44 -43.12
CA GLN B 398 -27.35 -4.94 -44.19
C GLN B 398 -26.50 -4.85 -45.45
N HIS B 399 -26.71 -5.81 -46.33
CA HIS B 399 -25.98 -5.92 -47.58
C HIS B 399 -24.46 -5.74 -47.42
N GLY B 400 -23.86 -6.68 -46.70
CA GLY B 400 -22.42 -6.66 -46.48
C GLY B 400 -21.89 -5.57 -45.58
N ARG B 401 -22.75 -4.93 -44.81
CA ARG B 401 -22.32 -3.87 -43.90
C ARG B 401 -22.93 -4.01 -42.52
N TYR B 402 -22.13 -3.74 -41.50
CA TYR B 402 -22.59 -3.79 -40.13
C TYR B 402 -23.41 -2.54 -39.85
N LEU B 403 -24.59 -2.72 -39.27
CA LEU B 403 -25.43 -1.57 -38.92
C LEU B 403 -25.05 -1.20 -37.49
N ALA B 404 -24.98 0.10 -37.21
CA ALA B 404 -24.60 0.59 -35.88
C ALA B 404 -25.56 0.18 -34.78
N PRO B 405 -25.04 -0.39 -33.69
CA PRO B 405 -25.90 -0.83 -32.59
C PRO B 405 -26.67 0.37 -32.02
N GLU B 406 -27.83 0.11 -31.42
CA GLU B 406 -28.65 1.19 -30.88
C GLU B 406 -28.92 1.07 -29.39
N VAL B 407 -29.08 -0.16 -28.91
CA VAL B 407 -29.35 -0.42 -27.51
C VAL B 407 -28.10 -0.10 -26.68
N PRO B 408 -28.26 0.27 -25.39
CA PRO B 408 -27.09 0.57 -24.58
C PRO B 408 -26.29 -0.68 -24.25
N GLY B 409 -24.99 -0.53 -24.06
CA GLY B 409 -24.18 -1.68 -23.71
C GLY B 409 -23.16 -2.09 -24.77
N PHE B 410 -22.48 -3.20 -24.46
CA PHE B 410 -21.43 -3.80 -25.27
C PHE B 410 -21.97 -4.96 -26.14
N SER B 411 -23.29 -5.17 -26.09
CA SER B 411 -23.95 -6.22 -26.87
C SER B 411 -23.55 -7.62 -26.43
N ALA B 412 -22.94 -7.70 -25.25
CA ALA B 412 -22.46 -8.98 -24.73
C ALA B 412 -23.52 -9.85 -24.06
N GLU B 413 -24.57 -9.24 -23.53
CA GLU B 413 -25.62 -9.98 -22.85
C GLU B 413 -26.22 -11.13 -23.66
N MET B 414 -26.30 -12.31 -23.04
CA MET B 414 -26.85 -13.50 -23.69
C MET B 414 -28.20 -13.92 -23.11
N HIS B 415 -29.01 -14.58 -23.92
CA HIS B 415 -30.31 -15.05 -23.48
C HIS B 415 -30.12 -16.04 -22.35
N PRO B 416 -30.79 -15.82 -21.22
CA PRO B 416 -30.65 -16.73 -20.07
C PRO B 416 -30.91 -18.18 -20.50
N ALA B 417 -31.83 -18.34 -21.44
CA ALA B 417 -32.18 -19.65 -21.96
C ALA B 417 -31.03 -20.31 -22.70
N SER B 418 -30.28 -19.52 -23.47
CA SER B 418 -29.14 -20.07 -24.21
C SER B 418 -28.12 -20.59 -23.21
N ILE B 419 -27.95 -19.87 -22.11
CA ILE B 419 -27.02 -20.27 -21.06
C ILE B 419 -27.46 -21.61 -20.48
N ALA B 420 -28.70 -21.66 -20.02
CA ALA B 420 -29.26 -22.87 -19.44
C ALA B 420 -29.17 -24.05 -20.40
N GLU B 421 -29.23 -23.76 -21.69
CA GLU B 421 -29.17 -24.81 -22.69
C GLU B 421 -27.77 -25.35 -22.96
N PHE B 422 -26.79 -24.46 -23.05
CA PHE B 422 -25.44 -24.92 -23.37
C PHE B 422 -24.36 -24.79 -22.32
N SER B 423 -24.73 -24.64 -21.05
CA SER B 423 -23.73 -24.56 -20.00
C SER B 423 -23.08 -25.91 -19.90
N TYR B 424 -21.76 -25.94 -19.76
CA TYR B 424 -21.02 -27.19 -19.66
C TYR B 424 -20.64 -27.48 -18.21
N PRO B 425 -20.74 -28.75 -17.79
CA PRO B 425 -21.20 -29.90 -18.58
C PRO B 425 -22.64 -30.26 -18.22
N ASP B 426 -23.14 -29.65 -17.15
CA ASP B 426 -24.49 -29.89 -16.66
C ASP B 426 -25.59 -29.13 -17.39
N GLY B 427 -25.29 -28.68 -18.61
CA GLY B 427 -26.29 -27.96 -19.39
C GLY B 427 -27.26 -28.94 -20.02
N ARG B 428 -28.46 -28.49 -20.34
CA ARG B 428 -29.45 -29.38 -20.93
C ARG B 428 -28.91 -30.09 -22.18
N PHE B 429 -28.56 -29.32 -23.20
CA PHE B 429 -28.04 -29.87 -24.44
C PHE B 429 -26.89 -30.85 -24.22
N TRP B 430 -26.02 -30.53 -23.26
CA TRP B 430 -24.87 -31.37 -22.96
C TRP B 430 -25.20 -32.56 -22.07
N VAL B 431 -26.48 -32.87 -21.92
CA VAL B 431 -26.86 -34.00 -21.09
C VAL B 431 -27.01 -35.24 -21.98
N GLU B 432 -26.69 -35.08 -23.25
CA GLU B 432 -26.76 -36.17 -24.22
C GLU B 432 -25.40 -36.36 -24.87
N MET C 1 5.85 -22.44 13.91
CA MET C 1 5.99 -20.96 13.84
C MET C 1 5.35 -20.28 15.04
N ARG C 2 6.17 -19.66 15.88
CA ARG C 2 5.65 -18.97 17.06
C ARG C 2 4.88 -17.72 16.63
N THR C 3 3.69 -17.56 17.18
CA THR C 3 2.83 -16.43 16.85
C THR C 3 2.16 -15.79 18.05
N ILE C 4 1.88 -14.49 17.95
CA ILE C 4 1.21 -13.78 19.01
C ILE C 4 -0.25 -14.19 18.89
N ILE C 5 -0.76 -14.87 19.91
CA ILE C 5 -2.15 -15.35 19.89
C ILE C 5 -3.12 -14.50 20.72
N ALA C 6 -2.59 -13.53 21.43
CA ALA C 6 -3.47 -12.69 22.24
C ALA C 6 -2.78 -11.44 22.76
N LEU C 7 -3.59 -10.41 22.99
CA LEU C 7 -3.11 -9.15 23.55
C LEU C 7 -4.09 -8.88 24.68
N GLU C 8 -3.72 -9.30 25.88
CA GLU C 8 -4.55 -9.15 27.06
C GLU C 8 -4.37 -7.78 27.72
N THR C 9 -5.46 -7.23 28.24
CA THR C 9 -5.41 -5.93 28.90
C THR C 9 -6.18 -5.93 30.21
N HIS C 10 -5.62 -5.28 31.23
CA HIS C 10 -6.27 -5.20 32.53
C HIS C 10 -6.26 -3.79 33.11
N ASP C 11 -7.39 -3.39 33.68
CA ASP C 11 -7.50 -2.07 34.29
C ASP C 11 -7.11 -2.30 35.76
N VAL C 12 -5.85 -2.03 36.10
CA VAL C 12 -5.37 -2.22 37.47
C VAL C 12 -5.27 -0.89 38.23
N ARG C 13 -6.04 -0.76 39.30
CA ARG C 13 -6.07 0.46 40.10
C ARG C 13 -5.68 0.21 41.56
N PHE C 14 -4.72 0.99 42.05
CA PHE C 14 -4.27 0.88 43.44
C PHE C 14 -4.78 2.10 44.22
N PRO C 15 -5.32 1.88 45.44
CA PRO C 15 -5.84 2.96 46.29
C PRO C 15 -4.75 3.72 47.06
N THR C 16 -3.80 4.30 46.32
CA THR C 16 -2.72 5.05 46.93
C THR C 16 -3.19 6.39 47.50
N SER C 17 -4.40 6.81 47.14
CA SER C 17 -4.95 8.07 47.62
C SER C 17 -5.53 7.90 49.01
N ARG C 18 -4.98 6.95 49.77
CA ARG C 18 -5.42 6.70 51.14
C ARG C 18 -4.33 7.12 52.11
N GLU C 19 -3.09 7.14 51.60
CA GLU C 19 -1.94 7.55 52.39
C GLU C 19 -1.45 8.88 51.82
N LEU C 20 -0.40 9.43 52.42
CA LEU C 20 0.16 10.69 51.96
C LEU C 20 1.29 10.41 50.98
N ASP C 21 0.95 10.21 49.71
CA ASP C 21 1.95 9.91 48.69
C ASP C 21 1.61 10.49 47.33
N GLY C 22 2.61 10.58 46.46
CA GLY C 22 2.43 11.10 45.12
C GLY C 22 1.73 12.44 44.97
N SER C 23 1.38 13.06 46.09
CA SER C 23 0.71 14.35 46.06
C SER C 23 1.66 15.50 45.75
N ASP C 24 1.31 16.29 44.75
CA ASP C 24 2.11 17.44 44.35
C ASP C 24 1.19 18.63 44.11
N ALA C 25 1.73 19.71 43.56
CA ALA C 25 0.95 20.92 43.33
C ALA C 25 -0.14 20.80 42.27
N MET C 26 0.02 19.84 41.35
CA MET C 26 -0.95 19.66 40.27
C MET C 26 -1.88 18.47 40.52
N ASN C 27 -1.32 17.40 41.07
CA ASN C 27 -2.06 16.18 41.35
C ASN C 27 -2.09 15.93 42.86
N PRO C 28 -3.17 16.38 43.53
CA PRO C 28 -3.34 16.23 44.97
C PRO C 28 -3.65 14.82 45.48
N ASP C 29 -4.57 14.12 44.82
CA ASP C 29 -4.96 12.79 45.24
C ASP C 29 -4.76 11.69 44.19
N PRO C 30 -3.50 11.53 43.72
CA PRO C 30 -3.19 10.51 42.71
C PRO C 30 -3.46 9.08 43.14
N ASP C 31 -4.21 8.36 42.30
CA ASP C 31 -4.53 6.96 42.53
C ASP C 31 -3.72 6.13 41.55
N TYR C 32 -2.46 5.87 41.89
CA TYR C 32 -1.57 5.10 41.03
C TYR C 32 -2.24 3.88 40.41
N SER C 33 -2.32 3.87 39.08
CA SER C 33 -2.95 2.77 38.36
C SER C 33 -2.13 2.38 37.13
N ALA C 34 -2.55 1.32 36.45
CA ALA C 34 -1.84 0.90 35.25
C ALA C 34 -2.70 0.13 34.28
N ALA C 35 -2.54 0.45 32.99
CA ALA C 35 -3.24 -0.25 31.93
C ALA C 35 -2.24 -1.37 31.62
N TYR C 36 -2.50 -2.54 32.16
CA TYR C 36 -1.63 -3.70 32.02
C TYR C 36 -1.87 -4.48 30.73
N VAL C 37 -0.83 -4.61 29.92
CA VAL C 37 -0.93 -5.31 28.64
C VAL C 37 -0.10 -6.57 28.59
N VAL C 38 -0.64 -7.62 27.98
CA VAL C 38 0.08 -8.87 27.85
C VAL C 38 0.04 -9.39 26.43
N LEU C 39 1.21 -9.70 25.89
CA LEU C 39 1.36 -10.23 24.54
C LEU C 39 1.68 -11.72 24.69
N ARG C 40 0.65 -12.55 24.70
CA ARG C 40 0.87 -13.98 24.85
C ARG C 40 1.08 -14.66 23.51
N THR C 41 1.98 -15.64 23.48
CA THR C 41 2.28 -16.37 22.26
C THR C 41 1.89 -17.84 22.41
N ASP C 42 2.06 -18.59 21.33
CA ASP C 42 1.74 -20.03 21.35
C ASP C 42 3.02 -20.84 21.56
N GLY C 43 4.13 -20.14 21.82
CA GLY C 43 5.39 -20.81 22.06
C GLY C 43 5.50 -21.29 23.49
N ALA C 44 6.74 -21.42 23.98
CA ALA C 44 6.96 -21.86 25.35
C ALA C 44 6.05 -21.06 26.29
N GLU C 45 5.43 -21.74 27.25
CA GLU C 45 4.55 -21.08 28.20
C GLU C 45 5.22 -19.78 28.66
N ASP C 46 6.55 -19.78 28.65
CA ASP C 46 7.35 -18.65 29.05
C ASP C 46 7.08 -17.43 28.17
N LEU C 47 7.30 -17.60 26.87
CA LEU C 47 7.11 -16.51 25.92
C LEU C 47 5.81 -15.74 26.04
N ALA C 48 5.98 -14.48 26.41
CA ALA C 48 4.88 -13.54 26.60
C ALA C 48 5.54 -12.17 26.76
N GLY C 49 4.87 -11.12 26.32
CA GLY C 49 5.43 -9.79 26.45
C GLY C 49 4.64 -9.03 27.50
N TYR C 50 5.34 -8.24 28.32
CA TYR C 50 4.65 -7.48 29.36
C TYR C 50 4.95 -5.99 29.28
N GLY C 51 3.91 -5.19 29.45
CA GLY C 51 4.04 -3.74 29.41
C GLY C 51 2.86 -3.11 30.12
N LEU C 52 2.88 -1.78 30.21
CA LEU C 52 1.77 -1.07 30.85
C LEU C 52 1.94 0.43 30.73
N VAL C 53 0.82 1.15 30.82
CA VAL C 53 0.84 2.60 30.75
C VAL C 53 0.47 3.11 32.14
N PHE C 54 1.28 4.01 32.70
CA PHE C 54 0.98 4.52 34.03
C PHE C 54 -0.07 5.62 34.00
N THR C 55 -1.04 5.49 34.90
CA THR C 55 -2.16 6.43 35.03
C THR C 55 -2.36 6.71 36.51
N ILE C 56 -3.14 7.74 36.85
CA ILE C 56 -3.37 8.05 38.26
C ILE C 56 -4.81 7.97 38.71
N GLY C 57 -5.56 7.01 38.16
CA GLY C 57 -6.95 6.85 38.55
C GLY C 57 -7.96 6.96 37.43
N ARG C 58 -8.78 8.00 37.50
CA ARG C 58 -9.80 8.25 36.49
C ARG C 58 -9.15 8.25 35.09
N GLY C 59 -9.81 7.62 34.14
CA GLY C 59 -9.27 7.57 32.79
C GLY C 59 -8.42 6.33 32.52
N ASN C 60 -8.21 5.50 33.54
CA ASN C 60 -7.40 4.31 33.33
C ASN C 60 -8.20 3.30 32.52
N ASP C 61 -9.53 3.41 32.57
CA ASP C 61 -10.37 2.50 31.83
C ASP C 61 -10.33 2.85 30.33
N VAL C 62 -10.24 4.14 30.02
CA VAL C 62 -10.17 4.57 28.63
C VAL C 62 -8.80 4.23 28.05
N GLN C 63 -7.77 4.33 28.89
CA GLN C 63 -6.41 4.03 28.47
C GLN C 63 -6.30 2.54 28.21
N THR C 64 -6.97 1.74 29.04
CA THR C 64 -6.93 0.30 28.88
C THR C 64 -7.63 -0.05 27.56
N ALA C 65 -8.78 0.57 27.34
CA ALA C 65 -9.56 0.33 26.13
C ALA C 65 -8.77 0.71 24.88
N ALA C 66 -7.93 1.73 24.99
CA ALA C 66 -7.12 2.17 23.86
C ALA C 66 -6.16 1.07 23.47
N VAL C 67 -5.58 0.42 24.47
CA VAL C 67 -4.65 -0.66 24.19
C VAL C 67 -5.42 -1.83 23.57
N ALA C 68 -6.49 -2.23 24.24
CA ALA C 68 -7.31 -3.34 23.76
C ALA C 68 -7.68 -3.19 22.30
N ALA C 69 -7.69 -1.95 21.81
CA ALA C 69 -8.05 -1.69 20.42
C ALA C 69 -6.90 -1.93 19.43
N LEU C 70 -5.75 -2.32 19.94
CA LEU C 70 -4.60 -2.58 19.07
C LEU C 70 -4.42 -4.07 18.83
N ALA C 71 -5.28 -4.89 19.42
CA ALA C 71 -5.21 -6.33 19.28
C ALA C 71 -5.21 -6.80 17.82
N GLU C 72 -6.03 -6.18 16.99
CA GLU C 72 -6.12 -6.55 15.58
C GLU C 72 -4.87 -6.25 14.78
N HIS C 73 -4.01 -5.36 15.28
CA HIS C 73 -2.78 -5.02 14.56
C HIS C 73 -1.67 -5.98 14.97
N VAL C 74 -1.91 -6.73 16.05
CA VAL C 74 -0.89 -7.63 16.57
C VAL C 74 -1.21 -9.12 16.57
N VAL C 75 -2.43 -9.50 16.94
CA VAL C 75 -2.77 -10.91 16.97
C VAL C 75 -2.59 -11.57 15.60
N GLY C 76 -1.79 -12.62 15.57
CA GLY C 76 -1.54 -13.33 14.32
C GLY C 76 -0.15 -13.09 13.79
N LEU C 77 0.56 -12.13 14.37
CA LEU C 77 1.91 -11.80 13.94
C LEU C 77 2.93 -12.85 14.36
N SER C 78 3.98 -12.99 13.55
CA SER C 78 5.06 -13.94 13.79
C SER C 78 6.06 -13.42 14.82
N VAL C 79 6.10 -14.06 15.98
CA VAL C 79 7.02 -13.69 17.05
C VAL C 79 8.42 -13.42 16.50
N ASP C 80 8.89 -14.36 15.68
CA ASP C 80 10.20 -14.27 15.08
C ASP C 80 10.40 -12.98 14.28
N LYS C 81 9.42 -12.61 13.47
CA LYS C 81 9.52 -11.39 12.65
C LYS C 81 9.46 -10.14 13.52
N VAL C 82 8.63 -10.19 14.55
CA VAL C 82 8.48 -9.07 15.47
C VAL C 82 9.83 -8.78 16.13
N ILE C 83 10.37 -9.77 16.82
CA ILE C 83 11.66 -9.65 17.51
C ILE C 83 12.82 -9.21 16.61
N ALA C 84 12.82 -9.70 15.38
CA ALA C 84 13.89 -9.39 14.44
C ALA C 84 13.83 -7.98 13.85
N ASP C 85 12.72 -7.28 14.07
CA ASP C 85 12.58 -5.93 13.53
C ASP C 85 11.57 -5.13 14.35
N LEU C 86 12.00 -4.66 15.52
CA LEU C 86 11.11 -3.89 16.39
C LEU C 86 10.72 -2.56 15.76
N GLY C 87 11.61 -2.00 14.93
CA GLY C 87 11.30 -0.75 14.29
C GLY C 87 10.10 -0.97 13.37
N ALA C 88 10.18 -2.03 12.57
CA ALA C 88 9.09 -2.35 11.66
C ALA C 88 7.80 -2.55 12.44
N PHE C 89 7.92 -3.21 13.61
CA PHE C 89 6.75 -3.45 14.45
C PHE C 89 6.15 -2.15 15.00
N ALA C 90 7.01 -1.25 15.44
CA ALA C 90 6.56 0.02 15.99
C ALA C 90 5.88 0.87 14.92
N ARG C 91 6.44 0.86 13.71
CA ARG C 91 5.86 1.63 12.61
C ARG C 91 4.51 1.10 12.13
N ARG C 92 4.27 -0.20 12.32
CA ARG C 92 3.01 -0.77 11.92
C ARG C 92 1.90 -0.01 12.67
N LEU C 93 2.11 0.20 13.97
CA LEU C 93 1.14 0.92 14.79
C LEU C 93 1.24 2.42 14.58
N THR C 94 2.46 2.93 14.57
CA THR C 94 2.75 4.35 14.41
C THR C 94 2.31 5.00 13.10
N ASN C 95 2.41 4.26 12.00
CA ASN C 95 2.03 4.80 10.70
C ASN C 95 0.60 4.55 10.27
N ASP C 96 -0.22 3.97 11.15
CA ASP C 96 -1.63 3.74 10.85
C ASP C 96 -2.23 5.15 10.85
N SER C 97 -2.59 5.66 9.68
CA SER C 97 -3.12 7.02 9.57
C SER C 97 -4.37 7.31 10.40
N GLN C 98 -5.23 6.31 10.57
CA GLN C 98 -6.46 6.53 11.31
C GLN C 98 -6.16 6.62 12.82
N LEU C 99 -5.12 5.93 13.25
CA LEU C 99 -4.74 6.00 14.65
C LEU C 99 -3.98 7.30 14.89
N ARG C 100 -3.20 7.75 13.91
CA ARG C 100 -2.46 9.00 14.04
C ARG C 100 -3.44 10.15 14.21
N TRP C 101 -4.60 10.05 13.57
CA TRP C 101 -5.57 11.12 13.68
C TRP C 101 -5.97 11.42 15.13
N LEU C 102 -5.99 10.39 15.96
CA LEU C 102 -6.34 10.54 17.37
C LEU C 102 -5.22 11.21 18.15
N GLY C 103 -4.10 11.44 17.48
CA GLY C 103 -2.98 12.09 18.13
C GLY C 103 -2.66 13.37 17.39
N PRO C 104 -1.61 13.38 16.55
CA PRO C 104 -0.75 12.22 16.34
C PRO C 104 0.43 12.16 17.30
N GLU C 105 0.82 10.94 17.65
CA GLU C 105 1.95 10.72 18.55
C GLU C 105 1.87 11.54 19.84
N LYS C 106 0.73 11.46 20.51
CA LYS C 106 0.51 12.17 21.77
C LYS C 106 -0.75 11.62 22.43
N GLY C 107 -0.87 11.83 23.73
CA GLY C 107 -2.06 11.39 24.43
C GLY C 107 -2.35 9.91 24.58
N VAL C 108 -3.59 9.60 24.91
CA VAL C 108 -4.05 8.24 25.11
C VAL C 108 -3.66 7.23 24.04
N MET C 109 -3.94 7.55 22.78
CA MET C 109 -3.63 6.61 21.70
C MET C 109 -2.13 6.32 21.57
N HIS C 110 -1.30 7.36 21.68
CA HIS C 110 0.14 7.17 21.57
C HIS C 110 0.74 6.42 22.75
N MET C 111 0.18 6.60 23.94
CA MET C 111 0.72 5.89 25.10
C MET C 111 0.34 4.41 24.96
N ALA C 112 -0.89 4.16 24.51
CA ALA C 112 -1.38 2.80 24.31
C ALA C 112 -0.43 2.08 23.34
N ILE C 113 -0.11 2.75 22.25
CA ILE C 113 0.81 2.19 21.25
C ILE C 113 2.13 1.86 21.91
N GLY C 114 2.69 2.83 22.64
CA GLY C 114 3.97 2.62 23.31
C GLY C 114 3.98 1.49 24.32
N ALA C 115 2.83 1.12 24.88
CA ALA C 115 2.78 0.04 25.83
C ALA C 115 2.92 -1.27 25.04
N VAL C 116 2.18 -1.35 23.94
CA VAL C 116 2.24 -2.54 23.10
C VAL C 116 3.66 -2.68 22.61
N ILE C 117 4.26 -1.57 22.19
CA ILE C 117 5.65 -1.59 21.71
C ILE C 117 6.60 -2.08 22.82
N ASN C 118 6.46 -1.55 24.03
CA ASN C 118 7.34 -1.99 25.13
C ASN C 118 7.14 -3.46 25.43
N ALA C 119 5.90 -3.94 25.29
CA ALA C 119 5.62 -5.35 25.53
C ALA C 119 6.39 -6.19 24.51
N ALA C 120 6.55 -5.66 23.30
CA ALA C 120 7.28 -6.35 22.25
C ALA C 120 8.77 -6.39 22.58
N TRP C 121 9.27 -5.31 23.16
CA TRP C 121 10.68 -5.26 23.54
C TRP C 121 10.90 -6.21 24.71
N ASP C 122 9.86 -6.40 25.53
CA ASP C 122 9.94 -7.32 26.65
C ASP C 122 10.01 -8.71 26.01
N LEU C 123 9.13 -8.95 25.04
CA LEU C 123 9.10 -10.23 24.34
C LEU C 123 10.47 -10.56 23.75
N ALA C 124 11.04 -9.61 23.01
CA ALA C 124 12.35 -9.79 22.40
C ALA C 124 13.45 -10.09 23.42
N ALA C 125 13.38 -9.45 24.58
CA ALA C 125 14.38 -9.66 25.62
C ALA C 125 14.24 -11.07 26.21
N ARG C 126 13.01 -11.45 26.52
CA ARG C 126 12.74 -12.77 27.08
C ARG C 126 13.27 -13.85 26.12
N ALA C 127 13.02 -13.66 24.83
CA ALA C 127 13.46 -14.60 23.79
C ALA C 127 14.98 -14.67 23.71
N ALA C 128 15.65 -13.53 23.94
CA ALA C 128 17.11 -13.50 23.89
C ALA C 128 17.67 -13.90 25.26
N ASN C 129 16.75 -14.15 26.19
CA ASN C 129 17.08 -14.55 27.55
C ASN C 129 18.09 -13.63 28.22
N LYS C 130 17.69 -12.37 28.41
CA LYS C 130 18.55 -11.39 29.06
C LYS C 130 17.79 -10.13 29.45
N PRO C 131 18.36 -9.35 30.38
CA PRO C 131 17.72 -8.11 30.83
C PRO C 131 17.67 -7.15 29.66
N LEU C 132 16.57 -6.40 29.53
CA LEU C 132 16.43 -5.47 28.44
C LEU C 132 17.61 -4.53 28.27
N TRP C 133 18.13 -3.99 29.37
CA TRP C 133 19.25 -3.06 29.25
C TRP C 133 20.42 -3.72 28.53
N ARG C 134 20.59 -5.02 28.70
CA ARG C 134 21.66 -5.73 28.01
C ARG C 134 21.20 -6.06 26.59
N PHE C 135 19.93 -6.40 26.44
CA PHE C 135 19.38 -6.70 25.11
C PHE C 135 19.63 -5.52 24.18
N ILE C 136 19.33 -4.31 24.66
CA ILE C 136 19.53 -3.10 23.86
C ILE C 136 21.01 -2.81 23.67
N ALA C 137 21.78 -2.99 24.74
CA ALA C 137 23.22 -2.73 24.71
C ALA C 137 24.01 -3.70 23.85
N GLU C 138 23.51 -4.92 23.69
CA GLU C 138 24.22 -5.91 22.87
C GLU C 138 23.95 -5.67 21.38
N LEU C 139 22.76 -5.16 21.06
CA LEU C 139 22.38 -4.91 19.68
C LEU C 139 23.47 -4.17 18.93
N THR C 140 23.66 -4.53 17.66
CA THR C 140 24.64 -3.87 16.82
C THR C 140 24.13 -2.46 16.53
N PRO C 141 25.03 -1.53 16.19
CA PRO C 141 24.58 -0.17 15.89
C PRO C 141 23.52 -0.20 14.78
N GLU C 142 23.80 -0.96 13.74
CA GLU C 142 22.86 -1.10 12.63
C GLU C 142 21.49 -1.42 13.19
N GLN C 143 21.43 -2.48 14.00
CA GLN C 143 20.19 -2.91 14.60
C GLN C 143 19.47 -1.85 15.44
N LEU C 144 20.23 -1.05 16.21
CA LEU C 144 19.62 -0.01 17.04
C LEU C 144 18.93 1.06 16.21
N VAL C 145 19.68 1.69 15.32
CA VAL C 145 19.16 2.74 14.45
C VAL C 145 17.92 2.29 13.68
N ASP C 146 17.89 1.01 13.28
CA ASP C 146 16.76 0.47 12.54
C ASP C 146 15.47 0.58 13.32
N THR C 147 15.55 0.68 14.64
CA THR C 147 14.35 0.77 15.46
C THR C 147 13.81 2.20 15.60
N ILE C 148 14.62 3.20 15.25
CA ILE C 148 14.16 4.59 15.40
C ILE C 148 13.50 5.22 14.19
N ASP C 149 12.59 6.16 14.47
CA ASP C 149 11.87 6.90 13.45
C ASP C 149 12.56 8.25 13.28
N PHE C 150 13.30 8.39 12.19
CA PHE C 150 14.05 9.63 11.93
C PHE C 150 13.25 10.73 11.29
N ARG C 151 11.95 10.50 11.09
CA ARG C 151 11.11 11.50 10.48
C ARG C 151 10.96 12.69 11.44
N TYR C 152 11.05 13.90 10.89
CA TYR C 152 10.93 15.15 11.64
C TYR C 152 12.17 15.41 12.49
N LEU C 153 13.23 14.64 12.27
CA LEU C 153 14.45 14.81 13.04
C LEU C 153 15.69 15.05 12.20
N SER C 154 15.55 15.06 10.87
CA SER C 154 16.73 15.24 10.02
C SER C 154 17.45 16.55 10.25
N ASP C 155 16.76 17.53 10.84
CA ASP C 155 17.38 18.82 11.12
C ASP C 155 18.20 18.78 12.42
N ALA C 156 18.15 17.66 13.14
CA ALA C 156 18.88 17.52 14.39
C ALA C 156 19.61 16.18 14.56
N LEU C 157 19.00 15.10 14.10
CA LEU C 157 19.62 13.78 14.21
C LEU C 157 19.33 12.88 13.00
N THR C 158 20.36 12.61 12.20
CA THR C 158 20.24 11.74 11.02
C THR C 158 20.67 10.32 11.42
N ARG C 159 20.33 9.32 10.60
CA ARG C 159 20.71 7.95 10.95
C ARG C 159 22.23 7.83 10.96
N ASP C 160 22.90 8.66 10.17
CA ASP C 160 24.36 8.62 10.11
C ASP C 160 24.96 9.19 11.39
N GLU C 161 24.41 10.32 11.85
CA GLU C 161 24.91 10.92 13.07
C GLU C 161 24.63 9.95 14.22
N ALA C 162 23.47 9.28 14.15
CA ALA C 162 23.09 8.31 15.17
C ALA C 162 24.03 7.11 15.18
N LEU C 163 24.43 6.65 14.00
CA LEU C 163 25.34 5.51 13.90
C LEU C 163 26.74 5.88 14.37
N ALA C 164 27.19 7.10 14.07
CA ALA C 164 28.51 7.54 14.49
C ALA C 164 28.62 7.58 16.01
N ILE C 165 27.59 8.09 16.67
CA ILE C 165 27.59 8.14 18.12
C ILE C 165 27.65 6.72 18.65
N LEU C 166 26.81 5.85 18.10
CA LEU C 166 26.76 4.46 18.53
C LEU C 166 28.02 3.66 18.23
N ARG C 167 28.73 4.05 17.18
CA ARG C 167 29.95 3.33 16.83
C ARG C 167 31.14 3.73 17.68
N ASP C 168 31.20 4.99 18.09
CA ASP C 168 32.29 5.48 18.93
C ASP C 168 32.25 4.83 20.31
N ALA C 169 31.05 4.54 20.79
CA ALA C 169 30.86 3.92 22.10
C ALA C 169 30.93 2.40 22.07
N GLN C 170 30.92 1.83 20.87
CA GLN C 170 30.95 0.38 20.72
C GLN C 170 32.16 -0.29 21.40
N PRO C 171 33.35 0.31 21.29
CA PRO C 171 34.56 -0.27 21.91
C PRO C 171 34.48 -0.43 23.43
N GLN C 172 34.00 0.59 24.13
CA GLN C 172 33.92 0.53 25.59
C GLN C 172 32.68 -0.17 26.14
N ARG C 173 31.87 -0.74 25.25
CA ARG C 173 30.65 -1.41 25.70
C ARG C 173 30.88 -2.53 26.71
N ALA C 174 31.88 -3.38 26.47
CA ALA C 174 32.16 -4.48 27.40
C ALA C 174 32.66 -3.94 28.75
N ALA C 175 33.50 -2.92 28.70
CA ALA C 175 34.05 -2.31 29.90
C ALA C 175 32.94 -1.66 30.72
N ARG C 176 32.17 -0.77 30.08
CA ARG C 176 31.08 -0.10 30.77
C ARG C 176 30.11 -1.11 31.37
N THR C 177 29.93 -2.25 30.68
CA THR C 177 29.03 -3.29 31.15
C THR C 177 29.50 -3.87 32.49
N ALA C 178 30.80 -4.10 32.60
CA ALA C 178 31.38 -4.67 33.82
C ALA C 178 31.13 -3.71 34.98
N THR C 179 31.47 -2.44 34.75
CA THR C 179 31.31 -1.37 35.74
C THR C 179 29.89 -1.30 36.30
N LEU C 180 28.91 -1.30 35.41
CA LEU C 180 27.52 -1.22 35.81
C LEU C 180 27.11 -2.39 36.69
N ILE C 181 27.56 -3.59 36.35
CA ILE C 181 27.22 -4.77 37.12
C ILE C 181 27.95 -4.72 38.46
N GLU C 182 29.06 -3.98 38.47
CA GLU C 182 29.90 -3.82 39.65
C GLU C 182 29.39 -2.76 40.62
N GLN C 183 29.33 -1.52 40.13
CA GLN C 183 28.92 -0.37 40.94
C GLN C 183 27.46 0.02 41.02
N GLY C 184 26.68 -0.27 39.97
CA GLY C 184 25.28 0.12 40.01
C GLY C 184 25.08 1.48 39.36
N TYR C 185 23.84 1.98 39.38
CA TYR C 185 23.53 3.27 38.75
C TYR C 185 23.00 4.27 39.79
N PRO C 186 23.56 5.49 39.82
CA PRO C 186 23.14 6.53 40.78
C PRO C 186 21.65 6.83 40.73
N ALA C 187 21.05 6.90 41.92
CA ALA C 187 19.62 7.17 42.06
C ALA C 187 19.42 8.42 42.92
N TYR C 188 18.21 8.98 42.86
CA TYR C 188 17.88 10.12 43.70
C TYR C 188 16.48 9.79 44.20
N THR C 189 16.07 10.33 45.34
CA THR C 189 14.75 9.99 45.84
C THR C 189 13.85 11.17 46.06
N THR C 190 12.55 10.94 45.83
CA THR C 190 11.54 11.97 45.99
C THR C 190 10.69 11.66 47.22
N SER C 191 10.99 10.55 47.88
CA SER C 191 10.23 10.14 49.07
C SER C 191 10.01 11.24 50.10
N PRO C 192 11.05 12.04 50.40
CA PRO C 192 10.83 13.08 51.40
C PRO C 192 10.15 14.37 50.92
N GLY C 193 10.03 14.53 49.60
CA GLY C 193 9.48 15.75 49.06
C GLY C 193 8.01 15.94 48.78
N TRP C 194 7.19 14.93 49.04
CA TRP C 194 5.76 15.05 48.77
C TRP C 194 5.10 16.19 49.52
N LEU C 195 4.14 16.84 48.86
CA LEU C 195 3.40 17.95 49.47
C LEU C 195 2.43 17.35 50.47
N GLY C 196 2.14 18.07 51.54
CA GLY C 196 1.23 17.53 52.53
C GLY C 196 1.96 17.00 53.75
N TYR C 197 3.27 16.77 53.62
CA TYR C 197 4.06 16.28 54.74
C TYR C 197 4.37 17.46 55.66
N SER C 198 4.40 17.24 56.96
CA SER C 198 4.74 18.32 57.89
C SER C 198 6.21 18.65 57.68
N ASP C 199 6.62 19.85 58.07
CA ASP C 199 8.02 20.22 57.94
C ASP C 199 8.84 19.19 58.73
N GLU C 200 8.28 18.74 59.86
CA GLU C 200 8.94 17.74 60.71
C GLU C 200 9.14 16.42 59.97
N LYS C 201 8.10 15.96 59.29
CA LYS C 201 8.19 14.71 58.54
C LYS C 201 9.22 14.88 57.43
N LEU C 202 9.20 16.04 56.80
CA LEU C 202 10.12 16.35 55.71
C LEU C 202 11.58 16.26 56.17
N VAL C 203 11.92 16.89 57.29
CA VAL C 203 13.30 16.84 57.77
C VAL C 203 13.66 15.40 58.16
N ARG C 204 12.74 14.70 58.80
CA ARG C 204 12.97 13.31 59.22
C ARG C 204 13.30 12.43 58.03
N LEU C 205 12.46 12.49 57.01
CA LEU C 205 12.67 11.69 55.80
C LEU C 205 13.90 12.11 55.01
N ALA C 206 14.20 13.40 55.03
CA ALA C 206 15.36 13.91 54.32
C ALA C 206 16.64 13.32 54.93
N LYS C 207 16.72 13.32 56.25
CA LYS C 207 17.89 12.77 56.92
C LYS C 207 18.01 11.27 56.66
N GLU C 208 16.89 10.57 56.66
CA GLU C 208 16.89 9.14 56.41
C GLU C 208 17.40 8.85 55.00
N ALA C 209 17.03 9.71 54.05
CA ALA C 209 17.46 9.55 52.67
C ALA C 209 18.97 9.63 52.57
N VAL C 210 19.55 10.69 53.13
CA VAL C 210 21.01 10.87 53.07
C VAL C 210 21.71 9.74 53.83
N ALA C 211 21.04 9.21 54.84
CA ALA C 211 21.61 8.12 55.62
C ALA C 211 21.67 6.86 54.77
N ASP C 212 20.58 6.57 54.06
CA ASP C 212 20.51 5.39 53.22
C ASP C 212 21.41 5.44 51.99
N GLY C 213 22.11 6.55 51.80
CA GLY C 213 23.01 6.65 50.66
C GLY C 213 22.70 7.56 49.48
N PHE C 214 21.47 8.07 49.39
CA PHE C 214 21.15 8.93 48.26
C PHE C 214 21.97 10.22 48.28
N ARG C 215 22.42 10.66 47.11
CA ARG C 215 23.23 11.85 46.99
C ARG C 215 22.43 13.02 46.42
N THR C 216 21.17 12.77 46.11
CA THR C 216 20.30 13.81 45.56
C THR C 216 18.88 13.59 46.07
N ILE C 217 18.18 14.69 46.36
CA ILE C 217 16.81 14.61 46.85
C ILE C 217 15.91 15.54 46.01
N LYS C 218 14.60 15.31 46.02
CA LYS C 218 13.70 16.19 45.27
C LYS C 218 12.46 16.55 46.08
N LEU C 219 12.10 17.83 46.05
CA LEU C 219 10.93 18.30 46.77
C LEU C 219 9.89 18.85 45.83
N LYS C 220 8.63 18.65 46.20
CA LYS C 220 7.52 19.19 45.41
C LYS C 220 7.32 20.64 45.88
N VAL C 221 7.03 21.53 44.95
CA VAL C 221 6.79 22.94 45.27
C VAL C 221 5.72 23.42 44.30
N GLY C 222 5.30 24.68 44.42
CA GLY C 222 4.34 25.22 43.47
C GLY C 222 2.95 25.62 43.92
N ALA C 223 2.60 25.34 45.16
CA ALA C 223 1.27 25.69 45.64
C ALA C 223 1.26 27.03 46.38
N ASN C 224 2.28 27.25 47.21
CA ASN C 224 2.38 28.48 47.98
C ASN C 224 3.85 28.85 48.14
N VAL C 225 4.21 30.07 47.73
CA VAL C 225 5.60 30.55 47.77
C VAL C 225 6.25 30.56 49.15
N GLN C 226 5.48 30.89 50.18
CA GLN C 226 6.02 30.91 51.54
C GLN C 226 6.34 29.50 52.04
N ASP C 227 5.47 28.54 51.72
CA ASP C 227 5.69 27.15 52.14
C ASP C 227 6.96 26.60 51.49
N ASP C 228 7.13 26.89 50.21
CA ASP C 228 8.29 26.45 49.44
C ASP C 228 9.59 27.01 50.00
N ILE C 229 9.59 28.29 50.32
CA ILE C 229 10.78 28.92 50.88
C ILE C 229 11.15 28.22 52.17
N ARG C 230 10.18 28.06 53.07
CA ARG C 230 10.44 27.42 54.34
C ARG C 230 10.88 25.97 54.16
N ARG C 231 10.20 25.24 53.29
CA ARG C 231 10.54 23.84 53.04
C ARG C 231 11.91 23.66 52.40
N CYS C 232 12.26 24.49 51.41
CA CYS C 232 13.58 24.36 50.80
C CYS C 232 14.69 24.70 51.81
N ARG C 233 14.45 25.71 52.63
CA ARG C 233 15.46 26.11 53.61
C ARG C 233 15.69 24.96 54.60
N LEU C 234 14.59 24.35 55.07
CA LEU C 234 14.70 23.25 56.02
C LEU C 234 15.32 22.00 55.42
N ALA C 235 14.91 21.65 54.20
CA ALA C 235 15.46 20.47 53.57
C ALA C 235 16.95 20.66 53.38
N ARG C 236 17.36 21.86 52.95
CA ARG C 236 18.77 22.15 52.74
C ARG C 236 19.55 21.89 54.02
N ALA C 237 18.98 22.34 55.14
CA ALA C 237 19.61 22.18 56.44
C ALA C 237 19.65 20.72 56.90
N ALA C 238 18.61 19.95 56.57
CA ALA C 238 18.57 18.56 56.98
C ALA C 238 19.58 17.73 56.19
N ILE C 239 19.76 18.10 54.94
CA ILE C 239 20.65 17.42 54.02
C ILE C 239 22.11 17.84 54.12
N GLY C 240 22.34 19.09 54.49
CA GLY C 240 23.71 19.56 54.55
C GLY C 240 24.05 20.17 53.20
N PRO C 241 25.23 20.77 53.06
CA PRO C 241 25.62 21.40 51.79
C PRO C 241 26.08 20.48 50.66
N ASP C 242 26.41 19.23 50.99
CA ASP C 242 26.92 18.28 50.00
C ASP C 242 25.93 17.40 49.25
N ILE C 243 24.64 17.56 49.52
CA ILE C 243 23.64 16.74 48.85
C ILE C 243 22.85 17.62 47.90
N ALA C 244 22.61 17.13 46.68
CA ALA C 244 21.85 17.90 45.70
C ALA C 244 20.38 17.88 46.06
N MET C 245 19.69 18.98 45.77
CA MET C 245 18.27 19.05 46.07
C MET C 245 17.54 19.69 44.90
N ALA C 246 16.69 18.89 44.26
CA ALA C 246 15.90 19.37 43.13
C ALA C 246 14.49 19.76 43.59
N VAL C 247 13.82 20.53 42.76
CA VAL C 247 12.47 20.96 43.04
C VAL C 247 11.57 20.68 41.84
N ASP C 248 10.30 20.36 42.09
CA ASP C 248 9.34 20.02 41.02
C ASP C 248 8.01 20.73 41.23
N ALA C 249 7.64 21.59 40.28
CA ALA C 249 6.39 22.35 40.38
C ALA C 249 5.22 21.72 39.65
N ASN C 250 5.45 20.61 38.95
CA ASN C 250 4.40 19.93 38.22
C ASN C 250 3.51 20.79 37.31
N GLN C 251 4.13 21.64 36.49
CA GLN C 251 3.43 22.45 35.50
C GLN C 251 2.50 23.58 35.99
N ARG C 252 2.54 23.92 37.26
CA ARG C 252 1.62 24.93 37.79
C ARG C 252 1.73 26.38 37.32
N TRP C 253 2.96 26.85 37.11
CA TRP C 253 3.19 28.25 36.79
C TRP C 253 3.16 28.73 35.36
N ASP C 254 2.92 30.03 35.21
CA ASP C 254 2.95 30.70 33.92
C ASP C 254 4.41 31.19 33.87
N VAL C 255 4.85 31.69 32.73
CA VAL C 255 6.24 32.14 32.60
C VAL C 255 6.67 33.22 33.59
N GLY C 256 5.91 34.30 33.67
CA GLY C 256 6.27 35.39 34.58
C GLY C 256 6.31 34.95 36.04
N PRO C 257 5.23 34.35 36.55
CA PRO C 257 5.20 33.90 37.94
C PRO C 257 6.27 32.85 38.27
N ALA C 258 6.62 32.01 37.28
CA ALA C 258 7.64 30.97 37.49
C ALA C 258 9.01 31.59 37.79
N ILE C 259 9.35 32.62 37.02
CA ILE C 259 10.61 33.32 37.17
C ILE C 259 10.66 33.99 38.56
N ASP C 260 9.62 34.72 38.91
CA ASP C 260 9.58 35.41 40.20
C ASP C 260 9.65 34.45 41.38
N TRP C 261 9.02 33.29 41.22
CA TRP C 261 8.99 32.26 42.25
C TRP C 261 10.35 31.60 42.47
N MET C 262 10.94 31.08 41.39
CA MET C 262 12.22 30.40 41.49
C MET C 262 13.36 31.28 41.93
N ARG C 263 13.28 32.57 41.65
CA ARG C 263 14.35 33.47 42.05
C ARG C 263 14.42 33.50 43.58
N GLN C 264 13.29 33.23 44.23
CA GLN C 264 13.24 33.23 45.70
C GLN C 264 13.69 31.92 46.32
N LEU C 265 13.87 30.88 45.51
CA LEU C 265 14.33 29.59 46.01
C LEU C 265 15.78 29.33 45.69
N ALA C 266 16.35 30.17 44.83
CA ALA C 266 17.74 30.02 44.39
C ALA C 266 18.81 29.95 45.47
N GLU C 267 18.63 30.72 46.55
CA GLU C 267 19.64 30.72 47.61
C GLU C 267 19.81 29.40 48.33
N PHE C 268 18.85 28.48 48.17
CA PHE C 268 18.93 27.19 48.84
C PHE C 268 19.68 26.13 48.02
N ASP C 269 20.32 26.57 46.94
CA ASP C 269 21.11 25.71 46.04
C ASP C 269 20.25 24.63 45.38
N ILE C 270 19.57 25.02 44.30
CA ILE C 270 18.67 24.13 43.57
C ILE C 270 19.38 23.37 42.44
N ALA C 271 19.28 22.04 42.47
CA ALA C 271 19.91 21.20 41.46
C ALA C 271 19.20 21.42 40.12
N TRP C 272 17.88 21.63 40.19
CA TRP C 272 17.05 21.94 39.02
C TRP C 272 15.60 22.09 39.41
N ILE C 273 14.87 22.87 38.64
CA ILE C 273 13.44 23.01 38.86
C ILE C 273 12.83 22.21 37.71
N GLU C 274 12.03 21.21 38.07
CA GLU C 274 11.39 20.33 37.11
C GLU C 274 10.01 20.84 36.74
N GLU C 275 9.70 20.80 35.45
CA GLU C 275 8.40 21.24 34.93
C GLU C 275 7.83 22.52 35.52
N PRO C 276 8.51 23.66 35.32
CA PRO C 276 7.97 24.91 35.87
C PRO C 276 6.68 25.36 35.20
N THR C 277 6.41 24.86 33.99
CA THR C 277 5.19 25.28 33.32
C THR C 277 4.63 24.19 32.40
N SER C 278 3.68 24.56 31.55
CA SER C 278 3.06 23.59 30.64
C SER C 278 4.11 22.76 29.90
N PRO C 279 3.86 21.45 29.78
CA PRO C 279 4.82 20.58 29.08
C PRO C 279 4.88 20.82 27.57
N ASP C 280 3.98 21.66 27.06
CA ASP C 280 3.96 21.96 25.62
C ASP C 280 4.69 23.24 25.30
N ASP C 281 4.85 24.09 26.30
CA ASP C 281 5.48 25.39 26.12
C ASP C 281 7.00 25.35 26.09
N VAL C 282 7.55 25.02 24.92
CA VAL C 282 8.98 24.95 24.72
C VAL C 282 9.61 26.35 24.87
N LEU C 283 8.98 27.34 24.23
CA LEU C 283 9.49 28.70 24.31
C LEU C 283 9.37 29.25 25.74
N GLY C 284 8.35 28.81 26.46
CA GLY C 284 8.17 29.27 27.83
C GLY C 284 9.26 28.74 28.74
N HIS C 285 9.65 27.49 28.54
CA HIS C 285 10.71 26.91 29.35
C HIS C 285 12.01 27.66 29.09
N ALA C 286 12.24 28.03 27.83
CA ALA C 286 13.45 28.78 27.47
C ALA C 286 13.48 30.15 28.17
N ALA C 287 12.35 30.86 28.17
CA ALA C 287 12.30 32.18 28.80
C ALA C 287 12.46 32.06 30.32
N ILE C 288 11.94 30.99 30.89
CA ILE C 288 12.06 30.77 32.32
C ILE C 288 13.53 30.47 32.65
N ARG C 289 14.15 29.63 31.83
CA ARG C 289 15.55 29.27 32.05
C ARG C 289 16.43 30.51 31.98
N GLN C 290 16.14 31.41 31.04
CA GLN C 290 16.89 32.65 30.89
C GLN C 290 16.61 33.62 32.05
N GLY C 291 15.39 33.59 32.56
CA GLY C 291 15.01 34.48 33.65
C GLY C 291 15.48 34.10 35.06
N ILE C 292 15.70 32.82 35.32
CA ILE C 292 16.11 32.39 36.64
C ILE C 292 17.56 31.89 36.70
N THR C 293 18.29 32.11 35.62
CA THR C 293 19.68 31.68 35.59
C THR C 293 20.38 32.20 36.86
N PRO C 294 21.29 31.41 37.44
CA PRO C 294 21.81 30.10 37.05
C PRO C 294 21.04 28.85 37.52
N VAL C 295 19.80 28.97 37.98
CA VAL C 295 19.08 27.77 38.41
C VAL C 295 18.63 26.96 37.17
N PRO C 296 19.12 25.71 37.05
CA PRO C 296 18.80 24.80 35.93
C PRO C 296 17.34 24.41 35.83
N VAL C 297 16.88 24.24 34.60
CA VAL C 297 15.49 23.88 34.32
C VAL C 297 15.41 22.52 33.62
N SER C 298 14.38 21.75 33.93
CA SER C 298 14.19 20.47 33.28
C SER C 298 12.70 20.23 33.02
N THR C 299 12.43 19.28 32.13
CA THR C 299 11.07 18.91 31.80
C THR C 299 11.22 17.58 31.08
N GLY C 300 10.12 16.85 30.86
CA GLY C 300 10.26 15.60 30.16
C GLY C 300 9.29 14.46 30.45
N GLU C 301 8.87 14.30 31.71
CA GLU C 301 7.97 13.19 32.03
C GLU C 301 6.62 13.24 31.31
N HIS C 302 6.28 14.40 30.76
CA HIS C 302 5.04 14.57 30.03
C HIS C 302 5.27 15.03 28.60
N THR C 303 6.52 15.07 28.18
CA THR C 303 6.84 15.50 26.84
C THR C 303 6.26 14.43 25.91
N GLN C 304 5.35 14.84 25.04
CA GLN C 304 4.65 13.91 24.16
C GLN C 304 5.46 13.03 23.23
N ASN C 305 6.50 13.56 22.61
CA ASN C 305 7.30 12.77 21.69
C ASN C 305 8.66 13.36 21.39
N ARG C 306 9.43 12.64 20.58
CA ARG C 306 10.79 13.04 20.21
C ARG C 306 10.86 14.34 19.42
N VAL C 307 9.75 14.77 18.85
CA VAL C 307 9.76 16.03 18.11
C VAL C 307 9.75 17.24 19.04
N VAL C 308 9.05 17.12 20.16
CA VAL C 308 9.03 18.22 21.12
C VAL C 308 10.39 18.22 21.84
N PHE C 309 10.90 17.04 22.16
CA PHE C 309 12.20 16.93 22.81
C PHE C 309 13.26 17.59 21.95
N LYS C 310 13.17 17.37 20.64
CA LYS C 310 14.11 17.97 19.71
C LYS C 310 14.13 19.49 19.83
N GLN C 311 12.94 20.07 19.89
CA GLN C 311 12.81 21.52 19.97
C GLN C 311 13.30 22.08 21.31
N LEU C 312 13.06 21.34 22.40
CA LEU C 312 13.52 21.80 23.72
C LEU C 312 15.02 22.02 23.62
N LEU C 313 15.72 21.02 23.11
CA LEU C 313 17.17 21.07 22.93
C LEU C 313 17.62 22.16 21.96
N GLN C 314 16.89 22.30 20.86
CA GLN C 314 17.23 23.31 19.85
C GLN C 314 17.05 24.73 20.37
N ALA C 315 16.03 24.93 21.19
CA ALA C 315 15.72 26.24 21.74
C ALA C 315 16.53 26.56 22.99
N GLY C 316 17.30 25.59 23.47
CA GLY C 316 18.08 25.80 24.68
C GLY C 316 17.12 26.04 25.83
N ALA C 317 16.07 25.23 25.92
CA ALA C 317 15.05 25.39 26.95
C ALA C 317 15.29 24.57 28.21
N VAL C 318 16.27 23.67 28.16
CA VAL C 318 16.53 22.83 29.30
C VAL C 318 18.01 22.65 29.62
N ASP C 319 18.30 22.38 30.89
CA ASP C 319 19.66 22.15 31.34
C ASP C 319 19.86 20.67 31.45
N LEU C 320 18.75 19.95 31.56
CA LEU C 320 18.75 18.51 31.67
C LEU C 320 17.32 18.09 31.40
N ILE C 321 17.10 16.82 31.10
CA ILE C 321 15.75 16.36 30.81
C ILE C 321 15.36 15.06 31.49
N GLN C 322 14.06 14.86 31.64
CA GLN C 322 13.54 13.62 32.19
C GLN C 322 13.16 12.81 30.95
N ILE C 323 12.99 11.52 31.17
CA ILE C 323 12.59 10.57 30.13
C ILE C 323 11.58 9.72 30.87
N ASP C 324 10.55 9.27 30.17
CA ASP C 324 9.52 8.44 30.79
C ASP C 324 9.34 7.20 29.93
N ALA C 325 9.29 6.02 30.57
CA ALA C 325 9.16 4.78 29.84
C ALA C 325 7.81 4.56 29.17
N ALA C 326 6.75 5.13 29.74
CA ALA C 326 5.40 4.91 29.21
C ALA C 326 4.67 6.12 28.66
N ARG C 327 5.33 7.27 28.58
CA ARG C 327 4.68 8.47 28.07
C ARG C 327 4.82 8.62 26.55
N VAL C 328 5.86 8.01 26.00
CA VAL C 328 6.12 8.13 24.57
C VAL C 328 5.91 6.83 23.76
N GLY C 329 6.40 6.82 22.52
CA GLY C 329 6.24 5.66 21.65
C GLY C 329 7.05 4.42 21.99
N GLY C 330 7.10 4.06 23.27
CA GLY C 330 7.85 2.89 23.67
C GLY C 330 9.35 3.06 23.54
N VAL C 331 10.08 1.98 23.77
CA VAL C 331 11.54 2.00 23.69
C VAL C 331 12.11 2.67 22.43
N ASN C 332 11.47 2.44 21.29
CA ASN C 332 11.95 3.03 20.04
C ASN C 332 12.11 4.56 20.13
N GLU C 333 11.10 5.23 20.66
CA GLU C 333 11.15 6.69 20.75
C GLU C 333 12.12 7.17 21.83
N ASN C 334 12.25 6.42 22.91
CA ASN C 334 13.18 6.82 23.97
C ASN C 334 14.62 6.76 23.48
N LEU C 335 14.94 5.73 22.68
CA LEU C 335 16.29 5.62 22.12
C LEU C 335 16.58 6.87 21.29
N ALA C 336 15.55 7.38 20.61
CA ALA C 336 15.75 8.57 19.78
C ALA C 336 16.00 9.78 20.68
N ILE C 337 15.25 9.87 21.78
CA ILE C 337 15.41 10.98 22.70
C ILE C 337 16.79 10.92 23.37
N LEU C 338 17.18 9.73 23.80
CA LEU C 338 18.49 9.54 24.43
C LEU C 338 19.60 9.91 23.47
N LEU C 339 19.46 9.54 22.20
CA LEU C 339 20.50 9.89 21.21
C LEU C 339 20.50 11.39 20.98
N LEU C 340 19.32 12.00 20.99
CA LEU C 340 19.19 13.46 20.81
C LEU C 340 19.90 14.15 21.98
N ALA C 341 19.65 13.65 23.18
CA ALA C 341 20.25 14.21 24.39
C ALA C 341 21.76 14.12 24.32
N ALA C 342 22.25 12.96 23.88
CA ALA C 342 23.68 12.74 23.77
C ALA C 342 24.30 13.70 22.76
N LYS C 343 23.63 13.90 21.62
CA LYS C 343 24.14 14.79 20.60
C LYS C 343 24.26 16.24 21.03
N PHE C 344 23.27 16.76 21.74
CA PHE C 344 23.34 18.15 22.18
C PHE C 344 24.09 18.27 23.52
N GLY C 345 24.53 17.15 24.05
CA GLY C 345 25.25 17.18 25.32
C GLY C 345 24.38 17.66 26.47
N VAL C 346 23.25 16.99 26.66
CA VAL C 346 22.34 17.33 27.74
C VAL C 346 22.08 16.09 28.58
N ARG C 347 22.27 16.22 29.89
CA ARG C 347 22.09 15.12 30.81
C ARG C 347 20.65 14.64 30.89
N VAL C 348 20.48 13.36 31.21
CA VAL C 348 19.17 12.76 31.31
C VAL C 348 18.90 12.13 32.68
N PHE C 349 17.88 12.64 33.36
CA PHE C 349 17.49 12.12 34.66
C PHE C 349 16.10 11.52 34.55
N PRO C 350 16.04 10.20 34.32
CA PRO C 350 14.78 9.46 34.17
C PRO C 350 13.71 9.68 35.25
N HIS C 351 12.47 9.86 34.80
CA HIS C 351 11.33 10.02 35.68
C HIS C 351 10.91 8.60 36.11
N ALA C 352 10.39 8.46 37.33
CA ALA C 352 9.98 7.15 37.80
C ALA C 352 8.82 7.25 38.79
N GLY C 353 8.67 6.21 39.60
CA GLY C 353 7.59 6.19 40.57
C GLY C 353 6.37 5.48 40.02
N GLY C 354 5.20 6.05 40.28
CA GLY C 354 3.97 5.46 39.79
C GLY C 354 3.91 3.96 39.98
N VAL C 355 3.47 3.25 38.94
CA VAL C 355 3.36 1.81 39.01
C VAL C 355 4.34 1.11 38.08
N GLY C 356 5.48 0.68 38.63
CA GLY C 356 6.47 -0.02 37.83
C GLY C 356 7.33 0.83 36.93
N LEU C 357 7.22 2.15 37.03
CA LEU C 357 8.02 3.01 36.17
C LEU C 357 9.51 2.88 36.50
N CYS C 358 9.83 2.56 37.75
CA CYS C 358 11.23 2.39 38.15
C CYS C 358 11.74 1.13 37.45
N GLU C 359 10.97 0.05 37.58
CA GLU C 359 11.31 -1.21 36.97
C GLU C 359 11.62 -1.02 35.48
N LEU C 360 10.75 -0.30 34.78
CA LEU C 360 10.91 -0.05 33.35
C LEU C 360 12.04 0.89 32.96
N VAL C 361 11.97 2.14 33.41
CA VAL C 361 12.96 3.14 33.02
C VAL C 361 14.41 2.82 33.32
N GLN C 362 14.66 2.03 34.36
CA GLN C 362 16.02 1.68 34.72
C GLN C 362 16.79 1.07 33.54
N HIS C 363 16.12 0.20 32.78
CA HIS C 363 16.80 -0.42 31.64
C HIS C 363 17.26 0.58 30.60
N LEU C 364 16.42 1.59 30.34
CA LEU C 364 16.74 2.63 29.37
C LEU C 364 17.98 3.41 29.79
N ALA C 365 18.04 3.84 31.06
CA ALA C 365 19.20 4.58 31.55
C ALA C 365 20.45 3.72 31.54
N MET C 366 20.29 2.45 31.89
CA MET C 366 21.44 1.54 31.92
C MET C 366 21.93 1.26 30.50
N ALA C 367 21.01 1.11 29.56
CA ALA C 367 21.40 0.87 28.17
C ALA C 367 22.15 2.08 27.60
N ASP C 368 21.68 3.27 27.91
CA ASP C 368 22.31 4.50 27.42
C ASP C 368 23.73 4.64 27.98
N PHE C 369 23.91 4.30 29.25
CA PHE C 369 25.25 4.41 29.84
C PHE C 369 26.22 3.54 29.06
N VAL C 370 25.86 2.28 28.90
CA VAL C 370 26.68 1.31 28.19
C VAL C 370 26.96 1.61 26.71
N ALA C 371 25.90 1.75 25.91
CA ALA C 371 26.06 1.97 24.46
C ALA C 371 25.93 3.37 23.88
N ILE C 372 25.54 4.36 24.67
CA ILE C 372 25.40 5.70 24.11
C ILE C 372 26.32 6.76 24.68
N THR C 373 26.17 7.08 25.97
CA THR C 373 26.98 8.12 26.60
C THR C 373 28.17 7.64 27.42
N GLY C 374 27.98 6.58 28.19
CA GLY C 374 29.06 6.10 29.03
C GLY C 374 29.20 7.08 30.18
N LYS C 375 28.08 7.66 30.59
CA LYS C 375 28.05 8.64 31.68
C LYS C 375 26.89 8.36 32.62
N MET C 376 27.19 8.14 33.90
CA MET C 376 26.12 7.89 34.85
C MET C 376 26.39 8.56 36.19
N GLU C 377 27.64 8.92 36.46
CA GLU C 377 27.97 9.57 37.72
C GLU C 377 27.55 11.04 37.76
N ASP C 378 27.16 11.57 36.62
CA ASP C 378 26.72 12.96 36.51
C ASP C 378 25.21 13.08 36.39
N ARG C 379 24.51 11.97 36.63
CA ARG C 379 23.06 11.93 36.54
C ARG C 379 22.52 10.82 37.42
N ALA C 380 21.21 10.64 37.43
CA ALA C 380 20.62 9.61 38.26
C ALA C 380 19.21 9.26 37.84
N ILE C 381 18.74 8.13 38.35
CA ILE C 381 17.39 7.64 38.08
C ILE C 381 16.53 7.94 39.28
N GLU C 382 15.36 8.52 39.05
CA GLU C 382 14.46 8.85 40.14
C GLU C 382 14.01 7.57 40.81
N PHE C 383 13.86 7.62 42.13
CA PHE C 383 13.39 6.48 42.88
C PHE C 383 12.41 6.86 43.98
N VAL C 384 11.39 6.02 44.13
CA VAL C 384 10.36 6.17 45.15
C VAL C 384 10.16 4.73 45.60
N ASP C 385 9.58 4.53 46.77
CA ASP C 385 9.39 3.17 47.26
C ASP C 385 7.92 2.76 47.38
N HIS C 386 7.26 2.57 46.25
CA HIS C 386 5.86 2.18 46.26
C HIS C 386 5.49 1.11 45.22
N LEU C 387 4.53 0.26 45.60
CA LEU C 387 4.01 -0.81 44.76
C LEU C 387 5.02 -1.82 44.21
N HIS C 388 6.29 -1.68 44.56
CA HIS C 388 7.31 -2.60 44.07
C HIS C 388 7.04 -4.06 44.37
N GLN C 389 6.33 -4.34 45.46
CA GLN C 389 6.04 -5.72 45.84
C GLN C 389 4.99 -6.38 44.95
N HIS C 390 4.57 -5.68 43.91
CA HIS C 390 3.57 -6.22 42.99
C HIS C 390 4.21 -6.75 41.72
N PHE C 391 5.53 -6.64 41.62
CA PHE C 391 6.25 -7.10 40.45
C PHE C 391 7.14 -8.31 40.73
N LEU C 392 7.29 -9.16 39.72
CA LEU C 392 8.11 -10.35 39.85
C LEU C 392 9.60 -10.01 39.87
N ASP C 393 9.96 -8.85 39.36
CA ASP C 393 11.37 -8.46 39.34
C ASP C 393 11.50 -7.03 39.85
N PRO C 394 11.08 -6.78 41.10
CA PRO C 394 11.15 -5.45 41.72
C PRO C 394 12.55 -4.85 41.64
N VAL C 395 12.63 -3.53 41.55
CA VAL C 395 13.93 -2.88 41.48
C VAL C 395 14.67 -3.14 42.80
N ARG C 396 15.99 -2.99 42.78
CA ARG C 396 16.82 -3.21 43.96
C ARG C 396 17.78 -2.03 44.14
N ILE C 397 17.61 -1.31 45.25
CA ILE C 397 18.45 -0.17 45.56
C ILE C 397 19.44 -0.53 46.65
N GLN C 398 20.71 -0.24 46.41
CA GLN C 398 21.77 -0.53 47.37
C GLN C 398 22.59 0.72 47.63
N HIS C 399 22.33 1.33 48.78
CA HIS C 399 22.99 2.55 49.22
C HIS C 399 22.93 3.65 48.17
N GLY C 400 21.72 4.09 47.88
CA GLY C 400 21.48 5.15 46.92
C GLY C 400 21.78 4.83 45.46
N ARG C 401 21.91 3.55 45.11
CA ARG C 401 22.18 3.19 43.73
C ARG C 401 21.31 2.04 43.24
N TYR C 402 21.07 2.03 41.93
CA TYR C 402 20.27 1.00 41.28
C TYR C 402 21.16 -0.18 40.91
N LEU C 403 20.72 -1.38 41.26
CA LEU C 403 21.47 -2.58 40.90
C LEU C 403 20.93 -3.01 39.54
N ALA C 404 21.84 -3.42 38.66
CA ALA C 404 21.45 -3.85 37.31
C ALA C 404 20.64 -5.13 37.30
N PRO C 405 19.44 -5.09 36.69
CA PRO C 405 18.58 -6.27 36.61
C PRO C 405 19.33 -7.44 35.98
N GLU C 406 18.97 -8.65 36.39
CA GLU C 406 19.62 -9.85 35.86
C GLU C 406 18.64 -10.70 35.06
N VAL C 407 17.44 -10.87 35.60
CA VAL C 407 16.39 -11.65 34.98
C VAL C 407 16.08 -11.14 33.57
N PRO C 408 15.68 -12.04 32.65
CA PRO C 408 15.37 -11.60 31.29
C PRO C 408 14.06 -10.83 31.25
N GLY C 409 14.04 -9.73 30.50
CA GLY C 409 12.80 -8.96 30.40
C GLY C 409 12.93 -7.48 30.65
N PHE C 410 11.77 -6.83 30.75
CA PHE C 410 11.67 -5.39 30.96
C PHE C 410 11.27 -5.11 32.42
N SER C 411 11.06 -6.16 33.18
CA SER C 411 10.68 -6.05 34.59
C SER C 411 9.24 -5.58 34.81
N ALA C 412 8.42 -5.67 33.77
CA ALA C 412 7.04 -5.22 33.88
C ALA C 412 6.06 -6.30 34.34
N GLU C 413 6.48 -7.55 34.30
CA GLU C 413 5.59 -8.64 34.71
C GLU C 413 5.13 -8.45 36.15
N MET C 414 3.82 -8.48 36.35
CA MET C 414 3.24 -8.31 37.68
C MET C 414 2.67 -9.62 38.22
N HIS C 415 2.61 -9.73 39.54
CA HIS C 415 2.07 -10.92 40.18
C HIS C 415 0.60 -11.10 39.80
N PRO C 416 0.22 -12.30 39.34
CA PRO C 416 -1.17 -12.54 38.95
C PRO C 416 -2.10 -12.19 40.10
N ALA C 417 -1.64 -12.46 41.32
CA ALA C 417 -2.39 -12.18 42.53
C ALA C 417 -2.65 -10.67 42.64
N SER C 418 -1.64 -9.87 42.32
CA SER C 418 -1.78 -8.42 42.37
C SER C 418 -2.89 -7.97 41.42
N ILE C 419 -2.76 -8.38 40.16
CA ILE C 419 -3.75 -8.02 39.14
C ILE C 419 -5.15 -8.46 39.55
N ALA C 420 -5.26 -9.69 40.07
CA ALA C 420 -6.54 -10.24 40.47
C ALA C 420 -7.26 -9.47 41.57
N GLU C 421 -6.51 -8.76 42.41
CA GLU C 421 -7.14 -8.01 43.50
C GLU C 421 -7.37 -6.52 43.25
N PHE C 422 -6.62 -5.93 42.33
CA PHE C 422 -6.79 -4.51 42.07
C PHE C 422 -7.28 -4.15 40.68
N SER C 423 -7.99 -5.07 40.03
CA SER C 423 -8.51 -4.81 38.69
C SER C 423 -9.87 -4.13 38.78
N TYR C 424 -9.87 -2.83 38.48
CA TYR C 424 -11.09 -2.03 38.54
C TYR C 424 -12.08 -2.45 37.45
N PRO C 425 -13.36 -2.64 37.81
CA PRO C 425 -13.90 -2.49 39.16
C PRO C 425 -14.26 -3.84 39.79
N ASP C 426 -13.87 -4.92 39.10
CA ASP C 426 -14.16 -6.27 39.56
C ASP C 426 -12.99 -6.97 40.24
N GLY C 427 -12.22 -6.20 41.00
CA GLY C 427 -11.09 -6.78 41.72
C GLY C 427 -11.55 -7.08 43.14
N ARG C 428 -11.08 -8.18 43.70
CA ARG C 428 -11.47 -8.56 45.05
C ARG C 428 -11.52 -7.35 45.98
N PHE C 429 -10.53 -6.47 45.84
CA PHE C 429 -10.45 -5.28 46.67
C PHE C 429 -11.50 -4.22 46.34
N TRP C 430 -11.64 -3.89 45.07
CA TRP C 430 -12.60 -2.87 44.66
C TRP C 430 -14.06 -3.27 44.82
N VAL C 431 -14.35 -4.56 44.70
CA VAL C 431 -15.73 -5.04 44.86
C VAL C 431 -16.04 -5.10 46.35
N GLU C 432 -15.05 -5.51 47.14
CA GLU C 432 -15.20 -5.62 48.59
C GLU C 432 -15.20 -4.22 49.19
N ASP C 433 -14.61 -3.27 48.46
CA ASP C 433 -14.52 -1.88 48.90
C ASP C 433 -15.90 -1.22 48.80
N LEU C 434 -16.42 -1.16 47.58
CA LEU C 434 -17.74 -0.57 47.35
C LEU C 434 -18.83 -1.55 47.78
N MET D 1 -36.34 24.01 37.71
CA MET D 1 -34.89 23.85 37.39
C MET D 1 -34.62 22.55 36.64
N ARG D 2 -34.17 22.68 35.40
CA ARG D 2 -33.85 21.52 34.57
C ARG D 2 -32.51 20.90 34.95
N THR D 3 -32.39 19.59 34.73
CA THR D 3 -31.17 18.86 35.08
C THR D 3 -30.65 18.00 33.93
N ILE D 4 -29.34 17.75 33.92
CA ILE D 4 -28.74 16.91 32.89
C ILE D 4 -28.94 15.49 33.41
N ILE D 5 -29.71 14.70 32.66
CA ILE D 5 -29.99 13.34 33.11
C ILE D 5 -29.12 12.23 32.53
N ALA D 6 -28.47 12.50 31.40
CA ALA D 6 -27.63 11.48 30.78
C ALA D 6 -26.65 12.04 29.76
N LEU D 7 -25.63 11.23 29.46
CA LEU D 7 -24.63 11.59 28.47
C LEU D 7 -24.59 10.47 27.45
N GLU D 8 -25.33 10.65 26.36
CA GLU D 8 -25.42 9.65 25.29
C GLU D 8 -24.24 9.72 24.34
N THR D 9 -23.69 8.55 23.99
CA THR D 9 -22.57 8.50 23.07
C THR D 9 -22.80 7.45 21.99
N HIS D 10 -22.47 7.80 20.74
CA HIS D 10 -22.62 6.87 19.63
C HIS D 10 -21.38 6.85 18.75
N ASP D 11 -20.98 5.64 18.37
CA ASP D 11 -19.82 5.44 17.49
C ASP D 11 -20.42 5.39 16.08
N VAL D 12 -20.30 6.50 15.35
CA VAL D 12 -20.85 6.59 13.99
C VAL D 12 -19.74 6.69 12.94
N ARG D 13 -19.77 5.80 11.95
CA ARG D 13 -18.77 5.80 10.89
C ARG D 13 -19.40 5.68 9.50
N PHE D 14 -18.97 6.55 8.60
CA PHE D 14 -19.47 6.56 7.23
C PHE D 14 -18.41 5.95 6.32
N PRO D 15 -18.82 5.05 5.41
CA PRO D 15 -17.87 4.40 4.50
C PRO D 15 -17.42 5.32 3.36
N THR D 16 -16.83 6.45 3.70
CA THR D 16 -16.36 7.40 2.70
C THR D 16 -15.19 6.88 1.87
N SER D 17 -14.46 5.88 2.41
CA SER D 17 -13.32 5.33 1.69
C SER D 17 -13.77 4.55 0.45
N ARG D 18 -15.07 4.30 0.35
CA ARG D 18 -15.60 3.59 -0.80
C ARG D 18 -15.49 4.48 -2.04
N GLU D 19 -15.21 5.76 -1.80
CA GLU D 19 -15.04 6.74 -2.87
C GLU D 19 -13.67 7.40 -2.72
N SER D 23 -9.35 12.13 1.55
CA SER D 23 -8.18 11.45 0.98
C SER D 23 -6.99 12.40 0.73
N ASP D 24 -5.87 12.13 1.41
CA ASP D 24 -4.67 12.95 1.25
C ASP D 24 -3.35 12.17 1.43
N ALA D 25 -2.23 12.88 1.35
CA ALA D 25 -0.89 12.30 1.47
C ALA D 25 -0.62 11.49 2.74
N MET D 26 -1.30 11.83 3.82
CA MET D 26 -1.10 11.12 5.08
C MET D 26 -2.22 10.12 5.34
N ASN D 27 -3.45 10.49 4.95
CA ASN D 27 -4.63 9.65 5.14
C ASN D 27 -5.22 9.26 3.77
N PRO D 28 -4.78 8.13 3.22
CA PRO D 28 -5.26 7.66 1.91
C PRO D 28 -6.70 7.13 1.83
N ASP D 29 -7.20 6.52 2.91
CA ASP D 29 -8.55 5.95 2.89
C ASP D 29 -9.39 6.27 4.12
N PRO D 30 -9.59 7.56 4.42
CA PRO D 30 -10.39 7.88 5.61
C PRO D 30 -11.86 7.46 5.54
N ASP D 31 -12.38 7.06 6.68
CA ASP D 31 -13.79 6.69 6.81
C ASP D 31 -14.32 7.69 7.82
N TYR D 32 -14.70 8.85 7.33
CA TYR D 32 -15.20 9.92 8.17
C TYR D 32 -16.14 9.39 9.23
N SER D 33 -15.79 9.63 10.49
CA SER D 33 -16.59 9.16 11.60
C SER D 33 -16.81 10.24 12.64
N ALA D 34 -17.71 9.97 13.56
CA ALA D 34 -18.00 10.94 14.61
C ALA D 34 -18.27 10.22 15.91
N ALA D 35 -17.68 10.74 16.99
CA ALA D 35 -17.93 10.20 18.31
C ALA D 35 -19.02 11.18 18.73
N TYR D 36 -20.26 10.82 18.42
CA TYR D 36 -21.45 11.63 18.67
C TYR D 36 -21.89 11.68 20.14
N VAL D 37 -22.03 12.89 20.67
CA VAL D 37 -22.41 13.09 22.07
C VAL D 37 -23.72 13.86 22.22
N VAL D 38 -24.53 13.43 23.18
CA VAL D 38 -25.80 14.10 23.44
C VAL D 38 -25.96 14.32 24.94
N LEU D 39 -26.21 15.57 25.33
CA LEU D 39 -26.43 15.95 26.72
C LEU D 39 -27.94 15.98 26.92
N ARG D 40 -28.48 14.92 27.51
CA ARG D 40 -29.92 14.82 27.73
C ARG D 40 -30.39 15.44 29.04
N THR D 41 -31.57 16.06 29.00
CA THR D 41 -32.12 16.70 30.20
C THR D 41 -33.57 16.28 30.37
N ASP D 42 -34.19 16.75 31.45
CA ASP D 42 -35.58 16.44 31.74
C ASP D 42 -36.50 17.60 31.36
N GLY D 43 -36.08 18.38 30.36
CA GLY D 43 -36.89 19.49 29.92
C GLY D 43 -37.50 19.13 28.58
N ALA D 44 -37.83 20.14 27.78
CA ALA D 44 -38.40 19.90 26.46
C ALA D 44 -37.43 18.98 25.74
N GLU D 45 -37.95 18.08 24.90
CA GLU D 45 -37.06 17.18 24.17
C GLU D 45 -36.17 18.02 23.26
N ASP D 46 -36.46 19.32 23.21
CA ASP D 46 -35.70 20.26 22.39
C ASP D 46 -34.57 20.87 23.20
N LEU D 47 -34.56 20.57 24.50
CA LEU D 47 -33.53 21.08 25.39
C LEU D 47 -32.50 19.98 25.59
N ALA D 48 -31.55 19.93 24.65
CA ALA D 48 -30.48 18.95 24.70
C ALA D 48 -29.29 19.58 24.02
N GLY D 49 -28.12 19.03 24.26
CA GLY D 49 -26.91 19.55 23.65
C GLY D 49 -26.26 18.49 22.80
N TYR D 50 -25.81 18.87 21.61
CA TYR D 50 -25.16 17.92 20.74
C TYR D 50 -23.75 18.36 20.37
N GLY D 51 -22.87 17.37 20.25
CA GLY D 51 -21.49 17.62 19.89
C GLY D 51 -20.88 16.36 19.30
N LEU D 52 -19.66 16.46 18.80
CA LEU D 52 -19.02 15.29 18.22
C LEU D 52 -17.54 15.49 17.98
N VAL D 53 -16.78 14.41 18.09
CA VAL D 53 -15.35 14.47 17.82
C VAL D 53 -15.22 13.86 16.44
N PHE D 54 -14.47 14.52 15.56
CA PHE D 54 -14.29 14.01 14.21
C PHE D 54 -13.10 13.06 14.23
N THR D 55 -13.29 11.87 13.67
CA THR D 55 -12.28 10.83 13.60
C THR D 55 -12.32 10.27 12.18
N ILE D 56 -11.34 9.46 11.79
CA ILE D 56 -11.36 8.91 10.42
C ILE D 56 -11.45 7.39 10.28
N GLY D 57 -12.12 6.74 11.23
CA GLY D 57 -12.28 5.31 11.15
C GLY D 57 -11.85 4.56 12.39
N ARG D 58 -10.80 3.75 12.25
CA ARG D 58 -10.27 3.00 13.38
C ARG D 58 -9.99 3.97 14.50
N GLY D 59 -10.31 3.56 15.72
CA GLY D 59 -10.07 4.43 16.86
C GLY D 59 -11.29 5.22 17.30
N ASN D 60 -12.31 5.30 16.45
CA ASN D 60 -13.51 6.04 16.81
C ASN D 60 -14.19 5.41 18.02
N ASP D 61 -13.97 4.12 18.21
CA ASP D 61 -14.57 3.45 19.35
C ASP D 61 -13.85 3.89 20.62
N VAL D 62 -12.53 4.07 20.50
CA VAL D 62 -11.72 4.51 21.64
C VAL D 62 -12.16 5.92 22.01
N GLN D 63 -12.31 6.77 20.99
CA GLN D 63 -12.73 8.15 21.18
C GLN D 63 -14.14 8.21 21.78
N THR D 64 -14.98 7.25 21.41
CA THR D 64 -16.34 7.22 21.93
C THR D 64 -16.31 6.84 23.42
N ALA D 65 -15.44 5.90 23.76
CA ALA D 65 -15.30 5.46 25.15
C ALA D 65 -14.79 6.63 26.00
N ALA D 66 -13.89 7.42 25.44
CA ALA D 66 -13.32 8.57 26.16
C ALA D 66 -14.41 9.55 26.56
N VAL D 67 -15.34 9.81 25.64
CA VAL D 67 -16.44 10.71 25.92
C VAL D 67 -17.39 10.10 26.94
N ALA D 68 -17.70 8.82 26.76
CA ALA D 68 -18.61 8.14 27.67
C ALA D 68 -18.09 8.13 29.10
N ALA D 69 -16.77 8.21 29.24
CA ALA D 69 -16.15 8.20 30.56
C ALA D 69 -16.40 9.50 31.33
N LEU D 70 -16.79 10.55 30.62
CA LEU D 70 -17.03 11.84 31.25
C LEU D 70 -18.42 11.96 31.86
N ALA D 71 -19.21 10.89 31.80
CA ALA D 71 -20.57 10.89 32.32
C ALA D 71 -20.71 11.28 33.79
N GLU D 72 -19.86 10.70 34.64
CA GLU D 72 -19.93 10.98 36.07
C GLU D 72 -19.71 12.44 36.39
N HIS D 73 -19.04 13.14 35.50
CA HIS D 73 -18.75 14.56 35.68
C HIS D 73 -19.92 15.46 35.36
N VAL D 74 -20.76 15.04 34.42
CA VAL D 74 -21.86 15.86 33.98
C VAL D 74 -23.28 15.48 34.39
N VAL D 75 -23.57 14.19 34.50
CA VAL D 75 -24.92 13.77 34.87
C VAL D 75 -25.30 14.23 36.28
N GLY D 76 -26.37 15.00 36.36
CA GLY D 76 -26.82 15.51 37.65
C GLY D 76 -26.73 17.01 37.73
N LEU D 77 -25.77 17.60 37.03
CA LEU D 77 -25.62 19.06 37.05
C LEU D 77 -26.91 19.76 36.64
N SER D 78 -27.13 20.94 37.21
CA SER D 78 -28.31 21.72 36.88
C SER D 78 -28.03 22.45 35.58
N VAL D 79 -28.99 22.42 34.66
CA VAL D 79 -28.83 23.06 33.37
C VAL D 79 -28.58 24.56 33.52
N ASP D 80 -29.44 25.23 34.28
CA ASP D 80 -29.33 26.67 34.52
C ASP D 80 -27.92 27.02 35.02
N LYS D 81 -27.39 26.18 35.91
CA LYS D 81 -26.07 26.39 36.48
C LYS D 81 -25.00 26.34 35.40
N VAL D 82 -25.05 25.30 34.57
CA VAL D 82 -24.08 25.12 33.50
C VAL D 82 -24.14 26.24 32.46
N ILE D 83 -25.32 26.45 31.89
CA ILE D 83 -25.52 27.47 30.87
C ILE D 83 -25.06 28.83 31.36
N ALA D 84 -25.22 29.08 32.66
CA ALA D 84 -24.84 30.34 33.26
C ALA D 84 -23.33 30.54 33.41
N ASP D 85 -22.58 29.43 33.47
CA ASP D 85 -21.13 29.52 33.64
C ASP D 85 -20.38 28.49 32.82
N LEU D 86 -20.35 28.67 31.50
CA LEU D 86 -19.65 27.73 30.64
C LEU D 86 -18.17 27.63 31.03
N GLY D 87 -17.65 28.69 31.65
CA GLY D 87 -16.27 28.69 32.08
C GLY D 87 -16.02 27.68 33.20
N ALA D 88 -16.87 27.70 34.22
CA ALA D 88 -16.72 26.77 35.33
C ALA D 88 -16.98 25.33 34.85
N PHE D 89 -17.94 25.18 33.94
CA PHE D 89 -18.30 23.87 33.40
C PHE D 89 -17.08 23.21 32.73
N ALA D 90 -16.42 23.98 31.87
CA ALA D 90 -15.24 23.48 31.16
C ALA D 90 -14.09 23.18 32.12
N ARG D 91 -13.85 24.10 33.05
CA ARG D 91 -12.79 23.90 34.03
C ARG D 91 -13.03 22.67 34.88
N ARG D 92 -14.30 22.35 35.15
CA ARG D 92 -14.63 21.17 35.93
C ARG D 92 -13.97 19.95 35.30
N LEU D 93 -13.96 19.91 33.96
CA LEU D 93 -13.38 18.82 33.20
C LEU D 93 -11.88 18.99 32.95
N THR D 94 -11.49 20.17 32.48
CA THR D 94 -10.09 20.43 32.19
C THR D 94 -9.19 20.42 33.42
N ASN D 95 -9.74 20.77 34.59
CA ASN D 95 -8.96 20.76 35.82
C ASN D 95 -8.90 19.41 36.54
N ASP D 96 -9.57 18.40 36.00
CA ASP D 96 -9.51 17.09 36.64
C ASP D 96 -8.07 16.62 36.43
N SER D 97 -7.26 16.63 37.50
CA SER D 97 -5.86 16.25 37.39
C SER D 97 -5.65 14.83 36.88
N GLN D 98 -6.56 13.93 37.19
CA GLN D 98 -6.41 12.57 36.73
C GLN D 98 -6.68 12.47 35.23
N LEU D 99 -7.64 13.23 34.74
CA LEU D 99 -7.93 13.22 33.31
C LEU D 99 -6.78 13.97 32.62
N ARG D 100 -6.21 14.95 33.30
CA ARG D 100 -5.10 15.71 32.75
C ARG D 100 -3.92 14.81 32.46
N TRP D 101 -3.67 13.83 33.33
CA TRP D 101 -2.55 12.91 33.14
C TRP D 101 -2.60 12.21 31.78
N LEU D 102 -3.79 11.92 31.27
CA LEU D 102 -3.93 11.26 29.97
C LEU D 102 -3.60 12.20 28.83
N GLY D 103 -3.25 13.45 29.17
CA GLY D 103 -2.89 14.43 28.17
C GLY D 103 -1.53 15.04 28.47
N PRO D 104 -1.49 16.26 29.04
CA PRO D 104 -2.67 17.05 29.37
C PRO D 104 -3.06 17.94 28.20
N GLU D 105 -4.37 18.19 28.07
CA GLU D 105 -4.88 19.07 27.00
C GLU D 105 -4.38 18.71 25.59
N LYS D 106 -4.48 17.42 25.26
CA LYS D 106 -4.04 16.95 23.96
C LYS D 106 -4.52 15.53 23.73
N GLY D 107 -4.71 15.16 22.46
CA GLY D 107 -5.13 13.80 22.15
C GLY D 107 -6.56 13.44 22.48
N VAL D 108 -6.82 12.13 22.47
CA VAL D 108 -8.13 11.58 22.73
C VAL D 108 -8.90 12.19 23.89
N MET D 109 -8.32 12.13 25.09
CA MET D 109 -8.98 12.64 26.26
C MET D 109 -9.40 14.10 26.12
N HIS D 110 -8.52 14.94 25.58
CA HIS D 110 -8.84 16.35 25.43
C HIS D 110 -9.96 16.59 24.42
N MET D 111 -9.94 15.86 23.30
CA MET D 111 -10.98 16.03 22.30
C MET D 111 -12.33 15.61 22.86
N ALA D 112 -12.33 14.56 23.68
CA ALA D 112 -13.57 14.07 24.29
C ALA D 112 -14.17 15.19 25.12
N ILE D 113 -13.33 15.81 25.95
CA ILE D 113 -13.74 16.92 26.80
C ILE D 113 -14.24 18.07 25.92
N GLY D 114 -13.51 18.38 24.86
CA GLY D 114 -13.94 19.43 23.96
C GLY D 114 -15.33 19.16 23.43
N ALA D 115 -15.60 17.88 23.13
CA ALA D 115 -16.91 17.50 22.60
C ALA D 115 -18.02 17.79 23.60
N VAL D 116 -17.80 17.42 24.86
CA VAL D 116 -18.78 17.63 25.92
C VAL D 116 -18.98 19.11 26.18
N ILE D 117 -17.90 19.88 26.09
CA ILE D 117 -17.98 21.32 26.29
C ILE D 117 -18.80 21.92 25.15
N ASN D 118 -18.53 21.48 23.94
CA ASN D 118 -19.28 21.98 22.80
C ASN D 118 -20.77 21.70 22.97
N ALA D 119 -21.10 20.49 23.43
CA ALA D 119 -22.49 20.11 23.67
C ALA D 119 -23.13 21.06 24.68
N ALA D 120 -22.37 21.46 25.70
CA ALA D 120 -22.87 22.38 26.71
C ALA D 120 -23.16 23.74 26.08
N TRP D 121 -22.31 24.17 25.14
CA TRP D 121 -22.54 25.43 24.47
C TRP D 121 -23.76 25.33 23.55
N ASP D 122 -23.95 24.18 22.93
CA ASP D 122 -25.11 23.98 22.05
C ASP D 122 -26.34 24.11 22.93
N LEU D 123 -26.29 23.49 24.11
CA LEU D 123 -27.38 23.54 25.08
C LEU D 123 -27.70 24.99 25.45
N ALA D 124 -26.66 25.74 25.77
CA ALA D 124 -26.81 27.14 26.15
C ALA D 124 -27.48 28.01 25.08
N ALA D 125 -27.06 27.81 23.83
CA ALA D 125 -27.60 28.57 22.72
C ALA D 125 -29.08 28.24 22.47
N ARG D 126 -29.40 26.94 22.51
CA ARG D 126 -30.77 26.51 22.31
C ARG D 126 -31.66 27.11 23.41
N ALA D 127 -31.15 27.14 24.63
CA ALA D 127 -31.89 27.69 25.76
C ALA D 127 -32.11 29.18 25.55
N ALA D 128 -31.19 29.83 24.86
CA ALA D 128 -31.31 31.25 24.61
C ALA D 128 -32.06 31.45 23.31
N ASN D 129 -32.43 30.35 22.67
CA ASN D 129 -33.14 30.36 21.39
C ASN D 129 -32.35 31.17 20.35
N LYS D 130 -31.05 30.92 20.29
CA LYS D 130 -30.17 31.62 19.35
C LYS D 130 -29.16 30.69 18.69
N PRO D 131 -28.76 30.99 17.44
CA PRO D 131 -27.76 30.12 16.82
C PRO D 131 -26.47 30.46 17.58
N LEU D 132 -25.59 29.49 17.76
CA LEU D 132 -24.36 29.72 18.52
C LEU D 132 -23.61 31.01 18.22
N TRP D 133 -23.35 31.33 16.94
CA TRP D 133 -22.61 32.54 16.67
C TRP D 133 -23.22 33.79 17.31
N ARG D 134 -24.55 33.91 17.32
CA ARG D 134 -25.18 35.06 17.95
C ARG D 134 -25.11 34.96 19.48
N PHE D 135 -25.21 33.73 19.99
CA PHE D 135 -25.15 33.53 21.43
C PHE D 135 -23.78 33.98 21.95
N ILE D 136 -22.74 33.66 21.18
CA ILE D 136 -21.36 34.02 21.53
C ILE D 136 -21.12 35.51 21.35
N ALA D 137 -21.48 36.04 20.19
CA ALA D 137 -21.28 37.45 19.87
C ALA D 137 -22.13 38.41 20.67
N GLU D 138 -23.18 37.91 21.30
CA GLU D 138 -24.03 38.79 22.08
C GLU D 138 -23.82 38.69 23.58
N LEU D 139 -22.76 37.99 23.99
CA LEU D 139 -22.43 37.90 25.40
C LEU D 139 -21.62 39.16 25.70
N THR D 140 -21.64 39.64 26.94
CA THR D 140 -20.85 40.82 27.28
C THR D 140 -19.38 40.44 27.32
N PRO D 141 -18.49 41.43 27.16
CA PRO D 141 -17.05 41.17 27.19
C PRO D 141 -16.64 40.40 28.46
N GLU D 142 -17.26 40.74 29.58
CA GLU D 142 -16.96 40.08 30.85
C GLU D 142 -17.37 38.60 30.82
N GLN D 143 -18.58 38.34 30.35
CA GLN D 143 -19.08 36.96 30.26
C GLN D 143 -18.18 36.13 29.37
N LEU D 144 -17.72 36.74 28.28
CA LEU D 144 -16.84 36.07 27.32
C LEU D 144 -15.54 35.66 28.00
N VAL D 145 -14.86 36.65 28.55
CA VAL D 145 -13.59 36.45 29.24
C VAL D 145 -13.68 35.44 30.38
N ASP D 146 -14.82 35.39 31.06
CA ASP D 146 -14.98 34.45 32.16
C ASP D 146 -14.95 32.99 31.68
N THR D 147 -15.23 32.77 30.38
CA THR D 147 -15.22 31.39 29.88
C THR D 147 -13.83 30.88 29.52
N ILE D 148 -12.92 31.80 29.20
CA ILE D 148 -11.57 31.41 28.81
C ILE D 148 -10.59 31.09 29.94
N ASP D 149 -9.69 30.14 29.66
CA ASP D 149 -8.66 29.70 30.59
C ASP D 149 -7.37 30.46 30.25
N PHE D 150 -7.01 31.41 31.09
CA PHE D 150 -5.82 32.23 30.84
C PHE D 150 -4.51 31.62 31.29
N ARG D 151 -4.58 30.49 31.97
CA ARG D 151 -3.37 29.80 32.41
C ARG D 151 -2.47 29.52 31.20
N TYR D 152 -1.17 29.77 31.39
CA TYR D 152 -0.14 29.57 30.37
C TYR D 152 -0.20 30.57 29.23
N LEU D 153 -1.01 31.62 29.37
CA LEU D 153 -1.10 32.61 28.31
C LEU D 153 -0.76 34.02 28.79
N SER D 154 -0.62 34.20 30.10
CA SER D 154 -0.34 35.53 30.67
C SER D 154 0.79 36.30 29.99
N ASP D 155 1.71 35.60 29.35
CA ASP D 155 2.83 36.24 28.66
C ASP D 155 2.48 36.70 27.24
N ALA D 156 1.25 36.42 26.78
CA ALA D 156 0.84 36.79 25.44
C ALA D 156 -0.57 37.40 25.39
N LEU D 157 -1.43 36.96 26.30
CA LEU D 157 -2.79 37.46 26.36
C LEU D 157 -3.33 37.43 27.78
N THR D 158 -3.41 38.61 28.40
CA THR D 158 -3.93 38.72 29.75
C THR D 158 -5.43 38.92 29.62
N ARG D 159 -6.18 38.69 30.69
CA ARG D 159 -7.62 38.87 30.63
C ARG D 159 -7.93 40.34 30.32
N ASP D 160 -7.06 41.23 30.77
CA ASP D 160 -7.24 42.65 30.52
C ASP D 160 -7.10 42.97 29.04
N GLU D 161 -6.10 42.38 28.39
CA GLU D 161 -5.91 42.63 26.97
C GLU D 161 -7.09 42.03 26.21
N ALA D 162 -7.56 40.87 26.67
CA ALA D 162 -8.70 40.21 26.04
C ALA D 162 -9.92 41.15 26.10
N LEU D 163 -10.22 41.65 27.30
CA LEU D 163 -11.34 42.56 27.49
C LEU D 163 -11.25 43.77 26.56
N ALA D 164 -10.07 44.35 26.46
CA ALA D 164 -9.86 45.54 25.62
C ALA D 164 -10.25 45.27 24.17
N ILE D 165 -9.82 44.13 23.65
CA ILE D 165 -10.14 43.77 22.27
C ILE D 165 -11.66 43.62 22.11
N LEU D 166 -12.28 42.93 23.07
CA LEU D 166 -13.72 42.71 23.03
C LEU D 166 -14.53 44.00 23.21
N ARG D 167 -14.01 44.94 23.99
CA ARG D 167 -14.70 46.19 24.22
C ARG D 167 -14.62 47.16 23.04
N ASP D 168 -13.50 47.15 22.32
CA ASP D 168 -13.34 48.02 21.17
C ASP D 168 -14.21 47.57 20.01
N ALA D 169 -14.70 46.33 20.08
CA ALA D 169 -15.53 45.79 19.01
C ALA D 169 -17.01 45.83 19.35
N GLN D 170 -17.33 45.93 20.64
CA GLN D 170 -18.72 45.94 21.06
C GLN D 170 -19.62 46.93 20.30
N PRO D 171 -19.16 48.18 20.11
CA PRO D 171 -19.95 49.19 19.40
C PRO D 171 -20.38 48.81 17.98
N GLN D 172 -19.56 48.01 17.31
CA GLN D 172 -19.83 47.61 15.93
C GLN D 172 -20.46 46.23 15.77
N ARG D 173 -20.76 45.59 16.89
CA ARG D 173 -21.37 44.27 16.87
C ARG D 173 -22.73 44.30 16.16
N ALA D 174 -23.56 45.27 16.54
CA ALA D 174 -24.87 45.40 15.92
C ALA D 174 -24.76 45.50 14.40
N ALA D 175 -23.93 46.41 13.91
CA ALA D 175 -23.74 46.61 12.48
C ALA D 175 -23.14 45.40 11.76
N ARG D 176 -22.15 44.76 12.37
CA ARG D 176 -21.53 43.62 11.74
C ARG D 176 -22.48 42.42 11.69
N THR D 177 -23.41 42.36 12.63
CA THR D 177 -24.39 41.28 12.64
C THR D 177 -25.23 41.42 11.38
N ALA D 178 -25.75 42.63 11.15
CA ALA D 178 -26.57 42.91 9.98
C ALA D 178 -25.80 42.61 8.70
N THR D 179 -24.54 43.02 8.65
CA THR D 179 -23.72 42.78 7.47
C THR D 179 -23.55 41.29 7.20
N LEU D 180 -23.32 40.54 8.26
CA LEU D 180 -23.11 39.10 8.16
C LEU D 180 -24.39 38.38 7.73
N ILE D 181 -25.53 38.84 8.23
CA ILE D 181 -26.81 38.24 7.88
C ILE D 181 -27.20 38.57 6.45
N GLU D 182 -26.66 39.68 5.94
CA GLU D 182 -26.95 40.13 4.59
C GLU D 182 -26.04 39.56 3.49
N GLN D 183 -24.76 39.38 3.79
CA GLN D 183 -23.83 38.90 2.76
C GLN D 183 -23.22 37.52 2.94
N GLY D 184 -23.29 36.98 4.15
CA GLY D 184 -22.70 35.68 4.38
C GLY D 184 -21.21 35.83 4.68
N TYR D 185 -20.51 34.71 4.76
CA TYR D 185 -19.08 34.70 5.09
C TYR D 185 -18.33 33.97 3.98
N PRO D 186 -17.20 34.52 3.49
CA PRO D 186 -16.43 33.88 2.42
C PRO D 186 -16.04 32.43 2.68
N ALA D 187 -16.11 31.63 1.63
CA ALA D 187 -15.77 30.22 1.74
C ALA D 187 -14.74 29.80 0.69
N TYR D 188 -13.98 28.76 0.99
CA TYR D 188 -13.03 28.25 0.02
C TYR D 188 -13.26 26.75 -0.02
N THR D 189 -13.11 26.15 -1.19
CA THR D 189 -13.36 24.72 -1.32
C THR D 189 -12.12 23.86 -1.55
N THR D 190 -12.15 22.69 -0.95
CA THR D 190 -11.06 21.72 -1.05
C THR D 190 -11.54 20.52 -1.85
N SER D 191 -12.86 20.35 -1.93
CA SER D 191 -13.45 19.23 -2.67
C SER D 191 -12.80 19.00 -4.04
N PRO D 192 -12.34 20.07 -4.71
CA PRO D 192 -11.71 19.94 -6.03
C PRO D 192 -10.30 19.37 -6.03
N GLY D 193 -9.63 19.36 -4.88
CA GLY D 193 -8.26 18.87 -4.85
C GLY D 193 -7.88 17.62 -4.08
N TRP D 194 -8.83 16.77 -3.73
CA TRP D 194 -8.50 15.55 -2.97
C TRP D 194 -7.50 14.70 -3.77
N LEU D 195 -6.70 13.91 -3.07
CA LEU D 195 -5.72 13.06 -3.74
C LEU D 195 -6.35 11.83 -4.37
N GLY D 196 -5.96 11.52 -5.60
CA GLY D 196 -6.50 10.37 -6.30
C GLY D 196 -7.30 10.78 -7.52
N TYR D 197 -7.68 12.05 -7.59
CA TYR D 197 -8.45 12.56 -8.71
C TYR D 197 -7.59 12.67 -9.97
N SER D 198 -8.15 12.25 -11.10
CA SER D 198 -7.48 12.28 -12.39
C SER D 198 -7.03 13.70 -12.76
N ASP D 199 -5.96 13.78 -13.54
CA ASP D 199 -5.41 15.07 -13.98
C ASP D 199 -6.46 16.07 -14.41
N GLU D 200 -7.41 15.64 -15.24
CA GLU D 200 -8.46 16.53 -15.69
C GLU D 200 -9.74 16.35 -14.88
N LYS D 201 -9.69 15.49 -13.88
CA LYS D 201 -10.83 15.24 -13.02
C LYS D 201 -10.92 16.40 -12.03
N LEU D 202 -9.79 17.09 -11.86
CA LEU D 202 -9.76 18.22 -10.94
C LEU D 202 -9.88 19.54 -11.71
N VAL D 203 -9.43 19.55 -12.96
CA VAL D 203 -9.51 20.76 -13.77
C VAL D 203 -10.95 21.21 -13.94
N ARG D 204 -11.87 20.25 -14.03
CA ARG D 204 -13.28 20.58 -14.17
C ARG D 204 -13.83 20.99 -12.83
N LEU D 205 -13.70 20.11 -11.83
CA LEU D 205 -14.18 20.39 -10.49
C LEU D 205 -13.65 21.74 -10.00
N ALA D 206 -12.51 22.14 -10.54
CA ALA D 206 -11.89 23.41 -10.19
C ALA D 206 -12.59 24.54 -10.94
N LYS D 207 -12.55 24.47 -12.27
CA LYS D 207 -13.18 25.47 -13.13
C LYS D 207 -14.63 25.62 -12.73
N GLU D 208 -15.18 24.52 -12.22
CA GLU D 208 -16.56 24.48 -11.75
C GLU D 208 -16.68 25.31 -10.48
N ALA D 209 -15.81 25.00 -9.51
CA ALA D 209 -15.80 25.71 -8.24
C ALA D 209 -15.78 27.22 -8.48
N VAL D 210 -15.01 27.63 -9.48
CA VAL D 210 -14.91 29.05 -9.83
C VAL D 210 -16.27 29.51 -10.36
N ALA D 211 -16.88 28.68 -11.21
CA ALA D 211 -18.18 28.99 -11.79
C ALA D 211 -19.20 29.15 -10.67
N ASP D 212 -19.01 28.41 -9.59
CA ASP D 212 -19.94 28.49 -8.47
C ASP D 212 -19.65 29.59 -7.48
N GLY D 213 -18.68 30.45 -7.79
CA GLY D 213 -18.39 31.56 -6.92
C GLY D 213 -17.24 31.46 -5.92
N PHE D 214 -16.62 30.29 -5.77
CA PHE D 214 -15.51 30.17 -4.84
C PHE D 214 -14.31 30.97 -5.37
N ARG D 215 -13.81 31.88 -4.55
CA ARG D 215 -12.68 32.72 -4.94
C ARG D 215 -11.33 32.15 -4.47
N THR D 216 -11.37 31.01 -3.81
CA THR D 216 -10.17 30.36 -3.32
C THR D 216 -10.42 28.86 -3.35
N ILE D 217 -9.39 28.10 -3.74
CA ILE D 217 -9.50 26.66 -3.82
C ILE D 217 -8.23 26.06 -3.23
N LYS D 218 -8.31 24.82 -2.74
CA LYS D 218 -7.12 24.18 -2.16
C LYS D 218 -6.85 22.78 -2.71
N LEU D 219 -5.58 22.54 -3.04
CA LEU D 219 -5.12 21.25 -3.58
C LEU D 219 -4.34 20.46 -2.52
N LYS D 220 -4.54 19.14 -2.50
CA LYS D 220 -3.80 18.27 -1.58
C LYS D 220 -2.48 17.93 -2.27
N VAL D 221 -1.40 17.89 -1.51
CA VAL D 221 -0.08 17.57 -2.04
C VAL D 221 0.72 16.86 -0.95
N GLY D 222 1.98 16.55 -1.24
CA GLY D 222 2.82 15.91 -0.24
C GLY D 222 3.29 14.48 -0.45
N ALA D 223 2.73 13.77 -1.42
CA ALA D 223 3.15 12.39 -1.65
C ALA D 223 4.19 12.24 -2.77
N ASN D 224 4.04 13.03 -3.83
CA ASN D 224 4.97 12.95 -4.95
C ASN D 224 5.17 14.32 -5.59
N VAL D 225 6.42 14.78 -5.61
CA VAL D 225 6.75 16.09 -6.18
C VAL D 225 6.23 16.29 -7.60
N GLN D 226 6.54 15.35 -8.48
CA GLN D 226 6.10 15.47 -9.88
C GLN D 226 4.59 15.64 -9.97
N ASP D 227 3.86 14.82 -9.21
CA ASP D 227 2.40 14.90 -9.17
C ASP D 227 1.95 16.29 -8.75
N ASP D 228 2.57 16.82 -7.69
CA ASP D 228 2.25 18.14 -7.16
C ASP D 228 2.47 19.26 -8.18
N ILE D 229 3.59 19.23 -8.90
CA ILE D 229 3.85 20.27 -9.88
C ILE D 229 2.94 20.07 -11.10
N ARG D 230 2.55 18.84 -11.36
CA ARG D 230 1.66 18.56 -12.48
C ARG D 230 0.25 19.00 -12.09
N ARG D 231 -0.22 18.51 -10.95
CA ARG D 231 -1.55 18.86 -10.45
C ARG D 231 -1.72 20.37 -10.26
N CYS D 232 -0.66 21.04 -9.81
CA CYS D 232 -0.69 22.49 -9.60
C CYS D 232 -0.65 23.25 -10.92
N ARG D 233 -0.04 22.63 -11.91
CA ARG D 233 0.07 23.25 -13.23
C ARG D 233 -1.33 23.28 -13.86
N LEU D 234 -1.92 22.10 -13.97
CA LEU D 234 -3.26 21.94 -14.54
C LEU D 234 -4.33 22.69 -13.76
N ALA D 235 -4.05 22.97 -12.49
CA ALA D 235 -5.00 23.68 -11.65
C ALA D 235 -4.93 25.19 -11.90
N ARG D 236 -3.73 25.75 -11.86
CA ARG D 236 -3.54 27.18 -12.09
C ARG D 236 -4.06 27.55 -13.47
N ALA D 237 -3.91 26.63 -14.42
CA ALA D 237 -4.38 26.86 -15.78
C ALA D 237 -5.90 27.00 -15.75
N ALA D 238 -6.56 25.92 -15.37
CA ALA D 238 -8.03 25.85 -15.30
C ALA D 238 -8.66 26.91 -14.40
N ILE D 239 -7.91 27.34 -13.39
CA ILE D 239 -8.43 28.33 -12.46
C ILE D 239 -8.21 29.78 -12.87
N GLY D 240 -7.22 30.01 -13.73
CA GLY D 240 -6.96 31.38 -14.14
C GLY D 240 -6.03 32.06 -13.15
N PRO D 241 -5.66 33.33 -13.39
CA PRO D 241 -4.76 34.07 -12.50
C PRO D 241 -5.43 34.91 -11.40
N ASP D 242 -6.75 34.84 -11.31
CA ASP D 242 -7.46 35.64 -10.31
C ASP D 242 -7.97 34.84 -9.12
N ILE D 243 -7.97 33.52 -9.24
CA ILE D 243 -8.44 32.64 -8.18
C ILE D 243 -7.29 32.23 -7.26
N ALA D 244 -7.53 32.26 -5.95
CA ALA D 244 -6.51 31.88 -4.98
C ALA D 244 -6.42 30.36 -4.88
N MET D 245 -5.19 29.87 -4.84
CA MET D 245 -4.93 28.44 -4.77
C MET D 245 -3.95 28.07 -3.64
N ALA D 246 -4.46 27.38 -2.63
CA ALA D 246 -3.65 26.94 -1.51
C ALA D 246 -3.31 25.46 -1.71
N VAL D 247 -2.37 24.97 -0.92
CA VAL D 247 -1.94 23.56 -0.95
C VAL D 247 -1.81 23.05 0.49
N ASP D 248 -2.00 21.75 0.67
CA ASP D 248 -1.97 21.14 1.99
C ASP D 248 -1.15 19.86 1.96
N ALA D 249 0.01 19.86 2.64
CA ALA D 249 0.89 18.69 2.65
C ALA D 249 0.59 17.69 3.76
N ASN D 250 -0.41 17.96 4.58
CA ASN D 250 -0.78 17.06 5.66
C ASN D 250 0.35 16.48 6.53
N GLN D 251 1.27 17.35 6.93
CA GLN D 251 2.36 16.96 7.84
C GLN D 251 3.41 15.99 7.30
N ARG D 252 3.51 15.83 5.98
CA ARG D 252 4.44 14.86 5.43
C ARG D 252 5.94 15.15 5.39
N TRP D 253 6.33 16.42 5.31
CA TRP D 253 7.75 16.77 5.18
C TRP D 253 8.60 17.10 6.42
N ASP D 254 9.92 17.06 6.24
CA ASP D 254 10.89 17.44 7.28
C ASP D 254 11.23 18.86 6.82
N VAL D 255 11.81 19.67 7.72
CA VAL D 255 12.14 21.06 7.39
C VAL D 255 12.89 21.28 6.07
N GLY D 256 14.07 20.67 5.92
CA GLY D 256 14.84 20.86 4.70
C GLY D 256 14.05 20.51 3.44
N PRO D 257 13.54 19.28 3.34
CA PRO D 257 12.76 18.82 2.18
C PRO D 257 11.56 19.74 1.87
N ALA D 258 10.82 20.13 2.90
CA ALA D 258 9.66 20.99 2.72
C ALA D 258 10.04 22.29 2.05
N ILE D 259 11.23 22.80 2.40
CA ILE D 259 11.66 24.05 1.80
C ILE D 259 11.92 23.84 0.30
N ASP D 260 12.63 22.77 -0.04
CA ASP D 260 12.93 22.49 -1.44
C ASP D 260 11.67 22.16 -2.24
N TRP D 261 10.77 21.40 -1.62
CA TRP D 261 9.53 20.98 -2.28
C TRP D 261 8.65 22.16 -2.60
N MET D 262 8.53 23.10 -1.66
CA MET D 262 7.70 24.28 -1.86
C MET D 262 8.26 25.30 -2.83
N ARG D 263 9.58 25.44 -2.88
CA ARG D 263 10.15 26.41 -3.81
C ARG D 263 9.94 25.93 -5.25
N GLN D 264 9.56 24.66 -5.41
CA GLN D 264 9.29 24.08 -6.74
C GLN D 264 7.84 24.33 -7.15
N LEU D 265 6.99 24.67 -6.18
CA LEU D 265 5.58 24.93 -6.44
C LEU D 265 5.26 26.41 -6.37
N ALA D 266 6.23 27.21 -5.92
CA ALA D 266 6.05 28.65 -5.75
C ALA D 266 5.48 29.38 -6.97
N GLU D 267 6.02 29.08 -8.14
CA GLU D 267 5.60 29.74 -9.37
C GLU D 267 4.09 29.77 -9.60
N PHE D 268 3.44 28.63 -9.43
CA PHE D 268 1.99 28.56 -9.64
C PHE D 268 1.18 29.50 -8.75
N ASP D 269 1.89 30.41 -8.06
CA ASP D 269 1.28 31.38 -7.16
C ASP D 269 0.50 30.69 -6.05
N ILE D 270 1.12 30.54 -4.89
CA ILE D 270 0.47 29.84 -3.78
C ILE D 270 -0.17 30.76 -2.74
N ALA D 271 -1.42 30.48 -2.41
CA ALA D 271 -2.14 31.26 -1.41
C ALA D 271 -1.50 30.97 -0.06
N TRP D 272 -1.11 29.72 0.13
CA TRP D 272 -0.43 29.27 1.36
C TRP D 272 -0.23 27.77 1.30
N ILE D 273 0.73 27.30 2.08
CA ILE D 273 1.04 25.89 2.19
C ILE D 273 0.62 25.51 3.61
N GLU D 274 -0.29 24.55 3.69
CA GLU D 274 -0.84 24.10 4.96
C GLU D 274 -0.10 22.88 5.52
N GLU D 275 0.13 22.90 6.83
CA GLU D 275 0.82 21.81 7.53
C GLU D 275 1.99 21.20 6.79
N PRO D 276 3.01 21.99 6.48
CA PRO D 276 4.16 21.41 5.76
C PRO D 276 4.93 20.37 6.58
N THR D 277 4.80 20.41 7.90
CA THR D 277 5.52 19.44 8.72
C THR D 277 4.71 19.05 9.95
N SER D 278 5.32 18.32 10.88
CA SER D 278 4.67 17.90 12.11
C SER D 278 3.91 19.06 12.78
N PRO D 279 2.68 18.80 13.22
CA PRO D 279 1.88 19.84 13.88
C PRO D 279 2.51 20.29 15.21
N ASP D 280 3.46 19.52 15.72
CA ASP D 280 4.12 19.87 16.99
C ASP D 280 5.41 20.66 16.77
N ASP D 281 5.86 20.78 15.53
CA ASP D 281 7.11 21.49 15.27
C ASP D 281 6.99 23.00 15.05
N VAL D 282 6.93 23.73 16.16
CA VAL D 282 6.84 25.17 16.12
C VAL D 282 8.06 25.80 15.48
N LEU D 283 9.26 25.45 15.97
CA LEU D 283 10.50 25.97 15.43
C LEU D 283 10.64 25.55 13.95
N GLY D 284 10.16 24.35 13.63
CA GLY D 284 10.23 23.85 12.28
C GLY D 284 9.43 24.69 11.30
N HIS D 285 8.20 25.03 11.67
CA HIS D 285 7.37 25.84 10.77
C HIS D 285 8.00 27.21 10.55
N ALA D 286 8.63 27.77 11.59
CA ALA D 286 9.26 29.09 11.45
C ALA D 286 10.41 29.00 10.46
N ALA D 287 11.19 27.92 10.56
CA ALA D 287 12.32 27.74 9.68
C ALA D 287 11.83 27.59 8.23
N ILE D 288 10.78 26.80 8.03
CA ILE D 288 10.22 26.61 6.70
C ILE D 288 9.73 27.96 6.17
N ARG D 289 8.92 28.66 6.97
CA ARG D 289 8.39 29.95 6.58
C ARG D 289 9.50 30.88 6.09
N GLN D 290 10.57 30.98 6.88
CA GLN D 290 11.71 31.83 6.54
C GLN D 290 12.37 31.36 5.24
N GLY D 291 12.45 30.05 5.08
CA GLY D 291 13.07 29.50 3.89
C GLY D 291 12.33 29.71 2.57
N ILE D 292 11.01 29.81 2.62
CA ILE D 292 10.21 29.96 1.39
C ILE D 292 9.50 31.28 1.18
N THR D 293 9.96 32.34 1.86
CA THR D 293 9.35 33.66 1.69
C THR D 293 9.25 33.94 0.18
N PRO D 294 8.15 34.58 -0.28
CA PRO D 294 6.97 35.06 0.46
C PRO D 294 5.79 34.09 0.49
N VAL D 295 6.03 32.82 0.18
CA VAL D 295 4.93 31.86 0.22
C VAL D 295 4.47 31.71 1.66
N PRO D 296 3.21 32.06 1.94
CA PRO D 296 2.65 31.97 3.29
C PRO D 296 2.59 30.56 3.85
N VAL D 297 2.75 30.45 5.17
CA VAL D 297 2.70 29.16 5.85
C VAL D 297 1.58 29.17 6.87
N SER D 298 0.86 28.05 6.96
CA SER D 298 -0.23 27.93 7.93
C SER D 298 -0.23 26.55 8.56
N THR D 299 -1.03 26.38 9.60
CA THR D 299 -1.17 25.11 10.28
C THR D 299 -2.25 25.35 11.33
N GLY D 300 -2.73 24.29 11.96
CA GLY D 300 -3.74 24.48 12.97
C GLY D 300 -4.80 23.42 13.16
N GLU D 301 -5.14 22.69 12.10
CA GLU D 301 -6.19 21.69 12.23
C GLU D 301 -5.86 20.61 13.24
N HIS D 302 -4.58 20.38 13.46
CA HIS D 302 -4.12 19.37 14.42
C HIS D 302 -3.47 19.97 15.66
N THR D 303 -3.37 21.28 15.71
CA THR D 303 -2.75 21.93 16.86
C THR D 303 -3.53 21.57 18.12
N GLN D 304 -2.86 20.88 19.04
CA GLN D 304 -3.47 20.38 20.27
C GLN D 304 -4.16 21.34 21.24
N ASN D 305 -3.66 22.57 21.37
CA ASN D 305 -4.29 23.49 22.30
C ASN D 305 -3.80 24.94 22.13
N ARG D 306 -4.40 25.85 22.89
CA ARG D 306 -4.05 27.26 22.82
C ARG D 306 -2.59 27.58 23.13
N VAL D 307 -1.93 26.72 23.89
CA VAL D 307 -0.53 26.97 24.25
C VAL D 307 0.38 26.81 23.03
N VAL D 308 0.06 25.83 22.19
CA VAL D 308 0.89 25.63 21.01
C VAL D 308 0.60 26.77 20.06
N PHE D 309 -0.66 27.18 19.95
CA PHE D 309 -1.02 28.29 19.08
C PHE D 309 -0.26 29.55 19.53
N LYS D 310 -0.23 29.78 20.84
CA LYS D 310 0.49 30.94 21.37
C LYS D 310 1.93 30.98 20.86
N GLN D 311 2.60 29.84 20.94
CA GLN D 311 3.98 29.72 20.49
C GLN D 311 4.16 29.91 18.98
N LEU D 312 3.21 29.40 18.20
CA LEU D 312 3.29 29.56 16.75
C LEU D 312 3.34 31.05 16.43
N LEU D 313 2.51 31.80 17.14
CA LEU D 313 2.40 33.24 17.00
C LEU D 313 3.63 33.98 17.54
N GLN D 314 4.09 33.59 18.73
CA GLN D 314 5.26 34.21 19.34
C GLN D 314 6.52 33.98 18.49
N ALA D 315 6.63 32.79 17.91
CA ALA D 315 7.79 32.43 17.10
C ALA D 315 7.70 32.92 15.66
N GLY D 316 6.58 33.52 15.28
CA GLY D 316 6.43 33.98 13.91
C GLY D 316 6.55 32.79 12.97
N ALA D 317 5.92 31.68 13.33
CA ALA D 317 5.98 30.47 12.51
C ALA D 317 4.85 30.35 11.47
N VAL D 318 3.88 31.25 11.51
CA VAL D 318 2.76 31.19 10.57
C VAL D 318 2.34 32.54 10.02
N ASP D 319 1.75 32.52 8.83
CA ASP D 319 1.23 33.72 8.18
C ASP D 319 -0.28 33.79 8.40
N LEU D 320 -0.87 32.63 8.64
CA LEU D 320 -2.29 32.50 8.89
C LEU D 320 -2.47 31.15 9.56
N ILE D 321 -3.58 30.95 10.27
CA ILE D 321 -3.80 29.68 10.95
C ILE D 321 -5.20 29.12 10.72
N GLN D 322 -5.33 27.82 10.97
CA GLN D 322 -6.61 27.14 10.88
C GLN D 322 -6.98 26.86 12.32
N ILE D 323 -8.28 26.79 12.59
CA ILE D 323 -8.74 26.42 13.92
C ILE D 323 -9.71 25.29 13.60
N ASP D 324 -9.95 24.41 14.57
CA ASP D 324 -10.88 23.31 14.32
C ASP D 324 -11.84 23.19 15.48
N ALA D 325 -13.12 23.03 15.16
CA ALA D 325 -14.15 22.93 16.18
C ALA D 325 -14.03 21.72 17.12
N ALA D 326 -13.40 20.65 16.66
CA ALA D 326 -13.31 19.44 17.49
C ALA D 326 -11.94 18.97 17.96
N ARG D 327 -10.88 19.67 17.57
CA ARG D 327 -9.54 19.27 17.98
C ARG D 327 -9.15 19.77 19.37
N VAL D 328 -9.67 20.93 19.76
CA VAL D 328 -9.30 21.49 21.05
C VAL D 328 -10.33 21.36 22.18
N GLY D 329 -10.16 22.17 23.21
CA GLY D 329 -11.05 22.13 24.35
C GLY D 329 -12.39 22.84 24.17
N GLY D 330 -13.02 22.64 23.02
CA GLY D 330 -14.31 23.27 22.80
C GLY D 330 -14.27 24.76 22.54
N VAL D 331 -15.45 25.36 22.48
CA VAL D 331 -15.59 26.78 22.23
C VAL D 331 -14.68 27.63 23.11
N ASN D 332 -14.62 27.31 24.39
CA ASN D 332 -13.80 28.08 25.34
C ASN D 332 -12.39 28.24 24.80
N GLU D 333 -11.76 27.12 24.46
CA GLU D 333 -10.41 27.18 23.97
C GLU D 333 -10.33 27.87 22.62
N ASN D 334 -11.31 27.63 21.76
CA ASN D 334 -11.27 28.27 20.46
C ASN D 334 -11.41 29.78 20.58
N LEU D 335 -12.07 30.26 21.62
CA LEU D 335 -12.20 31.70 21.79
C LEU D 335 -10.83 32.28 22.15
N ALA D 336 -10.09 31.57 22.99
CA ALA D 336 -8.76 32.02 23.38
C ALA D 336 -7.85 32.11 22.16
N ILE D 337 -7.92 31.10 21.30
CA ILE D 337 -7.12 31.06 20.08
C ILE D 337 -7.50 32.22 19.15
N LEU D 338 -8.79 32.49 19.03
CA LEU D 338 -9.26 33.57 18.17
C LEU D 338 -8.77 34.92 18.68
N LEU D 339 -8.73 35.06 20.00
CA LEU D 339 -8.27 36.29 20.64
C LEU D 339 -6.75 36.44 20.46
N LEU D 340 -6.05 35.31 20.53
CA LEU D 340 -4.61 35.31 20.32
C LEU D 340 -4.34 35.80 18.90
N ALA D 341 -4.98 35.14 17.93
CA ALA D 341 -4.81 35.49 16.52
C ALA D 341 -5.11 36.97 16.29
N ALA D 342 -6.16 37.47 16.94
CA ALA D 342 -6.54 38.87 16.81
C ALA D 342 -5.44 39.79 17.34
N LYS D 343 -4.93 39.49 18.52
CA LYS D 343 -3.89 40.32 19.11
C LYS D 343 -2.61 40.35 18.29
N PHE D 344 -2.26 39.20 17.71
CA PHE D 344 -1.04 39.09 16.91
C PHE D 344 -1.22 39.51 15.45
N GLY D 345 -2.44 39.85 15.07
CA GLY D 345 -2.69 40.25 13.69
C GLY D 345 -2.53 39.16 12.65
N VAL D 346 -2.95 37.94 12.98
CA VAL D 346 -2.85 36.81 12.04
C VAL D 346 -4.24 36.28 11.64
N ARG D 347 -4.47 36.17 10.34
CA ARG D 347 -5.74 35.70 9.78
C ARG D 347 -6.09 34.26 10.13
N VAL D 348 -7.38 34.01 10.31
CA VAL D 348 -7.85 32.67 10.62
C VAL D 348 -8.76 32.11 9.51
N PHE D 349 -8.36 30.98 8.93
CA PHE D 349 -9.12 30.29 7.89
C PHE D 349 -9.53 28.94 8.50
N PRO D 350 -10.74 28.87 9.10
CA PRO D 350 -11.23 27.64 9.73
C PRO D 350 -11.11 26.37 8.89
N HIS D 351 -10.77 25.29 9.58
CA HIS D 351 -10.65 23.96 8.99
C HIS D 351 -12.05 23.37 9.01
N ALA D 352 -12.41 22.63 7.97
CA ALA D 352 -13.73 22.03 7.92
C ALA D 352 -13.73 20.67 7.23
N GLY D 353 -14.89 20.25 6.74
CA GLY D 353 -14.97 18.96 6.10
C GLY D 353 -15.28 17.90 7.13
N GLY D 354 -14.71 16.71 6.97
CA GLY D 354 -14.97 15.65 7.92
C GLY D 354 -16.46 15.47 8.14
N VAL D 355 -16.85 15.13 9.37
CA VAL D 355 -18.25 14.94 9.70
C VAL D 355 -18.76 16.15 10.48
N GLY D 356 -19.57 16.98 9.82
CA GLY D 356 -20.13 18.14 10.48
C GLY D 356 -19.19 19.23 10.98
N LEU D 357 -17.97 19.27 10.47
CA LEU D 357 -17.02 20.30 10.90
C LEU D 357 -17.43 21.66 10.35
N CYS D 358 -18.06 21.66 9.17
CA CYS D 358 -18.52 22.91 8.56
C CYS D 358 -19.69 23.42 9.40
N GLU D 359 -20.59 22.50 9.76
CA GLU D 359 -21.75 22.85 10.57
C GLU D 359 -21.33 23.52 11.88
N LEU D 360 -20.27 23.00 12.48
CA LEU D 360 -19.79 23.53 13.74
C LEU D 360 -18.98 24.83 13.63
N VAL D 361 -17.84 24.71 12.95
CA VAL D 361 -16.89 25.80 12.81
C VAL D 361 -17.40 27.12 12.24
N GLN D 362 -18.44 27.07 11.42
CA GLN D 362 -19.00 28.28 10.86
C GLN D 362 -19.42 29.24 11.98
N HIS D 363 -19.91 28.70 13.09
CA HIS D 363 -20.34 29.56 14.20
C HIS D 363 -19.16 30.29 14.85
N LEU D 364 -18.01 29.62 14.94
CA LEU D 364 -16.83 30.21 15.54
C LEU D 364 -16.30 31.37 14.69
N ALA D 365 -16.26 31.17 13.37
CA ALA D 365 -15.78 32.22 12.48
C ALA D 365 -16.72 33.42 12.47
N MET D 366 -18.03 33.15 12.44
CA MET D 366 -19.02 34.22 12.40
C MET D 366 -19.05 35.03 13.70
N ALA D 367 -18.80 34.35 14.81
CA ALA D 367 -18.77 35.05 16.08
C ALA D 367 -17.52 35.94 16.11
N ASP D 368 -16.42 35.40 15.59
CA ASP D 368 -15.14 36.11 15.53
C ASP D 368 -15.29 37.41 14.78
N PHE D 369 -16.02 37.34 13.66
CA PHE D 369 -16.25 38.51 12.82
C PHE D 369 -17.08 39.56 13.57
N VAL D 370 -18.16 39.12 14.19
CA VAL D 370 -19.03 40.04 14.90
C VAL D 370 -18.45 40.62 16.20
N ALA D 371 -17.75 39.81 16.98
CA ALA D 371 -17.26 40.28 18.26
C ALA D 371 -15.75 40.41 18.49
N ILE D 372 -14.93 39.99 17.54
CA ILE D 372 -13.49 40.04 17.73
C ILE D 372 -12.70 40.85 16.69
N THR D 373 -12.77 40.46 15.42
CA THR D 373 -11.99 41.14 14.40
C THR D 373 -12.73 42.12 13.50
N GLY D 374 -13.97 41.78 13.15
CA GLY D 374 -14.71 42.63 12.25
C GLY D 374 -14.06 42.53 10.89
N LYS D 375 -13.42 41.40 10.65
CA LYS D 375 -12.73 41.16 9.37
C LYS D 375 -13.11 39.79 8.82
N MET D 376 -13.64 39.76 7.60
CA MET D 376 -14.01 38.48 7.00
C MET D 376 -13.69 38.37 5.52
N GLU D 377 -13.64 39.50 4.81
CA GLU D 377 -13.35 39.47 3.38
C GLU D 377 -11.87 39.16 3.10
N ASP D 378 -11.06 39.13 4.15
CA ASP D 378 -9.64 38.83 4.03
C ASP D 378 -9.33 37.39 4.39
N ARG D 379 -10.39 36.63 4.68
CA ARG D 379 -10.24 35.22 5.03
C ARG D 379 -11.42 34.39 4.52
N ALA D 380 -11.47 33.13 4.93
CA ALA D 380 -12.53 32.25 4.48
C ALA D 380 -12.64 30.99 5.34
N ILE D 381 -13.78 30.32 5.19
CA ILE D 381 -14.09 29.09 5.89
C ILE D 381 -14.02 27.96 4.86
N GLU D 382 -13.25 26.93 5.16
CA GLU D 382 -13.12 25.79 4.28
C GLU D 382 -14.51 25.17 4.10
N PHE D 383 -14.77 24.60 2.92
CA PHE D 383 -16.03 23.93 2.65
C PHE D 383 -15.79 22.70 1.80
N VAL D 384 -16.37 21.59 2.24
CA VAL D 384 -16.26 20.33 1.52
C VAL D 384 -17.70 19.83 1.45
N ASP D 385 -18.12 19.43 0.26
CA ASP D 385 -19.49 18.97 0.06
C ASP D 385 -19.71 17.50 0.37
N HIS D 386 -19.59 17.13 1.64
CA HIS D 386 -19.78 15.75 2.07
C HIS D 386 -20.63 15.61 3.33
N LEU D 387 -21.40 14.52 3.38
CA LEU D 387 -22.21 14.16 4.54
C LEU D 387 -23.17 15.17 5.19
N HIS D 388 -23.40 16.31 4.54
CA HIS D 388 -24.29 17.31 5.12
C HIS D 388 -25.74 16.85 5.27
N GLN D 389 -26.14 15.84 4.50
CA GLN D 389 -27.53 15.37 4.57
C GLN D 389 -27.86 14.70 5.90
N HIS D 390 -26.85 14.36 6.67
CA HIS D 390 -27.06 13.70 7.95
C HIS D 390 -27.30 14.64 9.14
N PHE D 391 -27.31 15.93 8.87
CA PHE D 391 -27.51 16.95 9.91
C PHE D 391 -28.85 17.67 9.74
N LEU D 392 -29.49 17.99 10.86
CA LEU D 392 -30.78 18.69 10.81
C LEU D 392 -30.63 20.11 10.29
N ASP D 393 -29.48 20.73 10.56
CA ASP D 393 -29.24 22.08 10.07
C ASP D 393 -27.95 22.10 9.26
N PRO D 394 -27.94 21.44 8.10
CA PRO D 394 -26.74 21.41 7.26
C PRO D 394 -26.33 22.82 6.87
N VAL D 395 -25.06 23.01 6.51
CA VAL D 395 -24.59 24.33 6.11
C VAL D 395 -25.17 24.71 4.75
N ARG D 396 -25.35 26.01 4.53
CA ARG D 396 -25.89 26.50 3.27
C ARG D 396 -24.89 27.43 2.57
N ILE D 397 -24.47 27.06 1.37
CA ILE D 397 -23.54 27.86 0.61
C ILE D 397 -24.21 28.54 -0.57
N GLN D 398 -24.06 29.86 -0.66
CA GLN D 398 -24.64 30.60 -1.76
C GLN D 398 -23.53 31.32 -2.49
N HIS D 399 -23.22 30.83 -3.69
CA HIS D 399 -22.18 31.38 -4.54
C HIS D 399 -20.87 31.65 -3.81
N GLY D 400 -20.25 30.58 -3.32
CA GLY D 400 -18.98 30.68 -2.64
C GLY D 400 -18.95 31.31 -1.27
N ARG D 401 -20.10 31.41 -0.60
CA ARG D 401 -20.17 32.01 0.73
C ARG D 401 -21.15 31.26 1.64
N TYR D 402 -20.81 31.18 2.92
CA TYR D 402 -21.65 30.54 3.92
C TYR D 402 -22.74 31.50 4.35
N LEU D 403 -23.98 31.02 4.42
CA LEU D 403 -25.08 31.86 4.88
C LEU D 403 -25.13 31.69 6.40
N ALA D 404 -25.44 32.75 7.12
CA ALA D 404 -25.48 32.67 8.58
C ALA D 404 -26.61 31.80 9.12
N PRO D 405 -26.29 30.80 9.96
CA PRO D 405 -27.30 29.91 10.54
C PRO D 405 -28.38 30.72 11.26
N GLU D 406 -29.62 30.23 11.25
CA GLU D 406 -30.73 30.93 11.89
C GLU D 406 -31.31 30.10 13.02
N VAL D 407 -31.20 28.78 12.89
CA VAL D 407 -31.72 27.84 13.87
C VAL D 407 -30.90 27.85 15.16
N PRO D 408 -31.57 27.82 16.33
CA PRO D 408 -30.87 27.82 17.61
C PRO D 408 -29.92 26.63 17.71
N GLY D 409 -28.72 26.85 18.23
CA GLY D 409 -27.79 25.75 18.36
C GLY D 409 -26.49 25.83 17.60
N PHE D 410 -25.67 24.81 17.81
CA PHE D 410 -24.33 24.65 17.22
C PHE D 410 -24.40 23.89 15.88
N SER D 411 -25.62 23.56 15.46
CA SER D 411 -25.86 22.85 14.20
C SER D 411 -25.29 21.44 14.17
N ALA D 412 -25.05 20.85 15.34
CA ALA D 412 -24.46 19.51 15.37
C ALA D 412 -25.44 18.35 15.44
N GLU D 413 -26.72 18.64 15.63
CA GLU D 413 -27.70 17.56 15.73
C GLU D 413 -27.83 16.77 14.43
N MET D 414 -27.72 15.45 14.54
CA MET D 414 -27.83 14.57 13.37
C MET D 414 -29.17 13.83 13.34
N HIS D 415 -29.59 13.43 12.15
CA HIS D 415 -30.84 12.69 11.98
C HIS D 415 -30.72 11.35 12.68
N PRO D 416 -31.75 10.95 13.44
CA PRO D 416 -31.70 9.67 14.13
C PRO D 416 -31.58 8.51 13.14
N ALA D 417 -32.09 8.71 11.93
CA ALA D 417 -32.02 7.67 10.89
C ALA D 417 -30.58 7.44 10.42
N SER D 418 -29.77 8.50 10.44
CA SER D 418 -28.38 8.38 10.04
C SER D 418 -27.61 7.57 11.07
N ILE D 419 -27.95 7.77 12.34
CA ILE D 419 -27.32 7.06 13.43
C ILE D 419 -27.74 5.59 13.43
N ALA D 420 -28.99 5.33 13.07
CA ALA D 420 -29.45 3.93 13.05
C ALA D 420 -28.81 3.20 11.86
N GLU D 421 -28.47 3.95 10.82
CA GLU D 421 -27.87 3.36 9.63
C GLU D 421 -26.37 3.15 9.72
N PHE D 422 -25.65 4.14 10.22
CA PHE D 422 -24.19 4.06 10.28
C PHE D 422 -23.50 3.90 11.63
N SER D 423 -24.28 3.63 12.67
CA SER D 423 -23.69 3.41 13.98
C SER D 423 -22.85 2.14 13.84
N TYR D 424 -21.64 2.16 14.40
CA TYR D 424 -20.76 1.01 14.29
C TYR D 424 -20.62 0.28 15.63
N PRO D 425 -20.68 -1.05 15.61
CA PRO D 425 -20.85 -1.94 14.46
C PRO D 425 -22.26 -2.51 14.32
N ASP D 426 -23.20 -1.94 15.07
CA ASP D 426 -24.58 -2.43 15.07
C ASP D 426 -25.56 -1.72 14.14
N GLY D 427 -25.11 -0.68 13.47
CA GLY D 427 -25.99 0.04 12.55
C GLY D 427 -26.31 -0.84 11.35
N ARG D 428 -27.41 -0.56 10.67
CA ARG D 428 -27.82 -1.35 9.51
C ARG D 428 -26.74 -1.55 8.47
N PHE D 429 -26.08 -0.46 8.09
CA PHE D 429 -25.04 -0.56 7.08
C PHE D 429 -23.87 -1.45 7.47
N TRP D 430 -23.42 -1.34 8.72
CA TRP D 430 -22.30 -2.13 9.18
C TRP D 430 -22.64 -3.59 9.50
N VAL D 431 -23.88 -3.85 9.88
CA VAL D 431 -24.25 -5.23 10.16
C VAL D 431 -24.38 -5.93 8.81
N GLU D 432 -24.90 -5.19 7.84
CA GLU D 432 -25.07 -5.71 6.49
C GLU D 432 -23.71 -5.95 5.86
N ASP D 433 -22.84 -4.94 5.97
CA ASP D 433 -21.49 -5.01 5.42
C ASP D 433 -20.62 -6.08 6.07
N LEU D 434 -20.44 -5.98 7.38
CA LEU D 434 -19.63 -6.93 8.11
C LEU D 434 -20.28 -8.30 8.13
N ALA D 435 -21.06 -8.56 7.09
CA ALA D 435 -21.75 -9.83 6.90
C ALA D 435 -21.36 -10.30 5.50
N ALA D 436 -20.30 -9.70 4.98
CA ALA D 436 -19.77 -10.02 3.66
C ALA D 436 -18.26 -10.19 3.73
MG MG E . 15.24 -11.21 -11.91
MG MG F . -7.78 -15.58 -38.12
MG MG G . 8.00 15.18 38.09
MG MG H . -6.10 20.27 5.96
#